data_5NJ0
# 
_entry.id   5NJ0 
# 
_audit_conform.dict_name       mmcif_pdbx.dic 
_audit_conform.dict_version    5.391 
_audit_conform.dict_location   http://mmcif.pdb.org/dictionaries/ascii/mmcif_pdbx.dic 
# 
loop_
_database_2.database_id 
_database_2.database_code 
_database_2.pdbx_database_accession 
_database_2.pdbx_DOI 
PDB   5NJ0         pdb_00005nj0 10.2210/pdb5nj0/pdb 
WWPDB D_1200004214 ?            ?                   
# 
loop_
_pdbx_audit_revision_history.ordinal 
_pdbx_audit_revision_history.data_content_type 
_pdbx_audit_revision_history.major_revision 
_pdbx_audit_revision_history.minor_revision 
_pdbx_audit_revision_history.revision_date 
1 'Structure model' 1 0 2017-11-15 
2 'Structure model' 1 1 2017-12-06 
3 'Structure model' 1 2 2017-12-27 
4 'Structure model' 1 3 2019-10-16 
5 'Structure model' 1 4 2024-05-08 
# 
_pdbx_audit_revision_details.ordinal             1 
_pdbx_audit_revision_details.revision_ordinal    1 
_pdbx_audit_revision_details.data_content_type   'Structure model' 
_pdbx_audit_revision_details.provider            repository 
_pdbx_audit_revision_details.type                'Initial release' 
_pdbx_audit_revision_details.description         ? 
_pdbx_audit_revision_details.details             ? 
# 
loop_
_pdbx_audit_revision_group.ordinal 
_pdbx_audit_revision_group.revision_ordinal 
_pdbx_audit_revision_group.data_content_type 
_pdbx_audit_revision_group.group 
1 2 'Structure model' 'Database references'  
2 3 'Structure model' 'Database references'  
3 4 'Structure model' 'Data collection'      
4 4 'Structure model' 'Derived calculations' 
5 5 'Structure model' 'Data collection'      
6 5 'Structure model' 'Database references'  
# 
loop_
_pdbx_audit_revision_category.ordinal 
_pdbx_audit_revision_category.revision_ordinal 
_pdbx_audit_revision_category.data_content_type 
_pdbx_audit_revision_category.category 
1 2 'Structure model' citation                     
2 3 'Structure model' citation                     
3 4 'Structure model' pdbx_struct_special_symmetry 
4 4 'Structure model' reflns_shell                 
5 5 'Structure model' chem_comp_atom               
6 5 'Structure model' chem_comp_bond               
7 5 'Structure model' database_2                   
# 
loop_
_pdbx_audit_revision_item.ordinal 
_pdbx_audit_revision_item.revision_ordinal 
_pdbx_audit_revision_item.data_content_type 
_pdbx_audit_revision_item.item 
1 2 'Structure model' '_citation.journal_abbrev'            
2 2 'Structure model' '_citation.pdbx_database_id_DOI'      
3 2 'Structure model' '_citation.pdbx_database_id_PubMed'   
4 2 'Structure model' '_citation.title'                     
5 3 'Structure model' '_citation.journal_volume'            
6 3 'Structure model' '_citation.page_first'                
7 3 'Structure model' '_citation.page_last'                 
8 5 'Structure model' '_database_2.pdbx_DOI'                
9 5 'Structure model' '_database_2.pdbx_database_accession' 
# 
_pdbx_database_status.status_code                     REL 
_pdbx_database_status.status_code_sf                  REL 
_pdbx_database_status.status_code_mr                  ? 
_pdbx_database_status.entry_id                        5NJ0 
_pdbx_database_status.recvd_initial_deposition_date   2017-03-27 
_pdbx_database_status.SG_entry                        N 
_pdbx_database_status.deposit_site                    PDBE 
_pdbx_database_status.process_site                    PDBE 
_pdbx_database_status.status_code_cs                  ? 
_pdbx_database_status.methods_development_category    ? 
_pdbx_database_status.pdb_format_compatible           Y 
_pdbx_database_status.status_code_nmr_data            ? 
# 
loop_
_audit_author.name 
_audit_author.pdbx_ordinal 
_audit_author.identifier_ORCID 
'Pohl, E.'      1 0000-0002-9949-4471 
'Tatum, N.J.'   2 ?                   
'Cole, J.C.'    3 0000-0002-0291-6317 
'Baulard, A.R.' 4 ?                   
# 
_citation.abstract                  ? 
_citation.abstract_id_CAS           ? 
_citation.book_id_ISBN              ? 
_citation.book_publisher            ? 
_citation.book_publisher_city       ? 
_citation.book_title                ? 
_citation.coordinate_linkage        ? 
_citation.country                   UK 
_citation.database_id_Medline       ? 
_citation.details                   ? 
_citation.id                        primary 
_citation.journal_abbrev            'Org. Biomol. Chem.' 
_citation.journal_id_ASTM           ? 
_citation.journal_id_CSD            ? 
_citation.journal_id_ISSN           1477-0539 
_citation.journal_full              ? 
_citation.journal_issue             ? 
_citation.journal_volume            15 
_citation.language                  ? 
_citation.page_first                10245 
_citation.page_last                 10255 
_citation.title                     'New active leads for tuberculosis booster drugs by structure-based drug discovery.' 
_citation.year                      2017 
_citation.database_id_CSD           ? 
_citation.pdbx_database_id_DOI      10.1039/c7ob00910k 
_citation.pdbx_database_id_PubMed   29182187 
_citation.unpublished_flag          ? 
# 
loop_
_citation_author.citation_id 
_citation_author.name 
_citation_author.ordinal 
_citation_author.identifier_ORCID 
primary 'Tatum, N.J.'        1 ? 
primary 'Liebeschuetz, J.W.' 2 ? 
primary 'Cole, J.C.'         3 ? 
primary 'Frita, R.'          4 ? 
primary 'Herledan, A.'       5 ? 
primary 'Baulard, A.R.'      6 ? 
primary 'Willand, N.'        7 ? 
primary 'Pohl, E.'           8 ? 
# 
loop_
_entity.id 
_entity.type 
_entity.src_method 
_entity.pdbx_description 
_entity.formula_weight 
_entity.pdbx_number_of_molecules 
_entity.pdbx_ec 
_entity.pdbx_mutation 
_entity.pdbx_fragment 
_entity.details 
1 polymer     man 'HTH-type transcriptional regulator EthR'                                          23781.705 1  ? ? ? ? 
2 non-polymer syn '~{N}-[(2~{R})-2-(4-nitrophenyl)-2-oxidanyl-ethyl]-1,3-benzodioxole-5-carboxamide' 330.292   1  ? ? ? ? 
3 non-polymer syn 'SULFATE ION'                                                                      96.063    1  ? ? ? ? 
4 water       nat water                                                                              18.015    84 ? ? ? ? 
# 
_entity_poly.entity_id                      1 
_entity_poly.type                           'polypeptide(L)' 
_entity_poly.nstd_linkage                   no 
_entity_poly.nstd_monomer                   no 
_entity_poly.pdbx_seq_one_letter_code       
;MTTSAASQASLPRGRRTARPSGDDRELAILATAENLLEDRPLADISVDDLAKGAGISRPTFYFYFPSKEAVLLTLLDRVV
NQADMALQTLAENPADTDRENMWRTGINVFFETFGSHKAVTRAGQAARATSVEVAELWSTFMQKWIAYTAAVIDAERDRG
AAPRTLPAHELATALNLMNERTLFASFAGEQPSVPEARVLDTLVHIWVTSIYGENR
;
_entity_poly.pdbx_seq_one_letter_code_can   
;MTTSAASQASLPRGRRTARPSGDDRELAILATAENLLEDRPLADISVDDLAKGAGISRPTFYFYFPSKEAVLLTLLDRVV
NQADMALQTLAENPADTDRENMWRTGINVFFETFGSHKAVTRAGQAARATSVEVAELWSTFMQKWIAYTAAVIDAERDRG
AAPRTLPAHELATALNLMNERTLFASFAGEQPSVPEARVLDTLVHIWVTSIYGENR
;
_entity_poly.pdbx_strand_id                 A 
_entity_poly.pdbx_target_identifier         ? 
# 
loop_
_pdbx_entity_nonpoly.entity_id 
_pdbx_entity_nonpoly.name 
_pdbx_entity_nonpoly.comp_id 
2 '~{N}-[(2~{R})-2-(4-nitrophenyl)-2-oxidanyl-ethyl]-1,3-benzodioxole-5-carboxamide' 8YW 
3 'SULFATE ION'                                                                      SO4 
4 water                                                                              HOH 
# 
loop_
_entity_poly_seq.entity_id 
_entity_poly_seq.num 
_entity_poly_seq.mon_id 
_entity_poly_seq.hetero 
1 1   MET n 
1 2   THR n 
1 3   THR n 
1 4   SER n 
1 5   ALA n 
1 6   ALA n 
1 7   SER n 
1 8   GLN n 
1 9   ALA n 
1 10  SER n 
1 11  LEU n 
1 12  PRO n 
1 13  ARG n 
1 14  GLY n 
1 15  ARG n 
1 16  ARG n 
1 17  THR n 
1 18  ALA n 
1 19  ARG n 
1 20  PRO n 
1 21  SER n 
1 22  GLY n 
1 23  ASP n 
1 24  ASP n 
1 25  ARG n 
1 26  GLU n 
1 27  LEU n 
1 28  ALA n 
1 29  ILE n 
1 30  LEU n 
1 31  ALA n 
1 32  THR n 
1 33  ALA n 
1 34  GLU n 
1 35  ASN n 
1 36  LEU n 
1 37  LEU n 
1 38  GLU n 
1 39  ASP n 
1 40  ARG n 
1 41  PRO n 
1 42  LEU n 
1 43  ALA n 
1 44  ASP n 
1 45  ILE n 
1 46  SER n 
1 47  VAL n 
1 48  ASP n 
1 49  ASP n 
1 50  LEU n 
1 51  ALA n 
1 52  LYS n 
1 53  GLY n 
1 54  ALA n 
1 55  GLY n 
1 56  ILE n 
1 57  SER n 
1 58  ARG n 
1 59  PRO n 
1 60  THR n 
1 61  PHE n 
1 62  TYR n 
1 63  PHE n 
1 64  TYR n 
1 65  PHE n 
1 66  PRO n 
1 67  SER n 
1 68  LYS n 
1 69  GLU n 
1 70  ALA n 
1 71  VAL n 
1 72  LEU n 
1 73  LEU n 
1 74  THR n 
1 75  LEU n 
1 76  LEU n 
1 77  ASP n 
1 78  ARG n 
1 79  VAL n 
1 80  VAL n 
1 81  ASN n 
1 82  GLN n 
1 83  ALA n 
1 84  ASP n 
1 85  MET n 
1 86  ALA n 
1 87  LEU n 
1 88  GLN n 
1 89  THR n 
1 90  LEU n 
1 91  ALA n 
1 92  GLU n 
1 93  ASN n 
1 94  PRO n 
1 95  ALA n 
1 96  ASP n 
1 97  THR n 
1 98  ASP n 
1 99  ARG n 
1 100 GLU n 
1 101 ASN n 
1 102 MET n 
1 103 TRP n 
1 104 ARG n 
1 105 THR n 
1 106 GLY n 
1 107 ILE n 
1 108 ASN n 
1 109 VAL n 
1 110 PHE n 
1 111 PHE n 
1 112 GLU n 
1 113 THR n 
1 114 PHE n 
1 115 GLY n 
1 116 SER n 
1 117 HIS n 
1 118 LYS n 
1 119 ALA n 
1 120 VAL n 
1 121 THR n 
1 122 ARG n 
1 123 ALA n 
1 124 GLY n 
1 125 GLN n 
1 126 ALA n 
1 127 ALA n 
1 128 ARG n 
1 129 ALA n 
1 130 THR n 
1 131 SER n 
1 132 VAL n 
1 133 GLU n 
1 134 VAL n 
1 135 ALA n 
1 136 GLU n 
1 137 LEU n 
1 138 TRP n 
1 139 SER n 
1 140 THR n 
1 141 PHE n 
1 142 MET n 
1 143 GLN n 
1 144 LYS n 
1 145 TRP n 
1 146 ILE n 
1 147 ALA n 
1 148 TYR n 
1 149 THR n 
1 150 ALA n 
1 151 ALA n 
1 152 VAL n 
1 153 ILE n 
1 154 ASP n 
1 155 ALA n 
1 156 GLU n 
1 157 ARG n 
1 158 ASP n 
1 159 ARG n 
1 160 GLY n 
1 161 ALA n 
1 162 ALA n 
1 163 PRO n 
1 164 ARG n 
1 165 THR n 
1 166 LEU n 
1 167 PRO n 
1 168 ALA n 
1 169 HIS n 
1 170 GLU n 
1 171 LEU n 
1 172 ALA n 
1 173 THR n 
1 174 ALA n 
1 175 LEU n 
1 176 ASN n 
1 177 LEU n 
1 178 MET n 
1 179 ASN n 
1 180 GLU n 
1 181 ARG n 
1 182 THR n 
1 183 LEU n 
1 184 PHE n 
1 185 ALA n 
1 186 SER n 
1 187 PHE n 
1 188 ALA n 
1 189 GLY n 
1 190 GLU n 
1 191 GLN n 
1 192 PRO n 
1 193 SER n 
1 194 VAL n 
1 195 PRO n 
1 196 GLU n 
1 197 ALA n 
1 198 ARG n 
1 199 VAL n 
1 200 LEU n 
1 201 ASP n 
1 202 THR n 
1 203 LEU n 
1 204 VAL n 
1 205 HIS n 
1 206 ILE n 
1 207 TRP n 
1 208 VAL n 
1 209 THR n 
1 210 SER n 
1 211 ILE n 
1 212 TYR n 
1 213 GLY n 
1 214 GLU n 
1 215 ASN n 
1 216 ARG n 
# 
_entity_src_gen.entity_id                          1 
_entity_src_gen.pdbx_src_id                        1 
_entity_src_gen.pdbx_alt_source_flag               sample 
_entity_src_gen.pdbx_seq_type                      'Biological sequence' 
_entity_src_gen.pdbx_beg_seq_num                   1 
_entity_src_gen.pdbx_end_seq_num                   216 
_entity_src_gen.gene_src_common_name               ? 
_entity_src_gen.gene_src_genus                     ? 
_entity_src_gen.pdbx_gene_src_gene                 'ethR, etaR, Rv3855' 
_entity_src_gen.gene_src_species                   ? 
_entity_src_gen.gene_src_strain                    ? 
_entity_src_gen.gene_src_tissue                    ? 
_entity_src_gen.gene_src_tissue_fraction           ? 
_entity_src_gen.gene_src_details                   ? 
_entity_src_gen.pdbx_gene_src_fragment             ? 
_entity_src_gen.pdbx_gene_src_scientific_name      'Mycobacterium tuberculosis' 
_entity_src_gen.pdbx_gene_src_ncbi_taxonomy_id     1773 
_entity_src_gen.pdbx_gene_src_variant              ? 
_entity_src_gen.pdbx_gene_src_cell_line            ? 
_entity_src_gen.pdbx_gene_src_atcc                 ? 
_entity_src_gen.pdbx_gene_src_organ                ? 
_entity_src_gen.pdbx_gene_src_organelle            ? 
_entity_src_gen.pdbx_gene_src_cell                 ? 
_entity_src_gen.pdbx_gene_src_cellular_location    ? 
_entity_src_gen.host_org_common_name               ? 
_entity_src_gen.pdbx_host_org_scientific_name      'Escherichia coli' 
_entity_src_gen.pdbx_host_org_ncbi_taxonomy_id     562 
_entity_src_gen.host_org_genus                     ? 
_entity_src_gen.pdbx_host_org_gene                 ? 
_entity_src_gen.pdbx_host_org_organ                ? 
_entity_src_gen.host_org_species                   ? 
_entity_src_gen.pdbx_host_org_tissue               ? 
_entity_src_gen.pdbx_host_org_tissue_fraction      ? 
_entity_src_gen.pdbx_host_org_strain               ? 
_entity_src_gen.pdbx_host_org_variant              ? 
_entity_src_gen.pdbx_host_org_cell_line            ? 
_entity_src_gen.pdbx_host_org_atcc                 ? 
_entity_src_gen.pdbx_host_org_culture_collection   ? 
_entity_src_gen.pdbx_host_org_cell                 ? 
_entity_src_gen.pdbx_host_org_organelle            ? 
_entity_src_gen.pdbx_host_org_cellular_location    ? 
_entity_src_gen.pdbx_host_org_vector_type          ? 
_entity_src_gen.pdbx_host_org_vector               ? 
_entity_src_gen.host_org_details                   ? 
_entity_src_gen.expression_system_id               ? 
_entity_src_gen.plasmid_name                       ? 
_entity_src_gen.plasmid_details                    ? 
_entity_src_gen.pdbx_description                   ? 
# 
loop_
_chem_comp.id 
_chem_comp.type 
_chem_comp.mon_nstd_flag 
_chem_comp.name 
_chem_comp.pdbx_synonyms 
_chem_comp.formula 
_chem_comp.formula_weight 
8YW non-polymer         . '~{N}-[(2~{R})-2-(4-nitrophenyl)-2-oxidanyl-ethyl]-1,3-benzodioxole-5-carboxamide' ? 'C16 H14 N2 O6'  
330.292 
ALA 'L-peptide linking' y ALANINE                                                                            ? 'C3 H7 N O2'     
89.093  
ARG 'L-peptide linking' y ARGININE                                                                           ? 'C6 H15 N4 O2 1' 
175.209 
ASN 'L-peptide linking' y ASPARAGINE                                                                         ? 'C4 H8 N2 O3'    
132.118 
ASP 'L-peptide linking' y 'ASPARTIC ACID'                                                                    ? 'C4 H7 N O4'     
133.103 
GLN 'L-peptide linking' y GLUTAMINE                                                                          ? 'C5 H10 N2 O3'   
146.144 
GLU 'L-peptide linking' y 'GLUTAMIC ACID'                                                                    ? 'C5 H9 N O4'     
147.129 
GLY 'peptide linking'   y GLYCINE                                                                            ? 'C2 H5 N O2'     
75.067  
HIS 'L-peptide linking' y HISTIDINE                                                                          ? 'C6 H10 N3 O2 1' 
156.162 
HOH non-polymer         . WATER                                                                              ? 'H2 O'           
18.015  
ILE 'L-peptide linking' y ISOLEUCINE                                                                         ? 'C6 H13 N O2'    
131.173 
LEU 'L-peptide linking' y LEUCINE                                                                            ? 'C6 H13 N O2'    
131.173 
LYS 'L-peptide linking' y LYSINE                                                                             ? 'C6 H15 N2 O2 1' 
147.195 
MET 'L-peptide linking' y METHIONINE                                                                         ? 'C5 H11 N O2 S'  
149.211 
PHE 'L-peptide linking' y PHENYLALANINE                                                                      ? 'C9 H11 N O2'    
165.189 
PRO 'L-peptide linking' y PROLINE                                                                            ? 'C5 H9 N O2'     
115.130 
SER 'L-peptide linking' y SERINE                                                                             ? 'C3 H7 N O3'     
105.093 
SO4 non-polymer         . 'SULFATE ION'                                                                      ? 'O4 S -2'        
96.063  
THR 'L-peptide linking' y THREONINE                                                                          ? 'C4 H9 N O3'     
119.119 
TRP 'L-peptide linking' y TRYPTOPHAN                                                                         ? 'C11 H12 N2 O2'  
204.225 
TYR 'L-peptide linking' y TYROSINE                                                                           ? 'C9 H11 N O3'    
181.189 
VAL 'L-peptide linking' y VALINE                                                                             ? 'C5 H11 N O2'    
117.146 
# 
loop_
_pdbx_poly_seq_scheme.asym_id 
_pdbx_poly_seq_scheme.entity_id 
_pdbx_poly_seq_scheme.seq_id 
_pdbx_poly_seq_scheme.mon_id 
_pdbx_poly_seq_scheme.ndb_seq_num 
_pdbx_poly_seq_scheme.pdb_seq_num 
_pdbx_poly_seq_scheme.auth_seq_num 
_pdbx_poly_seq_scheme.pdb_mon_id 
_pdbx_poly_seq_scheme.auth_mon_id 
_pdbx_poly_seq_scheme.pdb_strand_id 
_pdbx_poly_seq_scheme.pdb_ins_code 
_pdbx_poly_seq_scheme.hetero 
A 1 1   MET 1   1   ?   ?   ?   A . n 
A 1 2   THR 2   2   ?   ?   ?   A . n 
A 1 3   THR 3   3   ?   ?   ?   A . n 
A 1 4   SER 4   4   ?   ?   ?   A . n 
A 1 5   ALA 5   5   ?   ?   ?   A . n 
A 1 6   ALA 6   6   ?   ?   ?   A . n 
A 1 7   SER 7   7   ?   ?   ?   A . n 
A 1 8   GLN 8   8   ?   ?   ?   A . n 
A 1 9   ALA 9   9   ?   ?   ?   A . n 
A 1 10  SER 10  10  ?   ?   ?   A . n 
A 1 11  LEU 11  11  ?   ?   ?   A . n 
A 1 12  PRO 12  12  ?   ?   ?   A . n 
A 1 13  ARG 13  13  ?   ?   ?   A . n 
A 1 14  GLY 14  14  ?   ?   ?   A . n 
A 1 15  ARG 15  15  ?   ?   ?   A . n 
A 1 16  ARG 16  16  ?   ?   ?   A . n 
A 1 17  THR 17  17  ?   ?   ?   A . n 
A 1 18  ALA 18  18  ?   ?   ?   A . n 
A 1 19  ARG 19  19  ?   ?   ?   A . n 
A 1 20  PRO 20  20  ?   ?   ?   A . n 
A 1 21  SER 21  21  ?   ?   ?   A . n 
A 1 22  GLY 22  22  ?   ?   ?   A . n 
A 1 23  ASP 23  23  23  ASP ALA A . n 
A 1 24  ASP 24  24  24  ASP ALA A . n 
A 1 25  ARG 25  25  25  ARG ARG A . n 
A 1 26  GLU 26  26  26  GLU GLU A . n 
A 1 27  LEU 27  27  27  LEU LEU A . n 
A 1 28  ALA 28  28  28  ALA ALA A . n 
A 1 29  ILE 29  29  29  ILE ILE A . n 
A 1 30  LEU 30  30  30  LEU LEU A . n 
A 1 31  ALA 31  31  31  ALA ALA A . n 
A 1 32  THR 32  32  32  THR THR A . n 
A 1 33  ALA 33  33  33  ALA ALA A . n 
A 1 34  GLU 34  34  34  GLU GLU A . n 
A 1 35  ASN 35  35  35  ASN ASN A . n 
A 1 36  LEU 36  36  36  LEU LEU A . n 
A 1 37  LEU 37  37  37  LEU LEU A . n 
A 1 38  GLU 38  38  38  GLU GLU A . n 
A 1 39  ASP 39  39  39  ASP ASP A . n 
A 1 40  ARG 40  40  40  ARG ARG A . n 
A 1 41  PRO 41  41  41  PRO PRO A . n 
A 1 42  LEU 42  42  42  LEU LEU A . n 
A 1 43  ALA 43  43  43  ALA ALA A . n 
A 1 44  ASP 44  44  44  ASP ASP A . n 
A 1 45  ILE 45  45  45  ILE ILE A . n 
A 1 46  SER 46  46  46  SER SER A . n 
A 1 47  VAL 47  47  47  VAL VAL A . n 
A 1 48  ASP 48  48  48  ASP ASP A . n 
A 1 49  ASP 49  49  49  ASP ASP A . n 
A 1 50  LEU 50  50  50  LEU LEU A . n 
A 1 51  ALA 51  51  51  ALA ALA A . n 
A 1 52  LYS 52  52  52  LYS LYS A . n 
A 1 53  GLY 53  53  53  GLY GLY A . n 
A 1 54  ALA 54  54  54  ALA ALA A . n 
A 1 55  GLY 55  55  55  GLY GLY A . n 
A 1 56  ILE 56  56  56  ILE ILE A . n 
A 1 57  SER 57  57  57  SER SER A . n 
A 1 58  ARG 58  58  58  ARG ARG A . n 
A 1 59  PRO 59  59  59  PRO PRO A . n 
A 1 60  THR 60  60  60  THR THR A . n 
A 1 61  PHE 61  61  61  PHE PHE A . n 
A 1 62  TYR 62  62  62  TYR TYR A . n 
A 1 63  PHE 63  63  63  PHE PHE A . n 
A 1 64  TYR 64  64  64  TYR TYR A . n 
A 1 65  PHE 65  65  65  PHE PHE A . n 
A 1 66  PRO 66  66  66  PRO PRO A . n 
A 1 67  SER 67  67  67  SER SER A . n 
A 1 68  LYS 68  68  68  LYS LYS A . n 
A 1 69  GLU 69  69  69  GLU GLU A . n 
A 1 70  ALA 70  70  70  ALA ALA A . n 
A 1 71  VAL 71  71  71  VAL VAL A . n 
A 1 72  LEU 72  72  72  LEU LEU A . n 
A 1 73  LEU 73  73  73  LEU LEU A . n 
A 1 74  THR 74  74  74  THR THR A . n 
A 1 75  LEU 75  75  75  LEU LEU A . n 
A 1 76  LEU 76  76  76  LEU LEU A . n 
A 1 77  ASP 77  77  77  ASP ASP A . n 
A 1 78  ARG 78  78  78  ARG ALA A . n 
A 1 79  VAL 79  79  79  VAL VAL A . n 
A 1 80  VAL 80  80  80  VAL VAL A . n 
A 1 81  ASN 81  81  81  ASN ASN A . n 
A 1 82  GLN 82  82  82  GLN GLN A . n 
A 1 83  ALA 83  83  83  ALA ALA A . n 
A 1 84  ASP 84  84  84  ASP ASP A . n 
A 1 85  MET 85  85  85  MET MET A . n 
A 1 86  ALA 86  86  86  ALA ALA A . n 
A 1 87  LEU 87  87  87  LEU LEU A . n 
A 1 88  GLN 88  88  88  GLN GLN A . n 
A 1 89  THR 89  89  89  THR THR A . n 
A 1 90  LEU 90  90  90  LEU LEU A . n 
A 1 91  ALA 91  91  91  ALA ALA A . n 
A 1 92  GLU 92  92  92  GLU GLU A . n 
A 1 93  ASN 93  93  93  ASN ASN A . n 
A 1 94  PRO 94  94  94  PRO ALA A . n 
A 1 95  ALA 95  95  95  ALA ALA A . n 
A 1 96  ASP 96  96  96  ASP ALA A . n 
A 1 97  THR 97  97  97  THR THR A . n 
A 1 98  ASP 98  98  98  ASP ASP A . n 
A 1 99  ARG 99  99  99  ARG ARG A . n 
A 1 100 GLU 100 100 100 GLU GLU A . n 
A 1 101 ASN 101 101 101 ASN ASN A . n 
A 1 102 MET 102 102 102 MET MET A . n 
A 1 103 TRP 103 103 103 TRP TRP A . n 
A 1 104 ARG 104 104 104 ARG ARG A . n 
A 1 105 THR 105 105 105 THR THR A . n 
A 1 106 GLY 106 106 106 GLY GLY A . n 
A 1 107 ILE 107 107 107 ILE ILE A . n 
A 1 108 ASN 108 108 108 ASN ASN A . n 
A 1 109 VAL 109 109 109 VAL VAL A . n 
A 1 110 PHE 110 110 110 PHE PHE A . n 
A 1 111 PHE 111 111 111 PHE PHE A . n 
A 1 112 GLU 112 112 112 GLU GLU A . n 
A 1 113 THR 113 113 113 THR THR A . n 
A 1 114 PHE 114 114 114 PHE PHE A . n 
A 1 115 GLY 115 115 115 GLY GLY A . n 
A 1 116 SER 116 116 116 SER SER A . n 
A 1 117 HIS 117 117 117 HIS HIS A . n 
A 1 118 LYS 118 118 118 LYS LYS A . n 
A 1 119 ALA 119 119 119 ALA ALA A . n 
A 1 120 VAL 120 120 120 VAL VAL A . n 
A 1 121 THR 121 121 121 THR THR A . n 
A 1 122 ARG 122 122 122 ARG ARG A . n 
A 1 123 ALA 123 123 123 ALA ALA A . n 
A 1 124 GLY 124 124 124 GLY GLY A . n 
A 1 125 GLN 125 125 125 GLN GLN A . n 
A 1 126 ALA 126 126 126 ALA ALA A . n 
A 1 127 ALA 127 127 127 ALA ALA A . n 
A 1 128 ARG 128 128 128 ARG ARG A . n 
A 1 129 ALA 129 129 129 ALA ALA A . n 
A 1 130 THR 130 130 130 THR THR A . n 
A 1 131 SER 131 131 131 SER SER A . n 
A 1 132 VAL 132 132 132 VAL VAL A . n 
A 1 133 GLU 133 133 133 GLU GLU A . n 
A 1 134 VAL 134 134 134 VAL VAL A . n 
A 1 135 ALA 135 135 135 ALA ALA A . n 
A 1 136 GLU 136 136 136 GLU GLU A . n 
A 1 137 LEU 137 137 137 LEU LEU A . n 
A 1 138 TRP 138 138 138 TRP TRP A . n 
A 1 139 SER 139 139 139 SER SER A . n 
A 1 140 THR 140 140 140 THR THR A . n 
A 1 141 PHE 141 141 141 PHE PHE A . n 
A 1 142 MET 142 142 142 MET MET A . n 
A 1 143 GLN 143 143 143 GLN GLN A . n 
A 1 144 LYS 144 144 144 LYS LYS A . n 
A 1 145 TRP 145 145 145 TRP TRP A . n 
A 1 146 ILE 146 146 146 ILE ILE A . n 
A 1 147 ALA 147 147 147 ALA ALA A . n 
A 1 148 TYR 148 148 148 TYR TYR A . n 
A 1 149 THR 149 149 149 THR THR A . n 
A 1 150 ALA 150 150 150 ALA ALA A . n 
A 1 151 ALA 151 151 151 ALA ALA A . n 
A 1 152 VAL 152 152 152 VAL VAL A . n 
A 1 153 ILE 153 153 153 ILE ILE A . n 
A 1 154 ASP 154 154 154 ASP ASP A . n 
A 1 155 ALA 155 155 155 ALA ALA A . n 
A 1 156 GLU 156 156 156 GLU GLU A . n 
A 1 157 ARG 157 157 157 ARG ARG A . n 
A 1 158 ASP 158 158 158 ASP ASP A . n 
A 1 159 ARG 159 159 159 ARG ARG A . n 
A 1 160 GLY 160 160 160 GLY GLY A . n 
A 1 161 ALA 161 161 161 ALA ALA A . n 
A 1 162 ALA 162 162 162 ALA ALA A . n 
A 1 163 PRO 163 163 163 PRO PRO A . n 
A 1 164 ARG 164 164 164 ARG ARG A . n 
A 1 165 THR 165 165 165 THR THR A . n 
A 1 166 LEU 166 166 166 LEU LEU A . n 
A 1 167 PRO 167 167 167 PRO PRO A . n 
A 1 168 ALA 168 168 168 ALA ALA A . n 
A 1 169 HIS 169 169 169 HIS HIS A . n 
A 1 170 GLU 170 170 170 GLU GLU A . n 
A 1 171 LEU 171 171 171 LEU LEU A . n 
A 1 172 ALA 172 172 172 ALA ALA A . n 
A 1 173 THR 173 173 173 THR THR A . n 
A 1 174 ALA 174 174 174 ALA ALA A . n 
A 1 175 LEU 175 175 175 LEU LEU A . n 
A 1 176 ASN 176 176 176 ASN ASN A . n 
A 1 177 LEU 177 177 177 LEU LEU A . n 
A 1 178 MET 178 178 178 MET MET A . n 
A 1 179 ASN 179 179 179 ASN ASN A . n 
A 1 180 GLU 180 180 180 GLU GLU A . n 
A 1 181 ARG 181 181 181 ARG ARG A . n 
A 1 182 THR 182 182 182 THR THR A . n 
A 1 183 LEU 183 183 183 LEU LEU A . n 
A 1 184 PHE 184 184 184 PHE PHE A . n 
A 1 185 ALA 185 185 185 ALA ALA A . n 
A 1 186 SER 186 186 186 SER SER A . n 
A 1 187 PHE 187 187 187 PHE PHE A . n 
A 1 188 ALA 188 188 188 ALA ALA A . n 
A 1 189 GLY 189 189 189 GLY GLY A . n 
A 1 190 GLU 190 190 190 GLU GLU A . n 
A 1 191 GLN 191 191 191 GLN ALA A . n 
A 1 192 PRO 192 192 192 PRO PRO A . n 
A 1 193 SER 193 193 193 SER SER A . n 
A 1 194 VAL 194 194 194 VAL VAL A . n 
A 1 195 PRO 195 195 195 PRO PRO A . n 
A 1 196 GLU 196 196 196 GLU GLU A . n 
A 1 197 ALA 197 197 197 ALA ALA A . n 
A 1 198 ARG 198 198 198 ARG ARG A . n 
A 1 199 VAL 199 199 199 VAL VAL A . n 
A 1 200 LEU 200 200 200 LEU LEU A . n 
A 1 201 ASP 201 201 201 ASP ASP A . n 
A 1 202 THR 202 202 202 THR THR A . n 
A 1 203 LEU 203 203 203 LEU LEU A . n 
A 1 204 VAL 204 204 204 VAL VAL A . n 
A 1 205 HIS 205 205 205 HIS HIS A . n 
A 1 206 ILE 206 206 206 ILE ILE A . n 
A 1 207 TRP 207 207 207 TRP TRP A . n 
A 1 208 VAL 208 208 208 VAL VAL A . n 
A 1 209 THR 209 209 209 THR THR A . n 
A 1 210 SER 210 210 210 SER SER A . n 
A 1 211 ILE 211 211 211 ILE ILE A . n 
A 1 212 TYR 212 212 212 TYR TYR A . n 
A 1 213 GLY 213 213 213 GLY GLY A . n 
A 1 214 GLU 214 214 214 GLU GLU A . n 
A 1 215 ASN 215 215 215 ASN ASN A . n 
A 1 216 ARG 216 216 ?   ?   ?   A . n 
# 
loop_
_pdbx_nonpoly_scheme.asym_id 
_pdbx_nonpoly_scheme.entity_id 
_pdbx_nonpoly_scheme.mon_id 
_pdbx_nonpoly_scheme.ndb_seq_num 
_pdbx_nonpoly_scheme.pdb_seq_num 
_pdbx_nonpoly_scheme.auth_seq_num 
_pdbx_nonpoly_scheme.pdb_mon_id 
_pdbx_nonpoly_scheme.auth_mon_id 
_pdbx_nonpoly_scheme.pdb_strand_id 
_pdbx_nonpoly_scheme.pdb_ins_code 
B 2 8YW 1  301 1  8YW CPA A . 
C 3 SO4 1  302 1  SO4 SO4 A . 
D 4 HOH 1  401 8  HOH HOH A . 
D 4 HOH 2  402 40 HOH HOH A . 
D 4 HOH 3  403 82 HOH HOH A . 
D 4 HOH 4  404 4  HOH HOH A . 
D 4 HOH 5  405 36 HOH HOH A . 
D 4 HOH 6  406 78 HOH HOH A . 
D 4 HOH 7  407 2  HOH HOH A . 
D 4 HOH 8  408 57 HOH HOH A . 
D 4 HOH 9  409 81 HOH HOH A . 
D 4 HOH 10 410 13 HOH HOH A . 
D 4 HOH 11 411 79 HOH HOH A . 
D 4 HOH 12 412 6  HOH HOH A . 
D 4 HOH 13 413 12 HOH HOH A . 
D 4 HOH 14 414 73 HOH HOH A . 
D 4 HOH 15 415 71 HOH HOH A . 
D 4 HOH 16 416 76 HOH HOH A . 
D 4 HOH 17 417 69 HOH HOH A . 
D 4 HOH 18 418 28 HOH HOH A . 
D 4 HOH 19 419 43 HOH HOH A . 
D 4 HOH 20 420 52 HOH HOH A . 
D 4 HOH 21 421 10 HOH HOH A . 
D 4 HOH 22 422 68 HOH HOH A . 
D 4 HOH 23 423 64 HOH HOH A . 
D 4 HOH 24 424 29 HOH HOH A . 
D 4 HOH 25 425 34 HOH HOH A . 
D 4 HOH 26 426 3  HOH HOH A . 
D 4 HOH 27 427 11 HOH HOH A . 
D 4 HOH 28 428 35 HOH HOH A . 
D 4 HOH 29 429 83 HOH HOH A . 
D 4 HOH 30 430 15 HOH HOH A . 
D 4 HOH 31 431 63 HOH HOH A . 
D 4 HOH 32 432 74 HOH HOH A . 
D 4 HOH 33 433 55 HOH HOH A . 
D 4 HOH 34 434 72 HOH HOH A . 
D 4 HOH 35 435 42 HOH HOH A . 
D 4 HOH 36 436 23 HOH HOH A . 
D 4 HOH 37 437 75 HOH HOH A . 
D 4 HOH 38 438 60 HOH HOH A . 
D 4 HOH 39 439 53 HOH HOH A . 
D 4 HOH 40 440 16 HOH HOH A . 
D 4 HOH 41 441 32 HOH HOH A . 
D 4 HOH 42 442 7  HOH HOH A . 
D 4 HOH 43 443 39 HOH HOH A . 
D 4 HOH 44 444 65 HOH HOH A . 
D 4 HOH 45 445 9  HOH HOH A . 
D 4 HOH 46 446 80 HOH HOH A . 
D 4 HOH 47 447 54 HOH HOH A . 
D 4 HOH 48 448 58 HOH HOH A . 
D 4 HOH 49 449 1  HOH HOH A . 
D 4 HOH 50 450 5  HOH HOH A . 
D 4 HOH 51 451 38 HOH HOH A . 
D 4 HOH 52 452 17 HOH HOH A . 
D 4 HOH 53 453 51 HOH HOH A . 
D 4 HOH 54 454 33 HOH HOH A . 
D 4 HOH 55 455 24 HOH HOH A . 
D 4 HOH 56 456 20 HOH HOH A . 
D 4 HOH 57 457 44 HOH HOH A . 
D 4 HOH 58 458 62 HOH HOH A . 
D 4 HOH 59 459 18 HOH HOH A . 
D 4 HOH 60 460 21 HOH HOH A . 
D 4 HOH 61 461 25 HOH HOH A . 
D 4 HOH 62 462 14 HOH HOH A . 
D 4 HOH 63 463 26 HOH HOH A . 
D 4 HOH 64 464 30 HOH HOH A . 
D 4 HOH 65 465 77 HOH HOH A . 
D 4 HOH 66 466 56 HOH HOH A . 
D 4 HOH 67 467 19 HOH HOH A . 
D 4 HOH 68 468 66 HOH HOH A . 
D 4 HOH 69 469 31 HOH HOH A . 
D 4 HOH 70 470 59 HOH HOH A . 
D 4 HOH 71 471 70 HOH HOH A . 
D 4 HOH 72 472 41 HOH HOH A . 
D 4 HOH 73 473 46 HOH HOH A . 
D 4 HOH 74 474 22 HOH HOH A . 
D 4 HOH 75 475 37 HOH HOH A . 
D 4 HOH 76 476 84 HOH HOH A . 
D 4 HOH 77 477 27 HOH HOH A . 
D 4 HOH 78 478 61 HOH HOH A . 
D 4 HOH 79 479 47 HOH HOH A . 
D 4 HOH 80 480 45 HOH HOH A . 
D 4 HOH 81 481 49 HOH HOH A . 
D 4 HOH 82 482 67 HOH HOH A . 
D 4 HOH 83 483 50 HOH HOH A . 
D 4 HOH 84 484 48 HOH HOH A . 
# 
loop_
_pdbx_unobs_or_zero_occ_atoms.id 
_pdbx_unobs_or_zero_occ_atoms.PDB_model_num 
_pdbx_unobs_or_zero_occ_atoms.polymer_flag 
_pdbx_unobs_or_zero_occ_atoms.occupancy_flag 
_pdbx_unobs_or_zero_occ_atoms.auth_asym_id 
_pdbx_unobs_or_zero_occ_atoms.auth_comp_id 
_pdbx_unobs_or_zero_occ_atoms.auth_seq_id 
_pdbx_unobs_or_zero_occ_atoms.PDB_ins_code 
_pdbx_unobs_or_zero_occ_atoms.auth_atom_id 
_pdbx_unobs_or_zero_occ_atoms.label_alt_id 
_pdbx_unobs_or_zero_occ_atoms.label_asym_id 
_pdbx_unobs_or_zero_occ_atoms.label_comp_id 
_pdbx_unobs_or_zero_occ_atoms.label_seq_id 
_pdbx_unobs_or_zero_occ_atoms.label_atom_id 
1  1 Y 1 A ASP 23  ? CG  ? A ASP 23  CG  
2  1 Y 1 A ASP 23  ? OD1 ? A ASP 23  OD1 
3  1 Y 1 A ASP 23  ? OD2 ? A ASP 23  OD2 
4  1 Y 1 A ASP 24  ? CG  ? A ASP 24  CG  
5  1 Y 1 A ASP 24  ? OD1 ? A ASP 24  OD1 
6  1 Y 1 A ASP 24  ? OD2 ? A ASP 24  OD2 
7  1 Y 1 A ARG 78  ? CG  ? A ARG 78  CG  
8  1 Y 1 A ARG 78  ? CD  ? A ARG 78  CD  
9  1 Y 1 A ARG 78  ? NE  ? A ARG 78  NE  
10 1 Y 1 A ARG 78  ? CZ  ? A ARG 78  CZ  
11 1 Y 1 A ARG 78  ? NH1 ? A ARG 78  NH1 
12 1 Y 1 A ARG 78  ? NH2 ? A ARG 78  NH2 
13 1 Y 1 A PRO 94  ? CG  ? A PRO 94  CG  
14 1 Y 1 A PRO 94  ? CD  ? A PRO 94  CD  
15 1 Y 1 A ASP 96  ? CG  ? A ASP 96  CG  
16 1 Y 1 A ASP 96  ? OD1 ? A ASP 96  OD1 
17 1 Y 1 A ASP 96  ? OD2 ? A ASP 96  OD2 
18 1 Y 1 A GLN 191 ? CG  ? A GLN 191 CG  
19 1 Y 1 A GLN 191 ? CD  ? A GLN 191 CD  
20 1 Y 1 A GLN 191 ? OE1 ? A GLN 191 OE1 
21 1 Y 1 A GLN 191 ? NE2 ? A GLN 191 NE2 
# 
loop_
_software.citation_id 
_software.classification 
_software.compiler_name 
_software.compiler_version 
_software.contact_author 
_software.contact_author_email 
_software.date 
_software.description 
_software.dependencies 
_software.hardware 
_software.language 
_software.location 
_software.mods 
_software.name 
_software.os 
_software.os_version 
_software.type 
_software.version 
_software.pdbx_ordinal 
? refinement       ? ? ? ? ? ? ? ? ? ? ? REFMAC ? ? ? 5.8.0135 1 
? 'data reduction' ? ? ? ? ? ? ? ? ? ? ? XDS    ? ? ? .        2 
? 'data scaling'   ? ? ? ? ? ? ? ? ? ? ? XDS    ? ? ? .        3 
? phasing          ? ? ? ? ? ? ? ? ? ? ? PHASER ? ? ? .        4 
# 
_cell.angle_alpha                  90.00 
_cell.angle_alpha_esd              ? 
_cell.angle_beta                   90.00 
_cell.angle_beta_esd               ? 
_cell.angle_gamma                  90.00 
_cell.angle_gamma_esd              ? 
_cell.entry_id                     5NJ0 
_cell.details                      ? 
_cell.formula_units_Z              ? 
_cell.length_a                     121.411 
_cell.length_a_esd                 ? 
_cell.length_b                     121.411 
_cell.length_b_esd                 ? 
_cell.length_c                     33.685 
_cell.length_c_esd                 ? 
_cell.volume                       ? 
_cell.volume_esd                   ? 
_cell.Z_PDB                        8 
_cell.reciprocal_angle_alpha       ? 
_cell.reciprocal_angle_beta        ? 
_cell.reciprocal_angle_gamma       ? 
_cell.reciprocal_angle_alpha_esd   ? 
_cell.reciprocal_angle_beta_esd    ? 
_cell.reciprocal_angle_gamma_esd   ? 
_cell.reciprocal_length_a          ? 
_cell.reciprocal_length_b          ? 
_cell.reciprocal_length_c          ? 
_cell.reciprocal_length_a_esd      ? 
_cell.reciprocal_length_b_esd      ? 
_cell.reciprocal_length_c_esd      ? 
_cell.pdbx_unique_axis             ? 
# 
_symmetry.entry_id                         5NJ0 
_symmetry.cell_setting                     ? 
_symmetry.Int_Tables_number                92 
_symmetry.space_group_name_Hall            ? 
_symmetry.space_group_name_H-M             'P 41 21 2' 
_symmetry.pdbx_full_space_group_name_H-M   ? 
# 
_exptl.absorpt_coefficient_mu     ? 
_exptl.absorpt_correction_T_max   ? 
_exptl.absorpt_correction_T_min   ? 
_exptl.absorpt_correction_type    ? 
_exptl.absorpt_process_details    ? 
_exptl.entry_id                   5NJ0 
_exptl.crystals_number            1 
_exptl.details                    ? 
_exptl.method                     'X-RAY DIFFRACTION' 
_exptl.method_details             ? 
# 
_exptl_crystal.colour                      ? 
_exptl_crystal.density_diffrn              ? 
_exptl_crystal.density_Matthews            2.61 
_exptl_crystal.density_method              ? 
_exptl_crystal.density_percent_sol         52.87 
_exptl_crystal.description                 ? 
_exptl_crystal.F_000                       ? 
_exptl_crystal.id                          1 
_exptl_crystal.preparation                 ? 
_exptl_crystal.size_max                    ? 
_exptl_crystal.size_mid                    ? 
_exptl_crystal.size_min                    ? 
_exptl_crystal.size_rad                    ? 
_exptl_crystal.colour_lustre               ? 
_exptl_crystal.colour_modifier             ? 
_exptl_crystal.colour_primary              ? 
_exptl_crystal.density_meas                ? 
_exptl_crystal.density_meas_esd            ? 
_exptl_crystal.density_meas_gt             ? 
_exptl_crystal.density_meas_lt             ? 
_exptl_crystal.density_meas_temp           ? 
_exptl_crystal.density_meas_temp_esd       ? 
_exptl_crystal.density_meas_temp_gt        ? 
_exptl_crystal.density_meas_temp_lt        ? 
_exptl_crystal.pdbx_crystal_image_url      ? 
_exptl_crystal.pdbx_crystal_image_format   ? 
_exptl_crystal.pdbx_mosaicity              ? 
_exptl_crystal.pdbx_mosaicity_esd          ? 
# 
_exptl_crystal_grow.apparatus       ? 
_exptl_crystal_grow.atmosphere      ? 
_exptl_crystal_grow.crystal_id      1 
_exptl_crystal_grow.details         ? 
_exptl_crystal_grow.method          'VAPOR DIFFUSION, HANGING DROP' 
_exptl_crystal_grow.method_ref      ? 
_exptl_crystal_grow.pH              ? 
_exptl_crystal_grow.pressure        ? 
_exptl_crystal_grow.pressure_esd    ? 
_exptl_crystal_grow.seeding         ? 
_exptl_crystal_grow.seeding_ref     ? 
_exptl_crystal_grow.temp            293 
_exptl_crystal_grow.temp_details    ? 
_exptl_crystal_grow.temp_esd        ? 
_exptl_crystal_grow.time            ? 
_exptl_crystal_grow.pdbx_details    'MES pH 6-6.5, 1.4 - 1.6 M AS' 
_exptl_crystal_grow.pdbx_pH_range   ? 
# 
_diffrn.ambient_environment    ? 
_diffrn.ambient_temp           100 
_diffrn.ambient_temp_details   ? 
_diffrn.ambient_temp_esd       ? 
_diffrn.crystal_id             1 
_diffrn.crystal_support        ? 
_diffrn.crystal_treatment      ? 
_diffrn.details                ? 
_diffrn.id                     1 
_diffrn.ambient_pressure       ? 
_diffrn.ambient_pressure_esd   ? 
_diffrn.ambient_pressure_gt    ? 
_diffrn.ambient_pressure_lt    ? 
_diffrn.ambient_temp_gt        ? 
_diffrn.ambient_temp_lt        ? 
# 
_diffrn_detector.details                      ? 
_diffrn_detector.detector                     PIXEL 
_diffrn_detector.diffrn_id                    1 
_diffrn_detector.type                         'DECTRIS PILATUS 6M' 
_diffrn_detector.area_resol_mean              ? 
_diffrn_detector.dtime                        ? 
_diffrn_detector.pdbx_frames_total            ? 
_diffrn_detector.pdbx_collection_time_total   ? 
_diffrn_detector.pdbx_collection_date         2017-03-01 
# 
_diffrn_radiation.collimation                      ? 
_diffrn_radiation.diffrn_id                        1 
_diffrn_radiation.filter_edge                      ? 
_diffrn_radiation.inhomogeneity                    ? 
_diffrn_radiation.monochromator                    DCM 
_diffrn_radiation.polarisn_norm                    ? 
_diffrn_radiation.polarisn_ratio                   ? 
_diffrn_radiation.probe                            ? 
_diffrn_radiation.type                             ? 
_diffrn_radiation.xray_symbol                      ? 
_diffrn_radiation.wavelength_id                    1 
_diffrn_radiation.pdbx_monochromatic_or_laue_m_l   M 
_diffrn_radiation.pdbx_wavelength_list             ? 
_diffrn_radiation.pdbx_wavelength                  ? 
_diffrn_radiation.pdbx_diffrn_protocol             'SINGLE WAVELENGTH' 
_diffrn_radiation.pdbx_analyzer                    ? 
_diffrn_radiation.pdbx_scattering_type             x-ray 
# 
_diffrn_radiation_wavelength.id           1 
_diffrn_radiation_wavelength.wavelength   0.9174 
_diffrn_radiation_wavelength.wt           1.0 
# 
_diffrn_source.current                     ? 
_diffrn_source.details                     ? 
_diffrn_source.diffrn_id                   1 
_diffrn_source.power                       ? 
_diffrn_source.size                        ? 
_diffrn_source.source                      SYNCHROTRON 
_diffrn_source.target                      ? 
_diffrn_source.type                        'DIAMOND BEAMLINE I04-1' 
_diffrn_source.voltage                     ? 
_diffrn_source.take-off_angle              ? 
_diffrn_source.pdbx_wavelength_list        0.9174 
_diffrn_source.pdbx_wavelength             ? 
_diffrn_source.pdbx_synchrotron_beamline   I04-1 
_diffrn_source.pdbx_synchrotron_site       Diamond 
# 
_reflns.B_iso_Wilson_estimate            ? 
_reflns.entry_id                         5NJ0 
_reflns.data_reduction_details           ? 
_reflns.data_reduction_method            ? 
_reflns.d_resolution_high                2.1 
_reflns.d_resolution_low                 85.85 
_reflns.details                          ? 
_reflns.limit_h_max                      ? 
_reflns.limit_h_min                      ? 
_reflns.limit_k_max                      ? 
_reflns.limit_k_min                      ? 
_reflns.limit_l_max                      ? 
_reflns.limit_l_min                      ? 
_reflns.number_all                       ? 
_reflns.number_obs                       15211 
_reflns.observed_criterion               ? 
_reflns.observed_criterion_F_max         ? 
_reflns.observed_criterion_F_min         ? 
_reflns.observed_criterion_I_max         ? 
_reflns.observed_criterion_I_min         ? 
_reflns.observed_criterion_sigma_F       ? 
_reflns.observed_criterion_sigma_I       ? 
_reflns.percent_possible_obs             99.4 
_reflns.R_free_details                   ? 
_reflns.Rmerge_F_all                     ? 
_reflns.Rmerge_F_obs                     ? 
_reflns.Friedel_coverage                 ? 
_reflns.number_gt                        ? 
_reflns.threshold_expression             ? 
_reflns.pdbx_redundancy                  10.2 
_reflns.pdbx_Rmerge_I_obs                ? 
_reflns.pdbx_Rmerge_I_all                ? 
_reflns.pdbx_Rsym_value                  ? 
_reflns.pdbx_netI_over_av_sigmaI         ? 
_reflns.pdbx_netI_over_sigmaI            14.3 
_reflns.pdbx_res_netI_over_av_sigmaI_2   ? 
_reflns.pdbx_res_netI_over_sigmaI_2      ? 
_reflns.pdbx_chi_squared                 ? 
_reflns.pdbx_scaling_rejects             ? 
_reflns.pdbx_d_res_high_opt              ? 
_reflns.pdbx_d_res_low_opt               ? 
_reflns.pdbx_d_res_opt_method            ? 
_reflns.phase_calculation_details        ? 
_reflns.pdbx_Rrim_I_all                  ? 
_reflns.pdbx_Rpim_I_all                  ? 
_reflns.pdbx_d_opt                       ? 
_reflns.pdbx_number_measured_all         ? 
_reflns.pdbx_diffrn_id                   1 
_reflns.pdbx_ordinal                     1 
_reflns.pdbx_CC_half                     ? 
_reflns.pdbx_R_split                     ? 
# 
_refine.aniso_B[1][1]                            0.02 
_refine.aniso_B[1][2]                            0.00 
_refine.aniso_B[1][3]                            0.00 
_refine.aniso_B[2][2]                            0.02 
_refine.aniso_B[2][3]                            0.00 
_refine.aniso_B[3][3]                            -0.04 
_refine.B_iso_max                                ? 
_refine.B_iso_mean                               37.123 
_refine.B_iso_min                                ? 
_refine.correlation_coeff_Fo_to_Fc               0.953 
_refine.correlation_coeff_Fo_to_Fc_free          0.933 
_refine.details                                  'HYDROGENS HAVE BEEN ADDED IN THE RIDING POSITIONS' 
_refine.diff_density_max                         ? 
_refine.diff_density_max_esd                     ? 
_refine.diff_density_min                         ? 
_refine.diff_density_min_esd                     ? 
_refine.diff_density_rms                         ? 
_refine.diff_density_rms_esd                     ? 
_refine.entry_id                                 5NJ0 
_refine.pdbx_refine_id                           'X-RAY DIFFRACTION' 
_refine.ls_abs_structure_details                 ? 
_refine.ls_abs_structure_Flack                   ? 
_refine.ls_abs_structure_Flack_esd               ? 
_refine.ls_abs_structure_Rogers                  ? 
_refine.ls_abs_structure_Rogers_esd              ? 
_refine.ls_d_res_high                            2.10 
_refine.ls_d_res_low                             85.85 
_refine.ls_extinction_coef                       ? 
_refine.ls_extinction_coef_esd                   ? 
_refine.ls_extinction_expression                 ? 
_refine.ls_extinction_method                     ? 
_refine.ls_goodness_of_fit_all                   ? 
_refine.ls_goodness_of_fit_all_esd               ? 
_refine.ls_goodness_of_fit_obs                   ? 
_refine.ls_goodness_of_fit_obs_esd               ? 
_refine.ls_hydrogen_treatment                    ? 
_refine.ls_matrix_type                           ? 
_refine.ls_number_constraints                    ? 
_refine.ls_number_parameters                     ? 
_refine.ls_number_reflns_all                     ? 
_refine.ls_number_reflns_obs                     14449 
_refine.ls_number_reflns_R_free                  761 
_refine.ls_number_reflns_R_work                  ? 
_refine.ls_number_restraints                     ? 
_refine.ls_percent_reflns_obs                    99.71 
_refine.ls_percent_reflns_R_free                 5.0 
_refine.ls_R_factor_all                          ? 
_refine.ls_R_factor_obs                          0.18265 
_refine.ls_R_factor_R_free                       0.22296 
_refine.ls_R_factor_R_free_error                 ? 
_refine.ls_R_factor_R_free_error_details         ? 
_refine.ls_R_factor_R_work                       0.18053 
_refine.ls_R_Fsqd_factor_obs                     ? 
_refine.ls_R_I_factor_obs                        ? 
_refine.ls_redundancy_reflns_all                 ? 
_refine.ls_redundancy_reflns_obs                 ? 
_refine.ls_restrained_S_all                      ? 
_refine.ls_restrained_S_obs                      ? 
_refine.ls_shift_over_esd_max                    ? 
_refine.ls_shift_over_esd_mean                   ? 
_refine.ls_structure_factor_coef                 ? 
_refine.ls_weighting_details                     ? 
_refine.ls_weighting_scheme                      ? 
_refine.ls_wR_factor_all                         ? 
_refine.ls_wR_factor_obs                         ? 
_refine.ls_wR_factor_R_free                      ? 
_refine.ls_wR_factor_R_work                      ? 
_refine.occupancy_max                            ? 
_refine.occupancy_min                            ? 
_refine.solvent_model_details                    ? 
_refine.solvent_model_param_bsol                 ? 
_refine.solvent_model_param_ksol                 ? 
_refine.ls_R_factor_gt                           ? 
_refine.ls_goodness_of_fit_gt                    ? 
_refine.ls_goodness_of_fit_ref                   ? 
_refine.ls_shift_over_su_max                     ? 
_refine.ls_shift_over_su_max_lt                  ? 
_refine.ls_shift_over_su_mean                    ? 
_refine.ls_shift_over_su_mean_lt                 ? 
_refine.pdbx_ls_sigma_I                          ? 
_refine.pdbx_ls_sigma_F                          ? 
_refine.pdbx_ls_sigma_Fsqd                       ? 
_refine.pdbx_data_cutoff_high_absF               ? 
_refine.pdbx_data_cutoff_high_rms_absF           ? 
_refine.pdbx_data_cutoff_low_absF                ? 
_refine.pdbx_isotropic_thermal_model             ? 
_refine.pdbx_ls_cross_valid_method               THROUGHOUT 
_refine.pdbx_method_to_determine_struct          'MOLECULAR REPLACEMENT' 
_refine.pdbx_starting_model                      ? 
_refine.pdbx_stereochemistry_target_values       ? 
_refine.pdbx_R_Free_selection_details            RANDOM 
_refine.pdbx_stereochem_target_val_spec_case     ? 
_refine.pdbx_overall_ESU_R                       0.174 
_refine.pdbx_overall_ESU_R_Free                  0.160 
_refine.pdbx_solvent_vdw_probe_radii             1.20 
_refine.pdbx_solvent_ion_probe_radii             0.80 
_refine.pdbx_solvent_shrinkage_radii             0.80 
_refine.pdbx_real_space_R                        ? 
_refine.pdbx_density_correlation                 ? 
_refine.pdbx_pd_number_of_powder_patterns        ? 
_refine.pdbx_pd_number_of_points                 ? 
_refine.pdbx_pd_meas_number_of_points            ? 
_refine.pdbx_pd_proc_ls_prof_R_factor            ? 
_refine.pdbx_pd_proc_ls_prof_wR_factor           ? 
_refine.pdbx_pd_Marquardt_correlation_coeff      ? 
_refine.pdbx_pd_Fsqrd_R_factor                   ? 
_refine.pdbx_pd_ls_matrix_band_width             ? 
_refine.pdbx_overall_phase_error                 ? 
_refine.pdbx_overall_SU_R_free_Cruickshank_DPI   ? 
_refine.pdbx_overall_SU_R_free_Blow_DPI          ? 
_refine.pdbx_overall_SU_R_Blow_DPI               ? 
_refine.pdbx_TLS_residual_ADP_flag               ? 
_refine.pdbx_diffrn_id                           1 
_refine.overall_SU_B                             4.339 
_refine.overall_SU_ML                            0.114 
_refine.overall_SU_R_Cruickshank_DPI             ? 
_refine.overall_SU_R_free                        ? 
_refine.overall_FOM_free_R_set                   ? 
_refine.overall_FOM_work_R_set                   ? 
_refine.pdbx_average_fsc_overall                 ? 
_refine.pdbx_average_fsc_work                    ? 
_refine.pdbx_average_fsc_free                    ? 
# 
_refine_hist.pdbx_refine_id                   'X-RAY DIFFRACTION' 
_refine_hist.cycle_id                         1 
_refine_hist.pdbx_number_atoms_protein        1485 
_refine_hist.pdbx_number_atoms_nucleic_acid   0 
_refine_hist.pdbx_number_atoms_ligand         29 
_refine_hist.number_atoms_solvent             84 
_refine_hist.number_atoms_total               1598 
_refine_hist.d_res_high                       2.10 
_refine_hist.d_res_low                        85.85 
# 
loop_
_refine_ls_restr.pdbx_refine_id 
_refine_ls_restr.criterion 
_refine_ls_restr.dev_ideal 
_refine_ls_restr.dev_ideal_target 
_refine_ls_restr.number 
_refine_ls_restr.rejects 
_refine_ls_restr.type 
_refine_ls_restr.weight 
_refine_ls_restr.pdbx_restraint_function 
'X-RAY DIFFRACTION' ? 0.015  0.019  1574 ? r_bond_refined_d             ? ? 
'X-RAY DIFFRACTION' ? 0.001  0.020  1474 ? r_bond_other_d               ? ? 
'X-RAY DIFFRACTION' ? 1.619  1.955  2152 ? r_angle_refined_deg          ? ? 
'X-RAY DIFFRACTION' ? 0.928  3.004  3368 ? r_angle_other_deg            ? ? 
'X-RAY DIFFRACTION' ? 5.446  5.000  198  ? r_dihedral_angle_1_deg       ? ? 
'X-RAY DIFFRACTION' ? 44.261 23.662 71   ? r_dihedral_angle_2_deg       ? ? 
'X-RAY DIFFRACTION' ? 14.962 15.000 239  ? r_dihedral_angle_3_deg       ? ? 
'X-RAY DIFFRACTION' ? 14.429 15.000 12   ? r_dihedral_angle_4_deg       ? ? 
'X-RAY DIFFRACTION' ? 0.102  0.200  247  ? r_chiral_restr               ? ? 
'X-RAY DIFFRACTION' ? 0.011  0.020  1801 ? r_gen_planes_refined         ? ? 
'X-RAY DIFFRACTION' ? 0.002  0.020  374  ? r_gen_planes_other           ? ? 
'X-RAY DIFFRACTION' ? ?      ?      ?    ? r_nbd_refined                ? ? 
'X-RAY DIFFRACTION' ? ?      ?      ?    ? r_nbd_other                  ? ? 
'X-RAY DIFFRACTION' ? ?      ?      ?    ? r_nbtor_refined              ? ? 
'X-RAY DIFFRACTION' ? ?      ?      ?    ? r_nbtor_other                ? ? 
'X-RAY DIFFRACTION' ? ?      ?      ?    ? r_xyhbond_nbd_refined        ? ? 
'X-RAY DIFFRACTION' ? ?      ?      ?    ? r_xyhbond_nbd_other          ? ? 
'X-RAY DIFFRACTION' ? ?      ?      ?    ? r_metal_ion_refined          ? ? 
'X-RAY DIFFRACTION' ? ?      ?      ?    ? r_metal_ion_other            ? ? 
'X-RAY DIFFRACTION' ? ?      ?      ?    ? r_symmetry_vdw_refined       ? ? 
'X-RAY DIFFRACTION' ? ?      ?      ?    ? r_symmetry_vdw_other         ? ? 
'X-RAY DIFFRACTION' ? ?      ?      ?    ? r_symmetry_hbond_refined     ? ? 
'X-RAY DIFFRACTION' ? ?      ?      ?    ? r_symmetry_hbond_other       ? ? 
'X-RAY DIFFRACTION' ? ?      ?      ?    ? r_symmetry_metal_ion_refined ? ? 
'X-RAY DIFFRACTION' ? ?      ?      ?    ? r_symmetry_metal_ion_other   ? ? 
'X-RAY DIFFRACTION' ? 3.492  3.514  780  ? r_mcbond_it                  ? ? 
'X-RAY DIFFRACTION' ? 3.475  3.510  779  ? r_mcbond_other               ? ? 
'X-RAY DIFFRACTION' ? 5.142  5.245  976  ? r_mcangle_it                 ? ? 
'X-RAY DIFFRACTION' ? 5.141  5.251  977  ? r_mcangle_other              ? ? 
'X-RAY DIFFRACTION' ? 4.268  3.820  794  ? r_scbond_it                  ? ? 
'X-RAY DIFFRACTION' ? 4.232  3.811  791  ? r_scbond_other               ? ? 
'X-RAY DIFFRACTION' ? ?      ?      ?    ? r_scangle_it                 ? ? 
'X-RAY DIFFRACTION' ? 6.340  5.558  1169 ? r_scangle_other              ? ? 
'X-RAY DIFFRACTION' ? 8.583  28.622 1944 ? r_long_range_B_refined       ? ? 
'X-RAY DIFFRACTION' ? 8.423  28.496 1925 ? r_long_range_B_other         ? ? 
'X-RAY DIFFRACTION' ? ?      ?      ?    ? r_rigid_bond_restr           ? ? 
'X-RAY DIFFRACTION' ? ?      ?      ?    ? r_sphericity_free            ? ? 
'X-RAY DIFFRACTION' ? ?      ?      ?    ? r_sphericity_bonded          ? ? 
# 
_refine_ls_shell.pdbx_refine_id                   'X-RAY DIFFRACTION' 
_refine_ls_shell.d_res_high                       2.101 
_refine_ls_shell.d_res_low                        2.156 
_refine_ls_shell.number_reflns_all                ? 
_refine_ls_shell.number_reflns_obs                ? 
_refine_ls_shell.number_reflns_R_free             54 
_refine_ls_shell.number_reflns_R_work             984 
_refine_ls_shell.percent_reflns_obs               97.74 
_refine_ls_shell.percent_reflns_R_free            ? 
_refine_ls_shell.R_factor_all                     ? 
_refine_ls_shell.R_factor_obs                     ? 
_refine_ls_shell.R_factor_R_free                  0.263 
_refine_ls_shell.R_factor_R_free_error            ? 
_refine_ls_shell.R_factor_R_work                  0.235 
_refine_ls_shell.redundancy_reflns_all            ? 
_refine_ls_shell.redundancy_reflns_obs            ? 
_refine_ls_shell.wR_factor_all                    ? 
_refine_ls_shell.wR_factor_obs                    ? 
_refine_ls_shell.wR_factor_R_free                 ? 
_refine_ls_shell.wR_factor_R_work                 ? 
_refine_ls_shell.pdbx_total_number_of_bins_used   20 
_refine_ls_shell.pdbx_phase_error                 ? 
_refine_ls_shell.pdbx_fsc_work                    ? 
_refine_ls_shell.pdbx_fsc_free                    ? 
# 
_struct.entry_id                     5NJ0 
_struct.title                        'EthR complex' 
_struct.pdbx_model_details           ? 
_struct.pdbx_formula_weight          ? 
_struct.pdbx_formula_weight_method   ? 
_struct.pdbx_model_type_details      ? 
_struct.pdbx_CASP_flag               N 
# 
_struct_keywords.entry_id        5NJ0 
_struct_keywords.text            'TetR repressor, DNA binding protein, protein ligand complex' 
_struct_keywords.pdbx_keywords   'DNA BINDING PROTEIN' 
# 
loop_
_struct_asym.id 
_struct_asym.pdbx_blank_PDB_chainid_flag 
_struct_asym.pdbx_modified 
_struct_asym.entity_id 
_struct_asym.details 
A N N 1 ? 
B N N 2 ? 
C N N 3 ? 
D N N 4 ? 
# 
_struct_ref.id                         1 
_struct_ref.db_name                    UNP 
_struct_ref.db_code                    ETHR_MYCTU 
_struct_ref.pdbx_db_accession          P9WMC1 
_struct_ref.pdbx_db_isoform            ? 
_struct_ref.entity_id                  1 
_struct_ref.pdbx_seq_one_letter_code   
;MTTSAASQASLPRGRRTARPSGDDRELAILATAENLLEDRPLADISVDDLAKGAGISRPTFYFYFPSKEAVLLTLLDRVV
NQADMALQTLAENPADTDRENMWRTGINVFFETFGSHKAVTRAGQAARATSVEVAELWSTFMQKWIAYTAAVIDAERDRG
AAPRTLPAHELATALNLMNERTLFASFAGEQPSVPEARVLDTLVHIWVTSIYGENR
;
_struct_ref.pdbx_align_begin           1 
# 
_struct_ref_seq.align_id                      1 
_struct_ref_seq.ref_id                        1 
_struct_ref_seq.pdbx_PDB_id_code              5NJ0 
_struct_ref_seq.pdbx_strand_id                A 
_struct_ref_seq.seq_align_beg                 1 
_struct_ref_seq.pdbx_seq_align_beg_ins_code   ? 
_struct_ref_seq.seq_align_end                 216 
_struct_ref_seq.pdbx_seq_align_end_ins_code   ? 
_struct_ref_seq.pdbx_db_accession             P9WMC1 
_struct_ref_seq.db_align_beg                  1 
_struct_ref_seq.pdbx_db_align_beg_ins_code    ? 
_struct_ref_seq.db_align_end                  216 
_struct_ref_seq.pdbx_db_align_end_ins_code    ? 
_struct_ref_seq.pdbx_auth_seq_align_beg       1 
_struct_ref_seq.pdbx_auth_seq_align_end       216 
# 
_pdbx_struct_assembly.id                   1 
_pdbx_struct_assembly.details              author_and_software_defined_assembly 
_pdbx_struct_assembly.method_details       PISA 
_pdbx_struct_assembly.oligomeric_details   dimeric 
_pdbx_struct_assembly.oligomeric_count     2 
# 
loop_
_pdbx_struct_assembly_prop.biol_id 
_pdbx_struct_assembly_prop.type 
_pdbx_struct_assembly_prop.value 
_pdbx_struct_assembly_prop.details 
1 'ABSA (A^2)' 3050  ? 
1 MORE         -47   ? 
1 'SSA (A^2)'  17240 ? 
# 
_pdbx_struct_assembly_gen.assembly_id       1 
_pdbx_struct_assembly_gen.oper_expression   1,2 
_pdbx_struct_assembly_gen.asym_id_list      A,B,C,D 
# 
_pdbx_struct_assembly_auth_evidence.id                     1 
_pdbx_struct_assembly_auth_evidence.assembly_id            1 
_pdbx_struct_assembly_auth_evidence.experimental_support   'gel filtration' 
_pdbx_struct_assembly_auth_evidence.details                dimer 
# 
loop_
_pdbx_struct_oper_list.id 
_pdbx_struct_oper_list.type 
_pdbx_struct_oper_list.name 
_pdbx_struct_oper_list.symmetry_operation 
_pdbx_struct_oper_list.matrix[1][1] 
_pdbx_struct_oper_list.matrix[1][2] 
_pdbx_struct_oper_list.matrix[1][3] 
_pdbx_struct_oper_list.vector[1] 
_pdbx_struct_oper_list.matrix[2][1] 
_pdbx_struct_oper_list.matrix[2][2] 
_pdbx_struct_oper_list.matrix[2][3] 
_pdbx_struct_oper_list.vector[2] 
_pdbx_struct_oper_list.matrix[3][1] 
_pdbx_struct_oper_list.matrix[3][2] 
_pdbx_struct_oper_list.matrix[3][3] 
_pdbx_struct_oper_list.vector[3] 
1 'identity operation'         1_555 x,y,z  1.0000000000  0.0000000000  0.0000000000  0.0000000000  0.0000000000  1.0000000000 0.0000000000 0.0000000000  0.0000000000  0.0000000000 1.0000000000  0.0000000000  
2 'crystal symmetry operation' 7_555 y,x,-z -0.2380389036 -0.9317726034 -0.2741118312 17.5491105802 -0.9317726034 0.1394284938 0.3352007022 16.4322948490 -0.2741118312 0.3352007022 -0.9013895902 -7.0752969837 
# 
loop_
_struct_conf.conf_type_id 
_struct_conf.id 
_struct_conf.pdbx_PDB_helix_id 
_struct_conf.beg_label_comp_id 
_struct_conf.beg_label_asym_id 
_struct_conf.beg_label_seq_id 
_struct_conf.pdbx_beg_PDB_ins_code 
_struct_conf.end_label_comp_id 
_struct_conf.end_label_asym_id 
_struct_conf.end_label_seq_id 
_struct_conf.pdbx_end_PDB_ins_code 
_struct_conf.beg_auth_comp_id 
_struct_conf.beg_auth_asym_id 
_struct_conf.beg_auth_seq_id 
_struct_conf.end_auth_comp_id 
_struct_conf.end_auth_asym_id 
_struct_conf.end_auth_seq_id 
_struct_conf.pdbx_PDB_helix_class 
_struct_conf.details 
_struct_conf.pdbx_PDB_helix_length 
HELX_P HELX_P1  AA1 ASP A 23  ? ARG A 40  ? ASP A 23  ARG A 40  1 ? 18 
HELX_P HELX_P2  AA2 PRO A 41  ? ILE A 45  ? PRO A 41  ILE A 45  5 ? 5  
HELX_P HELX_P3  AA3 SER A 46  ? GLY A 55  ? SER A 46  GLY A 55  1 ? 10 
HELX_P HELX_P4  AA4 SER A 57  ? PHE A 65  ? SER A 57  PHE A 65  1 ? 9  
HELX_P HELX_P5  AA5 SER A 67  ? ASN A 93  ? SER A 67  ASN A 93  1 ? 27 
HELX_P HELX_P6  AA6 ASP A 98  ? SER A 116 ? ASP A 98  SER A 116 1 ? 19 
HELX_P HELX_P7  AA7 HIS A 117 ? SER A 131 ? HIS A 117 SER A 131 1 ? 15 
HELX_P HELX_P8  AA8 SER A 131 ? ARG A 159 ? SER A 131 ARG A 159 1 ? 29 
HELX_P HELX_P9  AA9 PRO A 167 ? ALA A 188 ? PRO A 167 ALA A 188 1 ? 22 
HELX_P HELX_P10 AB1 PRO A 195 ? GLY A 213 ? PRO A 195 GLY A 213 1 ? 19 
# 
_struct_conf_type.id          HELX_P 
_struct_conf_type.criteria    ? 
_struct_conf_type.reference   ? 
# 
_struct_mon_prot_cis.pdbx_id                1 
_struct_mon_prot_cis.label_comp_id          GLN 
_struct_mon_prot_cis.label_seq_id           191 
_struct_mon_prot_cis.label_asym_id          A 
_struct_mon_prot_cis.label_alt_id           . 
_struct_mon_prot_cis.pdbx_PDB_ins_code      ? 
_struct_mon_prot_cis.auth_comp_id           GLN 
_struct_mon_prot_cis.auth_seq_id            191 
_struct_mon_prot_cis.auth_asym_id           A 
_struct_mon_prot_cis.pdbx_label_comp_id_2   PRO 
_struct_mon_prot_cis.pdbx_label_seq_id_2    192 
_struct_mon_prot_cis.pdbx_label_asym_id_2   A 
_struct_mon_prot_cis.pdbx_PDB_ins_code_2    ? 
_struct_mon_prot_cis.pdbx_auth_comp_id_2    PRO 
_struct_mon_prot_cis.pdbx_auth_seq_id_2     192 
_struct_mon_prot_cis.pdbx_auth_asym_id_2    A 
_struct_mon_prot_cis.pdbx_PDB_model_num     1 
_struct_mon_prot_cis.pdbx_omega_angle       2.07 
# 
loop_
_struct_site.id 
_struct_site.pdbx_evidence_code 
_struct_site.pdbx_auth_asym_id 
_struct_site.pdbx_auth_comp_id 
_struct_site.pdbx_auth_seq_id 
_struct_site.pdbx_auth_ins_code 
_struct_site.pdbx_num_residues 
_struct_site.details 
AC1 Software A 8YW 301 ? 13 'binding site for residue 8YW A 301' 
AC2 Software A SO4 302 ? 4  'binding site for residue SO4 A 302' 
# 
loop_
_struct_site_gen.id 
_struct_site_gen.site_id 
_struct_site_gen.pdbx_num_res 
_struct_site_gen.label_comp_id 
_struct_site_gen.label_asym_id 
_struct_site_gen.label_seq_id 
_struct_site_gen.pdbx_auth_ins_code 
_struct_site_gen.auth_comp_id 
_struct_site_gen.auth_asym_id 
_struct_site_gen.auth_seq_id 
_struct_site_gen.label_atom_id 
_struct_site_gen.label_alt_id 
_struct_site_gen.symmetry 
_struct_site_gen.details 
1  AC1 13 MET A 102 ? MET A 102 . ? 1_555 ? 
2  AC1 13 TRP A 103 ? TRP A 103 . ? 1_555 ? 
3  AC1 13 PHE A 110 ? PHE A 110 . ? 1_555 ? 
4  AC1 13 TRP A 138 ? TRP A 138 . ? 1_555 ? 
5  AC1 13 MET A 142 ? MET A 142 . ? 1_555 ? 
6  AC1 13 TRP A 145 ? TRP A 145 . ? 1_555 ? 
7  AC1 13 TYR A 148 ? TYR A 148 . ? 1_555 ? 
8  AC1 13 THR A 149 ? THR A 149 . ? 1_555 ? 
9  AC1 13 ASN A 176 ? ASN A 176 . ? 1_555 ? 
10 AC1 13 ASN A 179 ? ASN A 179 . ? 1_555 ? 
11 AC1 13 GLU A 180 ? GLU A 180 . ? 1_555 ? 
12 AC1 13 LEU A 183 ? LEU A 183 . ? 1_555 ? 
13 AC1 13 PHE A 184 ? PHE A 184 . ? 1_555 ? 
14 AC2 4  SER A 46  ? SER A 46  . ? 1_555 ? 
15 AC2 4  VAL A 47  ? VAL A 47  . ? 1_555 ? 
16 AC2 4  ASP A 48  ? ASP A 48  . ? 1_555 ? 
17 AC2 4  ARG A 58  ? ARG A 58  . ? 1_555 ? 
# 
_pdbx_validate_symm_contact.id                1 
_pdbx_validate_symm_contact.PDB_model_num     1 
_pdbx_validate_symm_contact.auth_atom_id_1    O 
_pdbx_validate_symm_contact.auth_asym_id_1    A 
_pdbx_validate_symm_contact.auth_comp_id_1    HOH 
_pdbx_validate_symm_contact.auth_seq_id_1     440 
_pdbx_validate_symm_contact.PDB_ins_code_1    ? 
_pdbx_validate_symm_contact.label_alt_id_1    ? 
_pdbx_validate_symm_contact.site_symmetry_1   1_555 
_pdbx_validate_symm_contact.auth_atom_id_2    O 
_pdbx_validate_symm_contact.auth_asym_id_2    A 
_pdbx_validate_symm_contact.auth_comp_id_2    HOH 
_pdbx_validate_symm_contact.auth_seq_id_2     440 
_pdbx_validate_symm_contact.PDB_ins_code_2    ? 
_pdbx_validate_symm_contact.label_alt_id_2    ? 
_pdbx_validate_symm_contact.site_symmetry_2   7_555 
_pdbx_validate_symm_contact.dist              1.87 
# 
loop_
_pdbx_validate_torsion.id 
_pdbx_validate_torsion.PDB_model_num 
_pdbx_validate_torsion.auth_comp_id 
_pdbx_validate_torsion.auth_asym_id 
_pdbx_validate_torsion.auth_seq_id 
_pdbx_validate_torsion.PDB_ins_code 
_pdbx_validate_torsion.label_alt_id 
_pdbx_validate_torsion.phi 
_pdbx_validate_torsion.psi 
1 1 ALA A 43  ? ? -37.57  -39.46  
2 1 PRO A 94  ? ? -53.26  84.90   
3 1 ALA A 95  ? ? -49.88  106.69  
4 1 ASP A 96  ? ? -62.74  94.63   
5 1 HIS A 117 ? ? -140.38 53.79   
6 1 THR A 165 ? ? -102.14 -109.86 
# 
loop_
_pdbx_struct_special_symmetry.id 
_pdbx_struct_special_symmetry.PDB_model_num 
_pdbx_struct_special_symmetry.auth_asym_id 
_pdbx_struct_special_symmetry.auth_comp_id 
_pdbx_struct_special_symmetry.auth_seq_id 
_pdbx_struct_special_symmetry.PDB_ins_code 
_pdbx_struct_special_symmetry.label_asym_id 
_pdbx_struct_special_symmetry.label_comp_id 
_pdbx_struct_special_symmetry.label_seq_id 
1 1 A HOH 401 ? D HOH . 
2 1 A HOH 477 ? D HOH . 
# 
loop_
_pdbx_unobs_or_zero_occ_residues.id 
_pdbx_unobs_or_zero_occ_residues.PDB_model_num 
_pdbx_unobs_or_zero_occ_residues.polymer_flag 
_pdbx_unobs_or_zero_occ_residues.occupancy_flag 
_pdbx_unobs_or_zero_occ_residues.auth_asym_id 
_pdbx_unobs_or_zero_occ_residues.auth_comp_id 
_pdbx_unobs_or_zero_occ_residues.auth_seq_id 
_pdbx_unobs_or_zero_occ_residues.PDB_ins_code 
_pdbx_unobs_or_zero_occ_residues.label_asym_id 
_pdbx_unobs_or_zero_occ_residues.label_comp_id 
_pdbx_unobs_or_zero_occ_residues.label_seq_id 
1  1 Y 1 A MET 1   ? A MET 1   
2  1 Y 1 A THR 2   ? A THR 2   
3  1 Y 1 A THR 3   ? A THR 3   
4  1 Y 1 A SER 4   ? A SER 4   
5  1 Y 1 A ALA 5   ? A ALA 5   
6  1 Y 1 A ALA 6   ? A ALA 6   
7  1 Y 1 A SER 7   ? A SER 7   
8  1 Y 1 A GLN 8   ? A GLN 8   
9  1 Y 1 A ALA 9   ? A ALA 9   
10 1 Y 1 A SER 10  ? A SER 10  
11 1 Y 1 A LEU 11  ? A LEU 11  
12 1 Y 1 A PRO 12  ? A PRO 12  
13 1 Y 1 A ARG 13  ? A ARG 13  
14 1 Y 1 A GLY 14  ? A GLY 14  
15 1 Y 1 A ARG 15  ? A ARG 15  
16 1 Y 1 A ARG 16  ? A ARG 16  
17 1 Y 1 A THR 17  ? A THR 17  
18 1 Y 1 A ALA 18  ? A ALA 18  
19 1 Y 1 A ARG 19  ? A ARG 19  
20 1 Y 1 A PRO 20  ? A PRO 20  
21 1 Y 1 A SER 21  ? A SER 21  
22 1 Y 1 A GLY 22  ? A GLY 22  
23 1 Y 1 A ARG 216 ? A ARG 216 
# 
loop_
_chem_comp_atom.comp_id 
_chem_comp_atom.atom_id 
_chem_comp_atom.type_symbol 
_chem_comp_atom.pdbx_aromatic_flag 
_chem_comp_atom.pdbx_stereo_config 
_chem_comp_atom.pdbx_ordinal 
8YW O24  O N N 1   
8YW O25  O N N 2   
8YW N23  N N N 3   
8YW C3   C Y N 4   
8YW C4   C Y N 5   
8YW C5   C Y N 6   
8YW C2   C Y N 7   
8YW C1   C Y N 8   
8YW C6   C Y N 9   
8YW C7   C N R 10  
8YW O22  O N N 11  
8YW C9   C N N 12  
8YW N10  N N N 13  
8YW C11  C N N 14  
8YW O12  O N N 15  
8YW C13  C Y N 16  
8YW C18  C Y N 17  
8YW C17  C Y N 18  
8YW O19  O N N 19  
8YW C20  C N N 20  
8YW O21  O N N 21  
8YW C16  C Y N 22  
8YW C15  C Y N 23  
8YW C14  C Y N 24  
8YW H1   H N N 25  
8YW H2   H N N 26  
8YW H3   H N N 27  
8YW H4   H N N 28  
8YW H5   H N N 29  
8YW H6   H N N 30  
8YW H7   H N N 31  
8YW H8   H N N 32  
8YW H9   H N N 33  
8YW H10  H N N 34  
8YW H11  H N N 35  
8YW H12  H N N 36  
8YW H13  H N N 37  
8YW H15  H N N 38  
ALA N    N N N 39  
ALA CA   C N S 40  
ALA C    C N N 41  
ALA O    O N N 42  
ALA CB   C N N 43  
ALA OXT  O N N 44  
ALA H    H N N 45  
ALA H2   H N N 46  
ALA HA   H N N 47  
ALA HB1  H N N 48  
ALA HB2  H N N 49  
ALA HB3  H N N 50  
ALA HXT  H N N 51  
ARG N    N N N 52  
ARG CA   C N S 53  
ARG C    C N N 54  
ARG O    O N N 55  
ARG CB   C N N 56  
ARG CG   C N N 57  
ARG CD   C N N 58  
ARG NE   N N N 59  
ARG CZ   C N N 60  
ARG NH1  N N N 61  
ARG NH2  N N N 62  
ARG OXT  O N N 63  
ARG H    H N N 64  
ARG H2   H N N 65  
ARG HA   H N N 66  
ARG HB2  H N N 67  
ARG HB3  H N N 68  
ARG HG2  H N N 69  
ARG HG3  H N N 70  
ARG HD2  H N N 71  
ARG HD3  H N N 72  
ARG HE   H N N 73  
ARG HH11 H N N 74  
ARG HH12 H N N 75  
ARG HH21 H N N 76  
ARG HH22 H N N 77  
ARG HXT  H N N 78  
ASN N    N N N 79  
ASN CA   C N S 80  
ASN C    C N N 81  
ASN O    O N N 82  
ASN CB   C N N 83  
ASN CG   C N N 84  
ASN OD1  O N N 85  
ASN ND2  N N N 86  
ASN OXT  O N N 87  
ASN H    H N N 88  
ASN H2   H N N 89  
ASN HA   H N N 90  
ASN HB2  H N N 91  
ASN HB3  H N N 92  
ASN HD21 H N N 93  
ASN HD22 H N N 94  
ASN HXT  H N N 95  
ASP N    N N N 96  
ASP CA   C N S 97  
ASP C    C N N 98  
ASP O    O N N 99  
ASP CB   C N N 100 
ASP CG   C N N 101 
ASP OD1  O N N 102 
ASP OD2  O N N 103 
ASP OXT  O N N 104 
ASP H    H N N 105 
ASP H2   H N N 106 
ASP HA   H N N 107 
ASP HB2  H N N 108 
ASP HB3  H N N 109 
ASP HD2  H N N 110 
ASP HXT  H N N 111 
GLN N    N N N 112 
GLN CA   C N S 113 
GLN C    C N N 114 
GLN O    O N N 115 
GLN CB   C N N 116 
GLN CG   C N N 117 
GLN CD   C N N 118 
GLN OE1  O N N 119 
GLN NE2  N N N 120 
GLN OXT  O N N 121 
GLN H    H N N 122 
GLN H2   H N N 123 
GLN HA   H N N 124 
GLN HB2  H N N 125 
GLN HB3  H N N 126 
GLN HG2  H N N 127 
GLN HG3  H N N 128 
GLN HE21 H N N 129 
GLN HE22 H N N 130 
GLN HXT  H N N 131 
GLU N    N N N 132 
GLU CA   C N S 133 
GLU C    C N N 134 
GLU O    O N N 135 
GLU CB   C N N 136 
GLU CG   C N N 137 
GLU CD   C N N 138 
GLU OE1  O N N 139 
GLU OE2  O N N 140 
GLU OXT  O N N 141 
GLU H    H N N 142 
GLU H2   H N N 143 
GLU HA   H N N 144 
GLU HB2  H N N 145 
GLU HB3  H N N 146 
GLU HG2  H N N 147 
GLU HG3  H N N 148 
GLU HE2  H N N 149 
GLU HXT  H N N 150 
GLY N    N N N 151 
GLY CA   C N N 152 
GLY C    C N N 153 
GLY O    O N N 154 
GLY OXT  O N N 155 
GLY H    H N N 156 
GLY H2   H N N 157 
GLY HA2  H N N 158 
GLY HA3  H N N 159 
GLY HXT  H N N 160 
HIS N    N N N 161 
HIS CA   C N S 162 
HIS C    C N N 163 
HIS O    O N N 164 
HIS CB   C N N 165 
HIS CG   C Y N 166 
HIS ND1  N Y N 167 
HIS CD2  C Y N 168 
HIS CE1  C Y N 169 
HIS NE2  N Y N 170 
HIS OXT  O N N 171 
HIS H    H N N 172 
HIS H2   H N N 173 
HIS HA   H N N 174 
HIS HB2  H N N 175 
HIS HB3  H N N 176 
HIS HD1  H N N 177 
HIS HD2  H N N 178 
HIS HE1  H N N 179 
HIS HE2  H N N 180 
HIS HXT  H N N 181 
HOH O    O N N 182 
HOH H1   H N N 183 
HOH H2   H N N 184 
ILE N    N N N 185 
ILE CA   C N S 186 
ILE C    C N N 187 
ILE O    O N N 188 
ILE CB   C N S 189 
ILE CG1  C N N 190 
ILE CG2  C N N 191 
ILE CD1  C N N 192 
ILE OXT  O N N 193 
ILE H    H N N 194 
ILE H2   H N N 195 
ILE HA   H N N 196 
ILE HB   H N N 197 
ILE HG12 H N N 198 
ILE HG13 H N N 199 
ILE HG21 H N N 200 
ILE HG22 H N N 201 
ILE HG23 H N N 202 
ILE HD11 H N N 203 
ILE HD12 H N N 204 
ILE HD13 H N N 205 
ILE HXT  H N N 206 
LEU N    N N N 207 
LEU CA   C N S 208 
LEU C    C N N 209 
LEU O    O N N 210 
LEU CB   C N N 211 
LEU CG   C N N 212 
LEU CD1  C N N 213 
LEU CD2  C N N 214 
LEU OXT  O N N 215 
LEU H    H N N 216 
LEU H2   H N N 217 
LEU HA   H N N 218 
LEU HB2  H N N 219 
LEU HB3  H N N 220 
LEU HG   H N N 221 
LEU HD11 H N N 222 
LEU HD12 H N N 223 
LEU HD13 H N N 224 
LEU HD21 H N N 225 
LEU HD22 H N N 226 
LEU HD23 H N N 227 
LEU HXT  H N N 228 
LYS N    N N N 229 
LYS CA   C N S 230 
LYS C    C N N 231 
LYS O    O N N 232 
LYS CB   C N N 233 
LYS CG   C N N 234 
LYS CD   C N N 235 
LYS CE   C N N 236 
LYS NZ   N N N 237 
LYS OXT  O N N 238 
LYS H    H N N 239 
LYS H2   H N N 240 
LYS HA   H N N 241 
LYS HB2  H N N 242 
LYS HB3  H N N 243 
LYS HG2  H N N 244 
LYS HG3  H N N 245 
LYS HD2  H N N 246 
LYS HD3  H N N 247 
LYS HE2  H N N 248 
LYS HE3  H N N 249 
LYS HZ1  H N N 250 
LYS HZ2  H N N 251 
LYS HZ3  H N N 252 
LYS HXT  H N N 253 
MET N    N N N 254 
MET CA   C N S 255 
MET C    C N N 256 
MET O    O N N 257 
MET CB   C N N 258 
MET CG   C N N 259 
MET SD   S N N 260 
MET CE   C N N 261 
MET OXT  O N N 262 
MET H    H N N 263 
MET H2   H N N 264 
MET HA   H N N 265 
MET HB2  H N N 266 
MET HB3  H N N 267 
MET HG2  H N N 268 
MET HG3  H N N 269 
MET HE1  H N N 270 
MET HE2  H N N 271 
MET HE3  H N N 272 
MET HXT  H N N 273 
PHE N    N N N 274 
PHE CA   C N S 275 
PHE C    C N N 276 
PHE O    O N N 277 
PHE CB   C N N 278 
PHE CG   C Y N 279 
PHE CD1  C Y N 280 
PHE CD2  C Y N 281 
PHE CE1  C Y N 282 
PHE CE2  C Y N 283 
PHE CZ   C Y N 284 
PHE OXT  O N N 285 
PHE H    H N N 286 
PHE H2   H N N 287 
PHE HA   H N N 288 
PHE HB2  H N N 289 
PHE HB3  H N N 290 
PHE HD1  H N N 291 
PHE HD2  H N N 292 
PHE HE1  H N N 293 
PHE HE2  H N N 294 
PHE HZ   H N N 295 
PHE HXT  H N N 296 
PRO N    N N N 297 
PRO CA   C N S 298 
PRO C    C N N 299 
PRO O    O N N 300 
PRO CB   C N N 301 
PRO CG   C N N 302 
PRO CD   C N N 303 
PRO OXT  O N N 304 
PRO H    H N N 305 
PRO HA   H N N 306 
PRO HB2  H N N 307 
PRO HB3  H N N 308 
PRO HG2  H N N 309 
PRO HG3  H N N 310 
PRO HD2  H N N 311 
PRO HD3  H N N 312 
PRO HXT  H N N 313 
SER N    N N N 314 
SER CA   C N S 315 
SER C    C N N 316 
SER O    O N N 317 
SER CB   C N N 318 
SER OG   O N N 319 
SER OXT  O N N 320 
SER H    H N N 321 
SER H2   H N N 322 
SER HA   H N N 323 
SER HB2  H N N 324 
SER HB3  H N N 325 
SER HG   H N N 326 
SER HXT  H N N 327 
SO4 S    S N N 328 
SO4 O1   O N N 329 
SO4 O2   O N N 330 
SO4 O3   O N N 331 
SO4 O4   O N N 332 
THR N    N N N 333 
THR CA   C N S 334 
THR C    C N N 335 
THR O    O N N 336 
THR CB   C N R 337 
THR OG1  O N N 338 
THR CG2  C N N 339 
THR OXT  O N N 340 
THR H    H N N 341 
THR H2   H N N 342 
THR HA   H N N 343 
THR HB   H N N 344 
THR HG1  H N N 345 
THR HG21 H N N 346 
THR HG22 H N N 347 
THR HG23 H N N 348 
THR HXT  H N N 349 
TRP N    N N N 350 
TRP CA   C N S 351 
TRP C    C N N 352 
TRP O    O N N 353 
TRP CB   C N N 354 
TRP CG   C Y N 355 
TRP CD1  C Y N 356 
TRP CD2  C Y N 357 
TRP NE1  N Y N 358 
TRP CE2  C Y N 359 
TRP CE3  C Y N 360 
TRP CZ2  C Y N 361 
TRP CZ3  C Y N 362 
TRP CH2  C Y N 363 
TRP OXT  O N N 364 
TRP H    H N N 365 
TRP H2   H N N 366 
TRP HA   H N N 367 
TRP HB2  H N N 368 
TRP HB3  H N N 369 
TRP HD1  H N N 370 
TRP HE1  H N N 371 
TRP HE3  H N N 372 
TRP HZ2  H N N 373 
TRP HZ3  H N N 374 
TRP HH2  H N N 375 
TRP HXT  H N N 376 
TYR N    N N N 377 
TYR CA   C N S 378 
TYR C    C N N 379 
TYR O    O N N 380 
TYR CB   C N N 381 
TYR CG   C Y N 382 
TYR CD1  C Y N 383 
TYR CD2  C Y N 384 
TYR CE1  C Y N 385 
TYR CE2  C Y N 386 
TYR CZ   C Y N 387 
TYR OH   O N N 388 
TYR OXT  O N N 389 
TYR H    H N N 390 
TYR H2   H N N 391 
TYR HA   H N N 392 
TYR HB2  H N N 393 
TYR HB3  H N N 394 
TYR HD1  H N N 395 
TYR HD2  H N N 396 
TYR HE1  H N N 397 
TYR HE2  H N N 398 
TYR HH   H N N 399 
TYR HXT  H N N 400 
VAL N    N N N 401 
VAL CA   C N S 402 
VAL C    C N N 403 
VAL O    O N N 404 
VAL CB   C N N 405 
VAL CG1  C N N 406 
VAL CG2  C N N 407 
VAL OXT  O N N 408 
VAL H    H N N 409 
VAL H2   H N N 410 
VAL HA   H N N 411 
VAL HB   H N N 412 
VAL HG11 H N N 413 
VAL HG12 H N N 414 
VAL HG13 H N N 415 
VAL HG21 H N N 416 
VAL HG22 H N N 417 
VAL HG23 H N N 418 
VAL HXT  H N N 419 
# 
loop_
_chem_comp_bond.comp_id 
_chem_comp_bond.atom_id_1 
_chem_comp_bond.atom_id_2 
_chem_comp_bond.value_order 
_chem_comp_bond.pdbx_aromatic_flag 
_chem_comp_bond.pdbx_stereo_config 
_chem_comp_bond.pdbx_ordinal 
8YW O19 C20  sing N N 1   
8YW O19 C17  sing N N 2   
8YW C20 O21  sing N N 3   
8YW C17 C18  doub Y N 4   
8YW C17 C16  sing Y N 5   
8YW C18 C13  sing Y N 6   
8YW O21 C16  sing N N 7   
8YW O12 C11  doub N N 8   
8YW C16 C15  doub Y N 9   
8YW C13 C11  sing N N 10  
8YW C13 C14  doub Y N 11  
8YW C11 N10  sing N N 12  
8YW C15 C14  sing Y N 13  
8YW O25 N23  sing N N 14  
8YW C9  N10  sing N N 15  
8YW C9  C7   sing N N 16  
8YW C5  C4   doub Y N 17  
8YW C5  C6   sing Y N 18  
8YW C4  C3   sing Y N 19  
8YW N23 C3   sing N N 20  
8YW N23 O24  doub N N 21  
8YW C6  C7   sing N N 22  
8YW C6  C1   doub Y N 23  
8YW C3  C2   doub Y N 24  
8YW C7  O22  sing N N 25  
8YW C1  C2   sing Y N 26  
8YW C4  H1   sing N N 27  
8YW C5  H2   sing N N 28  
8YW C2  H3   sing N N 29  
8YW C1  H4   sing N N 30  
8YW C7  H5   sing N N 31  
8YW O22 H6   sing N N 32  
8YW C9  H7   sing N N 33  
8YW C9  H8   sing N N 34  
8YW N10 H9   sing N N 35  
8YW C18 H10  sing N N 36  
8YW C20 H11  sing N N 37  
8YW C15 H12  sing N N 38  
8YW C14 H13  sing N N 39  
8YW C20 H15  sing N N 40  
ALA N   CA   sing N N 41  
ALA N   H    sing N N 42  
ALA N   H2   sing N N 43  
ALA CA  C    sing N N 44  
ALA CA  CB   sing N N 45  
ALA CA  HA   sing N N 46  
ALA C   O    doub N N 47  
ALA C   OXT  sing N N 48  
ALA CB  HB1  sing N N 49  
ALA CB  HB2  sing N N 50  
ALA CB  HB3  sing N N 51  
ALA OXT HXT  sing N N 52  
ARG N   CA   sing N N 53  
ARG N   H    sing N N 54  
ARG N   H2   sing N N 55  
ARG CA  C    sing N N 56  
ARG CA  CB   sing N N 57  
ARG CA  HA   sing N N 58  
ARG C   O    doub N N 59  
ARG C   OXT  sing N N 60  
ARG CB  CG   sing N N 61  
ARG CB  HB2  sing N N 62  
ARG CB  HB3  sing N N 63  
ARG CG  CD   sing N N 64  
ARG CG  HG2  sing N N 65  
ARG CG  HG3  sing N N 66  
ARG CD  NE   sing N N 67  
ARG CD  HD2  sing N N 68  
ARG CD  HD3  sing N N 69  
ARG NE  CZ   sing N N 70  
ARG NE  HE   sing N N 71  
ARG CZ  NH1  sing N N 72  
ARG CZ  NH2  doub N N 73  
ARG NH1 HH11 sing N N 74  
ARG NH1 HH12 sing N N 75  
ARG NH2 HH21 sing N N 76  
ARG NH2 HH22 sing N N 77  
ARG OXT HXT  sing N N 78  
ASN N   CA   sing N N 79  
ASN N   H    sing N N 80  
ASN N   H2   sing N N 81  
ASN CA  C    sing N N 82  
ASN CA  CB   sing N N 83  
ASN CA  HA   sing N N 84  
ASN C   O    doub N N 85  
ASN C   OXT  sing N N 86  
ASN CB  CG   sing N N 87  
ASN CB  HB2  sing N N 88  
ASN CB  HB3  sing N N 89  
ASN CG  OD1  doub N N 90  
ASN CG  ND2  sing N N 91  
ASN ND2 HD21 sing N N 92  
ASN ND2 HD22 sing N N 93  
ASN OXT HXT  sing N N 94  
ASP N   CA   sing N N 95  
ASP N   H    sing N N 96  
ASP N   H2   sing N N 97  
ASP CA  C    sing N N 98  
ASP CA  CB   sing N N 99  
ASP CA  HA   sing N N 100 
ASP C   O    doub N N 101 
ASP C   OXT  sing N N 102 
ASP CB  CG   sing N N 103 
ASP CB  HB2  sing N N 104 
ASP CB  HB3  sing N N 105 
ASP CG  OD1  doub N N 106 
ASP CG  OD2  sing N N 107 
ASP OD2 HD2  sing N N 108 
ASP OXT HXT  sing N N 109 
GLN N   CA   sing N N 110 
GLN N   H    sing N N 111 
GLN N   H2   sing N N 112 
GLN CA  C    sing N N 113 
GLN CA  CB   sing N N 114 
GLN CA  HA   sing N N 115 
GLN C   O    doub N N 116 
GLN C   OXT  sing N N 117 
GLN CB  CG   sing N N 118 
GLN CB  HB2  sing N N 119 
GLN CB  HB3  sing N N 120 
GLN CG  CD   sing N N 121 
GLN CG  HG2  sing N N 122 
GLN CG  HG3  sing N N 123 
GLN CD  OE1  doub N N 124 
GLN CD  NE2  sing N N 125 
GLN NE2 HE21 sing N N 126 
GLN NE2 HE22 sing N N 127 
GLN OXT HXT  sing N N 128 
GLU N   CA   sing N N 129 
GLU N   H    sing N N 130 
GLU N   H2   sing N N 131 
GLU CA  C    sing N N 132 
GLU CA  CB   sing N N 133 
GLU CA  HA   sing N N 134 
GLU C   O    doub N N 135 
GLU C   OXT  sing N N 136 
GLU CB  CG   sing N N 137 
GLU CB  HB2  sing N N 138 
GLU CB  HB3  sing N N 139 
GLU CG  CD   sing N N 140 
GLU CG  HG2  sing N N 141 
GLU CG  HG3  sing N N 142 
GLU CD  OE1  doub N N 143 
GLU CD  OE2  sing N N 144 
GLU OE2 HE2  sing N N 145 
GLU OXT HXT  sing N N 146 
GLY N   CA   sing N N 147 
GLY N   H    sing N N 148 
GLY N   H2   sing N N 149 
GLY CA  C    sing N N 150 
GLY CA  HA2  sing N N 151 
GLY CA  HA3  sing N N 152 
GLY C   O    doub N N 153 
GLY C   OXT  sing N N 154 
GLY OXT HXT  sing N N 155 
HIS N   CA   sing N N 156 
HIS N   H    sing N N 157 
HIS N   H2   sing N N 158 
HIS CA  C    sing N N 159 
HIS CA  CB   sing N N 160 
HIS CA  HA   sing N N 161 
HIS C   O    doub N N 162 
HIS C   OXT  sing N N 163 
HIS CB  CG   sing N N 164 
HIS CB  HB2  sing N N 165 
HIS CB  HB3  sing N N 166 
HIS CG  ND1  sing Y N 167 
HIS CG  CD2  doub Y N 168 
HIS ND1 CE1  doub Y N 169 
HIS ND1 HD1  sing N N 170 
HIS CD2 NE2  sing Y N 171 
HIS CD2 HD2  sing N N 172 
HIS CE1 NE2  sing Y N 173 
HIS CE1 HE1  sing N N 174 
HIS NE2 HE2  sing N N 175 
HIS OXT HXT  sing N N 176 
HOH O   H1   sing N N 177 
HOH O   H2   sing N N 178 
ILE N   CA   sing N N 179 
ILE N   H    sing N N 180 
ILE N   H2   sing N N 181 
ILE CA  C    sing N N 182 
ILE CA  CB   sing N N 183 
ILE CA  HA   sing N N 184 
ILE C   O    doub N N 185 
ILE C   OXT  sing N N 186 
ILE CB  CG1  sing N N 187 
ILE CB  CG2  sing N N 188 
ILE CB  HB   sing N N 189 
ILE CG1 CD1  sing N N 190 
ILE CG1 HG12 sing N N 191 
ILE CG1 HG13 sing N N 192 
ILE CG2 HG21 sing N N 193 
ILE CG2 HG22 sing N N 194 
ILE CG2 HG23 sing N N 195 
ILE CD1 HD11 sing N N 196 
ILE CD1 HD12 sing N N 197 
ILE CD1 HD13 sing N N 198 
ILE OXT HXT  sing N N 199 
LEU N   CA   sing N N 200 
LEU N   H    sing N N 201 
LEU N   H2   sing N N 202 
LEU CA  C    sing N N 203 
LEU CA  CB   sing N N 204 
LEU CA  HA   sing N N 205 
LEU C   O    doub N N 206 
LEU C   OXT  sing N N 207 
LEU CB  CG   sing N N 208 
LEU CB  HB2  sing N N 209 
LEU CB  HB3  sing N N 210 
LEU CG  CD1  sing N N 211 
LEU CG  CD2  sing N N 212 
LEU CG  HG   sing N N 213 
LEU CD1 HD11 sing N N 214 
LEU CD1 HD12 sing N N 215 
LEU CD1 HD13 sing N N 216 
LEU CD2 HD21 sing N N 217 
LEU CD2 HD22 sing N N 218 
LEU CD2 HD23 sing N N 219 
LEU OXT HXT  sing N N 220 
LYS N   CA   sing N N 221 
LYS N   H    sing N N 222 
LYS N   H2   sing N N 223 
LYS CA  C    sing N N 224 
LYS CA  CB   sing N N 225 
LYS CA  HA   sing N N 226 
LYS C   O    doub N N 227 
LYS C   OXT  sing N N 228 
LYS CB  CG   sing N N 229 
LYS CB  HB2  sing N N 230 
LYS CB  HB3  sing N N 231 
LYS CG  CD   sing N N 232 
LYS CG  HG2  sing N N 233 
LYS CG  HG3  sing N N 234 
LYS CD  CE   sing N N 235 
LYS CD  HD2  sing N N 236 
LYS CD  HD3  sing N N 237 
LYS CE  NZ   sing N N 238 
LYS CE  HE2  sing N N 239 
LYS CE  HE3  sing N N 240 
LYS NZ  HZ1  sing N N 241 
LYS NZ  HZ2  sing N N 242 
LYS NZ  HZ3  sing N N 243 
LYS OXT HXT  sing N N 244 
MET N   CA   sing N N 245 
MET N   H    sing N N 246 
MET N   H2   sing N N 247 
MET CA  C    sing N N 248 
MET CA  CB   sing N N 249 
MET CA  HA   sing N N 250 
MET C   O    doub N N 251 
MET C   OXT  sing N N 252 
MET CB  CG   sing N N 253 
MET CB  HB2  sing N N 254 
MET CB  HB3  sing N N 255 
MET CG  SD   sing N N 256 
MET CG  HG2  sing N N 257 
MET CG  HG3  sing N N 258 
MET SD  CE   sing N N 259 
MET CE  HE1  sing N N 260 
MET CE  HE2  sing N N 261 
MET CE  HE3  sing N N 262 
MET OXT HXT  sing N N 263 
PHE N   CA   sing N N 264 
PHE N   H    sing N N 265 
PHE N   H2   sing N N 266 
PHE CA  C    sing N N 267 
PHE CA  CB   sing N N 268 
PHE CA  HA   sing N N 269 
PHE C   O    doub N N 270 
PHE C   OXT  sing N N 271 
PHE CB  CG   sing N N 272 
PHE CB  HB2  sing N N 273 
PHE CB  HB3  sing N N 274 
PHE CG  CD1  doub Y N 275 
PHE CG  CD2  sing Y N 276 
PHE CD1 CE1  sing Y N 277 
PHE CD1 HD1  sing N N 278 
PHE CD2 CE2  doub Y N 279 
PHE CD2 HD2  sing N N 280 
PHE CE1 CZ   doub Y N 281 
PHE CE1 HE1  sing N N 282 
PHE CE2 CZ   sing Y N 283 
PHE CE2 HE2  sing N N 284 
PHE CZ  HZ   sing N N 285 
PHE OXT HXT  sing N N 286 
PRO N   CA   sing N N 287 
PRO N   CD   sing N N 288 
PRO N   H    sing N N 289 
PRO CA  C    sing N N 290 
PRO CA  CB   sing N N 291 
PRO CA  HA   sing N N 292 
PRO C   O    doub N N 293 
PRO C   OXT  sing N N 294 
PRO CB  CG   sing N N 295 
PRO CB  HB2  sing N N 296 
PRO CB  HB3  sing N N 297 
PRO CG  CD   sing N N 298 
PRO CG  HG2  sing N N 299 
PRO CG  HG3  sing N N 300 
PRO CD  HD2  sing N N 301 
PRO CD  HD3  sing N N 302 
PRO OXT HXT  sing N N 303 
SER N   CA   sing N N 304 
SER N   H    sing N N 305 
SER N   H2   sing N N 306 
SER CA  C    sing N N 307 
SER CA  CB   sing N N 308 
SER CA  HA   sing N N 309 
SER C   O    doub N N 310 
SER C   OXT  sing N N 311 
SER CB  OG   sing N N 312 
SER CB  HB2  sing N N 313 
SER CB  HB3  sing N N 314 
SER OG  HG   sing N N 315 
SER OXT HXT  sing N N 316 
SO4 S   O1   doub N N 317 
SO4 S   O2   doub N N 318 
SO4 S   O3   sing N N 319 
SO4 S   O4   sing N N 320 
THR N   CA   sing N N 321 
THR N   H    sing N N 322 
THR N   H2   sing N N 323 
THR CA  C    sing N N 324 
THR CA  CB   sing N N 325 
THR CA  HA   sing N N 326 
THR C   O    doub N N 327 
THR C   OXT  sing N N 328 
THR CB  OG1  sing N N 329 
THR CB  CG2  sing N N 330 
THR CB  HB   sing N N 331 
THR OG1 HG1  sing N N 332 
THR CG2 HG21 sing N N 333 
THR CG2 HG22 sing N N 334 
THR CG2 HG23 sing N N 335 
THR OXT HXT  sing N N 336 
TRP N   CA   sing N N 337 
TRP N   H    sing N N 338 
TRP N   H2   sing N N 339 
TRP CA  C    sing N N 340 
TRP CA  CB   sing N N 341 
TRP CA  HA   sing N N 342 
TRP C   O    doub N N 343 
TRP C   OXT  sing N N 344 
TRP CB  CG   sing N N 345 
TRP CB  HB2  sing N N 346 
TRP CB  HB3  sing N N 347 
TRP CG  CD1  doub Y N 348 
TRP CG  CD2  sing Y N 349 
TRP CD1 NE1  sing Y N 350 
TRP CD1 HD1  sing N N 351 
TRP CD2 CE2  doub Y N 352 
TRP CD2 CE3  sing Y N 353 
TRP NE1 CE2  sing Y N 354 
TRP NE1 HE1  sing N N 355 
TRP CE2 CZ2  sing Y N 356 
TRP CE3 CZ3  doub Y N 357 
TRP CE3 HE3  sing N N 358 
TRP CZ2 CH2  doub Y N 359 
TRP CZ2 HZ2  sing N N 360 
TRP CZ3 CH2  sing Y N 361 
TRP CZ3 HZ3  sing N N 362 
TRP CH2 HH2  sing N N 363 
TRP OXT HXT  sing N N 364 
TYR N   CA   sing N N 365 
TYR N   H    sing N N 366 
TYR N   H2   sing N N 367 
TYR CA  C    sing N N 368 
TYR CA  CB   sing N N 369 
TYR CA  HA   sing N N 370 
TYR C   O    doub N N 371 
TYR C   OXT  sing N N 372 
TYR CB  CG   sing N N 373 
TYR CB  HB2  sing N N 374 
TYR CB  HB3  sing N N 375 
TYR CG  CD1  doub Y N 376 
TYR CG  CD2  sing Y N 377 
TYR CD1 CE1  sing Y N 378 
TYR CD1 HD1  sing N N 379 
TYR CD2 CE2  doub Y N 380 
TYR CD2 HD2  sing N N 381 
TYR CE1 CZ   doub Y N 382 
TYR CE1 HE1  sing N N 383 
TYR CE2 CZ   sing Y N 384 
TYR CE2 HE2  sing N N 385 
TYR CZ  OH   sing N N 386 
TYR OH  HH   sing N N 387 
TYR OXT HXT  sing N N 388 
VAL N   CA   sing N N 389 
VAL N   H    sing N N 390 
VAL N   H2   sing N N 391 
VAL CA  C    sing N N 392 
VAL CA  CB   sing N N 393 
VAL CA  HA   sing N N 394 
VAL C   O    doub N N 395 
VAL C   OXT  sing N N 396 
VAL CB  CG1  sing N N 397 
VAL CB  CG2  sing N N 398 
VAL CB  HB   sing N N 399 
VAL CG1 HG11 sing N N 400 
VAL CG1 HG12 sing N N 401 
VAL CG1 HG13 sing N N 402 
VAL CG2 HG21 sing N N 403 
VAL CG2 HG22 sing N N 404 
VAL CG2 HG23 sing N N 405 
VAL OXT HXT  sing N N 406 
# 
_atom_sites.entry_id                    5NJ0 
_atom_sites.fract_transf_matrix[1][1]   -0.00053515 
_atom_sites.fract_transf_matrix[1][2]   -0.00821584 
_atom_sites.fract_transf_matrix[1][3]   0.00021267 
_atom_sites.fract_transf_matrix[2][1]   0.00772439 
_atom_sites.fract_transf_matrix[2][2]   -0.00057559 
_atom_sites.fract_transf_matrix[2][3]   -0.00279896 
_atom_sites.fract_transf_matrix[3][1]   0.01011785 
_atom_sites.fract_transf_matrix[3][2]   0.00006340 
_atom_sites.fract_transf_matrix[3][3]   0.02790955 
_atom_sites.fract_transf_vector[1]      -0.139953 
_atom_sites.fract_transf_vector[2]      -0.285854 
_atom_sites.fract_transf_vector[3]      0.009434 
# 
loop_
_atom_type.symbol 
C 
N 
O 
S 
# 
loop_
_atom_site.group_PDB 
_atom_site.id 
_atom_site.type_symbol 
_atom_site.label_atom_id 
_atom_site.label_alt_id 
_atom_site.label_comp_id 
_atom_site.label_asym_id 
_atom_site.label_entity_id 
_atom_site.label_seq_id 
_atom_site.pdbx_PDB_ins_code 
_atom_site.Cartn_x 
_atom_site.Cartn_y 
_atom_site.Cartn_z 
_atom_site.occupancy 
_atom_site.B_iso_or_equiv 
_atom_site.pdbx_formal_charge 
_atom_site.auth_seq_id 
_atom_site.auth_comp_id 
_atom_site.auth_asym_id 
_atom_site.auth_atom_id 
_atom_site.pdbx_PDB_model_num 
ATOM   1    N N   . ASP A 1 23  ? -22.951 0.181   11.000  1.00 88.97  ? 23  ASP A N   1 
ATOM   2    C CA  . ASP A 1 23  ? -21.978 0.210   9.883   1.00 84.50  ? 23  ASP A CA  1 
ATOM   3    C C   . ASP A 1 23  ? -22.636 0.546   8.524   1.00 83.88  ? 23  ASP A C   1 
ATOM   4    O O   . ASP A 1 23  ? -21.969 1.111   7.672   1.00 88.64  ? 23  ASP A O   1 
ATOM   5    C CB  . ASP A 1 23  ? -21.206 -1.111  9.820   1.00 72.27  ? 23  ASP A CB  1 
ATOM   6    N N   . ASP A 1 24  ? -23.929 0.248   8.331   1.00 80.01  ? 24  ASP A N   1 
ATOM   7    C CA  . ASP A 1 24  ? -24.570 0.342   7.002   1.00 66.43  ? 24  ASP A CA  1 
ATOM   8    C C   . ASP A 1 24  ? -24.407 1.719   6.366   1.00 59.65  ? 24  ASP A C   1 
ATOM   9    O O   . ASP A 1 24  ? -23.961 1.844   5.219   1.00 55.79  ? 24  ASP A O   1 
ATOM   10   C CB  . ASP A 1 24  ? -26.050 -0.014  7.081   1.00 66.22  ? 24  ASP A CB  1 
ATOM   11   N N   . ARG A 1 25  ? -24.777 2.758   7.103   1.00 52.35  ? 25  ARG A N   1 
ATOM   12   C CA  . ARG A 1 25  ? -24.608 4.115   6.594   1.00 48.25  ? 25  ARG A CA  1 
ATOM   13   C C   . ARG A 1 25  ? -23.125 4.497   6.493   1.00 43.80  ? 25  ARG A C   1 
ATOM   14   O O   . ARG A 1 25  ? -22.689 5.119   5.510   1.00 38.89  ? 25  ARG A O   1 
ATOM   15   C CB  . ARG A 1 25  ? -25.436 5.118   7.400   1.00 48.91  ? 25  ARG A CB  1 
ATOM   16   C CG  . ARG A 1 25  ? -26.815 5.287   6.777   1.00 55.01  ? 25  ARG A CG  1 
ATOM   17   C CD  . ARG A 1 25  ? -27.708 6.270   7.514   1.00 60.77  ? 25  ARG A CD  1 
ATOM   18   N NE  . ARG A 1 25  ? -28.140 5.800   8.831   1.00 65.53  ? 25  ARG A NE  1 
ATOM   19   C CZ  . ARG A 1 25  ? -29.073 6.386   9.573   1.00 64.52  ? 25  ARG A CZ  1 
ATOM   20   N NH1 . ARG A 1 25  ? -29.736 7.456   9.134   1.00 60.16  ? 25  ARG A NH1 1 
ATOM   21   N NH2 . ARG A 1 25  ? -29.372 5.867   10.752  1.00 66.58  ? 25  ARG A NH2 1 
ATOM   22   N N   . GLU A 1 26  ? -22.360 4.094   7.496   1.00 37.70  ? 26  GLU A N   1 
ATOM   23   C CA  . GLU A 1 26  ? -20.925 4.220   7.468   1.00 41.09  ? 26  GLU A CA  1 
ATOM   24   C C   . GLU A 1 26  ? -20.346 3.633   6.168   1.00 40.77  ? 26  GLU A C   1 
ATOM   25   O O   . GLU A 1 26  ? -19.609 4.309   5.453   1.00 39.08  ? 26  GLU A O   1 
ATOM   26   C CB  . GLU A 1 26  ? -20.291 3.564   8.713   1.00 39.35  ? 26  GLU A CB  1 
ATOM   27   C CG  . GLU A 1 26  ? -18.891 4.088   8.959   1.00 46.52  ? 26  GLU A CG  1 
ATOM   28   C CD  . GLU A 1 26  ? -18.168 3.432   10.111  1.00 50.39  ? 26  GLU A CD  1 
ATOM   29   O OE1 . GLU A 1 26  ? -18.823 2.962   11.055  1.00 58.39  ? 26  GLU A OE1 1 
ATOM   30   O OE2 . GLU A 1 26  ? -16.930 3.419   10.065  1.00 58.28  ? 26  GLU A OE2 1 
ATOM   31   N N   . LEU A 1 27  ? -20.738 2.407   5.858   1.00 42.75  ? 27  LEU A N   1 
ATOM   32   C CA  . LEU A 1 27  ? -20.274 1.713   4.668   1.00 46.42  ? 27  LEU A CA  1 
ATOM   33   C C   . LEU A 1 27  ? -20.616 2.510   3.435   1.00 45.16  ? 27  LEU A C   1 
ATOM   34   O O   . LEU A 1 27  ? -19.813 2.598   2.487   1.00 41.29  ? 27  LEU A O   1 
ATOM   35   C CB  . LEU A 1 27  ? -20.897 0.326   4.555   1.00 48.72  ? 27  LEU A CB  1 
ATOM   36   C CG  . LEU A 1 27  ? -20.444 -0.791  5.504   1.00 54.40  ? 27  LEU A CG  1 
ATOM   37   C CD1 . LEU A 1 27  ? -20.723 -2.133  4.829   1.00 62.73  ? 27  LEU A CD1 1 
ATOM   38   C CD2 . LEU A 1 27  ? -18.977 -0.714  5.910   1.00 58.74  ? 27  LEU A CD2 1 
ATOM   39   N N   . ALA A 1 28  ? -21.800 3.111   3.452   1.00 41.34  ? 28  ALA A N   1 
ATOM   40   C CA  . ALA A 1 28  ? -22.258 3.883   2.317   1.00 37.11  ? 28  ALA A CA  1 
ATOM   41   C C   . ALA A 1 28  ? -21.454 5.152   2.176   1.00 31.43  ? 28  ALA A C   1 
ATOM   42   O O   . ALA A 1 28  ? -21.238 5.643   1.080   1.00 34.51  ? 28  ALA A O   1 
ATOM   43   C CB  . ALA A 1 28  ? -23.734 4.220   2.461   1.00 39.06  ? 28  ALA A CB  1 
ATOM   44   N N   . ILE A 1 29  ? -21.084 5.764   3.273   1.00 28.67  ? 29  ILE A N   1 
ATOM   45   C CA  . ILE A 1 29  ? -20.289 6.983   3.140   1.00 28.75  ? 29  ILE A CA  1 
ATOM   46   C C   . ILE A 1 29  ? -18.908 6.535   2.543   1.00 30.57  ? 29  ILE A C   1 
ATOM   47   O O   . ILE A 1 29  ? -18.320 7.196   1.691   1.00 32.06  ? 29  ILE A O   1 
ATOM   48   C CB  . ILE A 1 29  ? -20.051 7.636   4.513   1.00 29.22  ? 29  ILE A CB  1 
ATOM   49   C CG1 . ILE A 1 29  ? -21.358 8.249   5.089   1.00 30.54  ? 29  ILE A CG1 1 
ATOM   50   C CG2 . ILE A 1 29  ? -18.940 8.688   4.411   1.00 30.95  ? 29  ILE A CG2 1 
ATOM   51   C CD1 . ILE A 1 29  ? -21.245 8.802   6.527   1.00 26.91  ? 29  ILE A CD1 1 
ATOM   52   N N   . LEU A 1 30  ? -18.349 5.481   3.115   1.00 30.51  ? 30  LEU A N   1 
ATOM   53   C CA  . LEU A 1 30  ? -17.038 4.969   2.662   1.00 34.56  ? 30  LEU A CA  1 
ATOM   54   C C   . LEU A 1 30  ? -17.002 4.678   1.135   1.00 35.84  ? 30  LEU A C   1 
ATOM   55   O O   . LEU A 1 30  ? -16.169 5.244   0.403   1.00 32.86  ? 30  LEU A O   1 
ATOM   56   C CB  . LEU A 1 30  ? -16.649 3.776   3.501   1.00 32.27  ? 30  LEU A CB  1 
ATOM   57   C CG  . LEU A 1 30  ? -16.170 4.193   4.904   1.00 30.54  ? 30  LEU A CG  1 
ATOM   58   C CD1 . LEU A 1 30  ? -16.070 2.981   5.789   1.00 29.38  ? 30  LEU A CD1 1 
ATOM   59   C CD2 . LEU A 1 30  ? -14.830 4.939   4.898   1.00 33.27  ? 30  LEU A CD2 1 
ATOM   60   N N   . ALA A 1 31  ? -18.024 3.967   0.674   1.00 34.57  ? 31  ALA A N   1 
ATOM   61   C CA  . ALA A 1 31  ? -18.175 3.602   -0.719  1.00 38.65  ? 31  ALA A CA  1 
ATOM   62   C C   . ALA A 1 31  ? -18.346 4.805   -1.609  1.00 39.97  ? 31  ALA A C   1 
ATOM   63   O O   . ALA A 1 31  ? -17.785 4.873   -2.738  1.00 36.87  ? 31  ALA A O   1 
ATOM   64   C CB  . ALA A 1 31  ? -19.360 2.685   -0.881  1.00 38.22  ? 31  ALA A CB  1 
ATOM   65   N N   . THR A 1 32  ? -19.111 5.766   -1.104  1.00 35.98  ? 32  THR A N   1 
ATOM   66   C CA  . THR A 1 32  ? -19.347 6.971   -1.845  1.00 35.72  ? 32  THR A CA  1 
ATOM   67   C C   . THR A 1 32  ? -18.030 7.692   -1.980  1.00 35.37  ? 32  THR A C   1 
ATOM   68   O O   . THR A 1 32  ? -17.711 8.167   -3.069  1.00 37.51  ? 32  THR A O   1 
ATOM   69   C CB  . THR A 1 32  ? -20.412 7.867   -1.191  1.00 36.03  ? 32  THR A CB  1 
ATOM   70   O OG1 . THR A 1 32  ? -21.675 7.217   -1.308  1.00 36.26  ? 32  THR A OG1 1 
ATOM   71   C CG2 . THR A 1 32  ? -20.524 9.200   -1.899  1.00 34.15  ? 32  THR A CG2 1 
ATOM   72   N N   . ALA A 1 33  ? -17.279 7.810   -0.884  1.00 31.49  ? 33  ALA A N   1 
ATOM   73   C CA  . ALA A 1 33  ? -15.995 8.536   -0.938  1.00 34.40  ? 33  ALA A CA  1 
ATOM   74   C C   . ALA A 1 33  ? -15.023 7.849   -1.944  1.00 34.16  ? 33  ALA A C   1 
ATOM   75   O O   . ALA A 1 33  ? -14.431 8.524   -2.758  1.00 33.88  ? 33  ALA A O   1 
ATOM   76   C CB  . ALA A 1 33  ? -15.362 8.644   0.440   1.00 34.39  ? 33  ALA A CB  1 
ATOM   77   N N   . GLU A 1 34  ? -14.958 6.519   -1.935  1.00 31.52  ? 34  GLU A N   1 
ATOM   78   C CA  . GLU A 1 34  ? -14.032 5.813   -2.843  1.00 38.22  ? 34  GLU A CA  1 
ATOM   79   C C   . GLU A 1 34  ? -14.456 6.055   -4.311  1.00 42.36  ? 34  GLU A C   1 
ATOM   80   O O   . GLU A 1 34  ? -13.618 6.405   -5.159  1.00 39.27  ? 34  GLU A O   1 
ATOM   81   C CB  . GLU A 1 34  ? -13.967 4.314   -2.542  1.00 40.12  ? 34  GLU A CB  1 
ATOM   82   C CG  . GLU A 1 34  ? -12.914 3.594   -3.392  1.00 45.27  ? 34  GLU A CG  1 
ATOM   83   C CD  . GLU A 1 34  ? -12.442 2.273   -2.800  1.00 45.92  ? 34  GLU A CD  1 
ATOM   84   O OE1 . GLU A 1 34  ? -13.085 1.747   -1.876  1.00 45.19  ? 34  GLU A OE1 1 
ATOM   85   O OE2 . GLU A 1 34  ? -11.380 1.763   -3.224  1.00 47.03  ? 34  GLU A OE2 1 
ATOM   86   N N   . ASN A 1 35  ? -15.759 5.956   -4.573  1.00 41.93  ? 35  ASN A N   1 
ATOM   87   C CA  A ASN A 1 35  ? -16.261 6.183   -5.913  0.50 43.18  ? 35  ASN A CA  1 
ATOM   88   C CA  B ASN A 1 35  ? -16.302 6.191   -5.911  0.50 42.48  ? 35  ASN A CA  1 
ATOM   89   C C   . ASN A 1 35  ? -15.992 7.618   -6.347  1.00 41.88  ? 35  ASN A C   1 
ATOM   90   O O   . ASN A 1 35  ? -15.472 7.845   -7.431  1.00 47.99  ? 35  ASN A O   1 
ATOM   91   C CB  A ASN A 1 35  ? -17.728 5.774   -6.039  0.50 42.97  ? 35  ASN A CB  1 
ATOM   92   C CB  B ASN A 1 35  ? -17.812 5.899   -5.962  0.50 41.68  ? 35  ASN A CB  1 
ATOM   93   C CG  A ASN A 1 35  ? -17.882 4.282   -6.211  0.50 43.74  ? 35  ASN A CG  1 
ATOM   94   C CG  B ASN A 1 35  ? -18.449 6.299   -7.289  0.50 41.72  ? 35  ASN A CG  1 
ATOM   95   O OD1 A ASN A 1 35  ? -18.395 3.598   -5.345  0.50 45.77  ? 35  ASN A OD1 1 
ATOM   96   O OD1 B ASN A 1 35  ? -18.421 5.549   -8.251  0.50 41.32  ? 35  ASN A OD1 1 
ATOM   97   N ND2 A ASN A 1 35  ? -17.376 3.764   -7.319  0.50 46.63  ? 35  ASN A ND2 1 
ATOM   98   N ND2 B ASN A 1 35  ? -19.034 7.488   -7.330  0.50 43.72  ? 35  ASN A ND2 1 
ATOM   99   N N   . LEU A 1 36  ? -16.251 8.586   -5.485  1.00 42.31  ? 36  LEU A N   1 
ATOM   100  C CA  . LEU A 1 36  ? -15.978 9.977   -5.873  1.00 40.29  ? 36  LEU A CA  1 
ATOM   101  C C   . LEU A 1 36  ? -14.496 10.296  -6.033  1.00 43.90  ? 36  LEU A C   1 
ATOM   102  O O   . LEU A 1 36  ? -14.103 11.217  -6.783  1.00 38.45  ? 36  LEU A O   1 
ATOM   103  C CB  . LEU A 1 36  ? -16.610 10.964  -4.883  1.00 45.93  ? 36  LEU A CB  1 
ATOM   104  C CG  . LEU A 1 36  ? -18.140 10.951  -4.810  1.00 46.59  ? 36  LEU A CG  1 
ATOM   105  C CD1 . LEU A 1 36  ? -18.618 12.030  -3.858  1.00 44.73  ? 36  LEU A CD1 1 
ATOM   106  C CD2 . LEU A 1 36  ? -18.754 11.115  -6.191  1.00 49.10  ? 36  LEU A CD2 1 
ATOM   107  N N   . LEU A 1 37  ? -13.666 9.578   -5.291  1.00 41.53  ? 37  LEU A N   1 
ATOM   108  C CA  . LEU A 1 37  ? -12.250 9.808   -5.402  1.00 38.91  ? 37  LEU A CA  1 
ATOM   109  C C   . LEU A 1 37  ? -11.715 9.283   -6.752  1.00 37.29  ? 37  LEU A C   1 
ATOM   110  O O   . LEU A 1 37  ? -10.701 9.770   -7.213  1.00 34.45  ? 37  LEU A O   1 
ATOM   111  C CB  . LEU A 1 37  ? -11.507 9.189   -4.241  1.00 39.10  ? 37  LEU A CB  1 
ATOM   112  C CG  . LEU A 1 37  ? -11.505 10.030  -2.976  1.00 38.05  ? 37  LEU A CG  1 
ATOM   113  C CD1 . LEU A 1 37  ? -11.098 9.139   -1.831  1.00 33.77  ? 37  LEU A CD1 1 
ATOM   114  C CD2 . LEU A 1 37  ? -10.613 11.264  -3.086  1.00 35.30  ? 37  LEU A CD2 1 
ATOM   115  N N   . GLU A 1 38  ? -12.405 8.337   -7.391  1.00 41.98  ? 38  GLU A N   1 
ATOM   116  C CA  . GLU A 1 38  ? -12.071 7.938   -8.774  1.00 48.23  ? 38  GLU A CA  1 
ATOM   117  C C   . GLU A 1 38  ? -12.157 9.112   -9.754  1.00 53.24  ? 38  GLU A C   1 
ATOM   118  O O   . GLU A 1 38  ? -11.414 9.133   -10.707 1.00 53.37  ? 38  GLU A O   1 
ATOM   119  C CB  . GLU A 1 38  ? -12.955 6.795   -9.284  1.00 51.44  ? 38  GLU A CB  1 
ATOM   120  C CG  . GLU A 1 38  ? -12.315 5.424   -9.227  1.00 61.28  ? 38  GLU A CG  1 
ATOM   121  C CD  . GLU A 1 38  ? -12.811 4.583   -8.072  1.00 72.95  ? 38  GLU A CD  1 
ATOM   122  O OE1 . GLU A 1 38  ? -12.228 4.685   -6.966  1.00 86.03  ? 38  GLU A OE1 1 
ATOM   123  O OE2 . GLU A 1 38  ? -13.776 3.808   -8.274  1.00 76.01  ? 38  GLU A OE2 1 
ATOM   124  N N   . ASP A 1 39  ? -13.021 10.102  -9.486  1.00 59.48  ? 39  ASP A N   1 
ATOM   125  C CA  . ASP A 1 39  ? -13.275 11.228  -10.405 1.00 58.47  ? 39  ASP A CA  1 
ATOM   126  C C   . ASP A 1 39  ? -12.672 12.565  -10.039 1.00 57.00  ? 39  ASP A C   1 
ATOM   127  O O   . ASP A 1 39  ? -12.599 13.438  -10.889 1.00 67.45  ? 39  ASP A O   1 
ATOM   128  C CB  . ASP A 1 39  ? -14.775 11.399  -10.561 1.00 62.93  ? 39  ASP A CB  1 
ATOM   129  C CG  . ASP A 1 39  ? -15.445 10.088  -10.869 1.00 77.62  ? 39  ASP A CG  1 
ATOM   130  O OD1 . ASP A 1 39  ? -15.175 9.564   -11.976 1.00 82.90  ? 39  ASP A OD1 1 
ATOM   131  O OD2 . ASP A 1 39  ? -16.137 9.528   -9.978  1.00 75.24  ? 39  ASP A OD2 1 
ATOM   132  N N   . ARG A 1 40  ? -12.274 12.761  -8.790  1.00 56.29  ? 40  ARG A N   1 
ATOM   133  C CA  . ARG A 1 40  ? -11.641 14.021  -8.392  1.00 55.81  ? 40  ARG A CA  1 
ATOM   134  C C   . ARG A 1 40  ? -10.956 13.942  -7.032  1.00 56.99  ? 40  ARG A C   1 
ATOM   135  O O   . ARG A 1 40  ? -11.173 12.973  -6.264  1.00 51.51  ? 40  ARG A O   1 
ATOM   136  C CB  . ARG A 1 40  ? -12.658 15.166  -8.381  1.00 60.01  ? 40  ARG A CB  1 
ATOM   137  C CG  . ARG A 1 40  ? -14.037 14.813  -7.831  1.00 56.37  ? 40  ARG A CG  1 
ATOM   138  C CD  . ARG A 1 40  ? -14.969 15.984  -8.109  1.00 59.67  ? 40  ARG A CD  1 
ATOM   139  N NE  . ARG A 1 40  ? -16.048 16.083  -7.133  1.00 56.26  ? 40  ARG A NE  1 
ATOM   140  C CZ  . ARG A 1 40  ? -17.151 15.343  -7.148  1.00 53.36  ? 40  ARG A CZ  1 
ATOM   141  N NH1 . ARG A 1 40  ? -17.346 14.400  -8.077  1.00 55.69  ? 40  ARG A NH1 1 
ATOM   142  N NH2 . ARG A 1 40  ? -18.054 15.524  -6.200  1.00 53.86  ? 40  ARG A NH2 1 
ATOM   143  N N   . PRO A 1 41  ? -10.125 14.954  -6.726  1.00 52.14  ? 41  PRO A N   1 
ATOM   144  C CA  . PRO A 1 41  ? -9.402  14.936  -5.466  1.00 52.76  ? 41  PRO A CA  1 
ATOM   145  C C   . PRO A 1 41  ? -10.303 15.294  -4.281  1.00 58.49  ? 41  PRO A C   1 
ATOM   146  O O   . PRO A 1 41  ? -11.379 15.895  -4.476  1.00 57.47  ? 41  PRO A O   1 
ATOM   147  C CB  . PRO A 1 41  ? -8.303  16.002  -5.661  1.00 51.70  ? 41  PRO A CB  1 
ATOM   148  C CG  . PRO A 1 41  ? -8.360  16.395  -7.104  1.00 52.15  ? 41  PRO A CG  1 
ATOM   149  C CD  . PRO A 1 41  ? -9.764  16.132  -7.535  1.00 55.02  ? 41  PRO A CD  1 
ATOM   150  N N   . LEU A 1 42  ? -9.826  14.960  -3.076  1.00 56.97  ? 42  LEU A N   1 
ATOM   151  C CA  . LEU A 1 42  ? -10.549 15.195  -1.822  1.00 59.94  ? 42  LEU A CA  1 
ATOM   152  C C   . LEU A 1 42  ? -11.028 16.637  -1.690  1.00 62.29  ? 42  LEU A C   1 
ATOM   153  O O   . LEU A 1 42  ? -12.213 16.876  -1.520  1.00 61.23  ? 42  LEU A O   1 
ATOM   154  C CB  . LEU A 1 42  ? -9.698  14.797  -0.607  1.00 56.09  ? 42  LEU A CB  1 
ATOM   155  C CG  . LEU A 1 42  ? -10.481 14.576  0.699   1.00 60.08  ? 42  LEU A CG  1 
ATOM   156  C CD1 . LEU A 1 42  ? -11.609 13.553  0.537   1.00 60.40  ? 42  LEU A CD1 1 
ATOM   157  C CD2 . LEU A 1 42  ? -9.570  14.170  1.852   1.00 65.65  ? 42  LEU A CD2 1 
ATOM   158  N N   . ALA A 1 43  ? -10.111 17.586  -1.839  1.00 66.94  ? 43  ALA A N   1 
ATOM   159  C CA  . ALA A 1 43  ? -10.442 19.023  -1.972  1.00 66.73  ? 43  ALA A CA  1 
ATOM   160  C C   . ALA A 1 43  ? -11.701 19.381  -2.781  1.00 66.17  ? 43  ALA A C   1 
ATOM   161  O O   . ALA A 1 43  ? -12.412 20.320  -2.423  1.00 72.77  ? 43  ALA A O   1 
ATOM   162  C CB  . ALA A 1 43  ? -9.259  19.764  -2.563  1.00 68.09  ? 43  ALA A CB  1 
ATOM   163  N N   . ASP A 1 44  ? -11.944 18.678  -3.883  1.00 58.73  ? 44  ASP A N   1 
ATOM   164  C CA  . ASP A 1 44  ? -13.052 18.995  -4.766  1.00 54.22  ? 44  ASP A CA  1 
ATOM   165  C C   . ASP A 1 44  ? -14.264 18.135  -4.468  1.00 54.47  ? 44  ASP A C   1 
ATOM   166  O O   . ASP A 1 44  ? -15.184 18.067  -5.276  1.00 53.24  ? 44  ASP A O   1 
ATOM   167  C CB  . ASP A 1 44  ? -12.649 18.809  -6.233  1.00 60.07  ? 44  ASP A CB  1 
ATOM   168  C CG  . ASP A 1 44  ? -11.571 19.806  -6.700  1.00 70.44  ? 44  ASP A CG  1 
ATOM   169  O OD1 . ASP A 1 44  ? -10.951 20.522  -5.875  1.00 70.86  ? 44  ASP A OD1 1 
ATOM   170  O OD2 . ASP A 1 44  ? -11.323 19.848  -7.927  1.00 74.09  ? 44  ASP A OD2 1 
ATOM   171  N N   . ILE A 1 45  ? -14.243 17.422  -3.346  1.00 58.50  ? 45  ILE A N   1 
ATOM   172  C CA  . ILE A 1 45  ? -15.406 16.671  -2.871  1.00 53.37  ? 45  ILE A CA  1 
ATOM   173  C C   . ILE A 1 45  ? -15.797 17.320  -1.546  1.00 52.36  ? 45  ILE A C   1 
ATOM   174  O O   . ILE A 1 45  ? -14.944 17.549  -0.689  1.00 50.66  ? 45  ILE A O   1 
ATOM   175  C CB  . ILE A 1 45  ? -15.068 15.168  -2.626  1.00 55.31  ? 45  ILE A CB  1 
ATOM   176  C CG1 . ILE A 1 45  ? -14.839 14.414  -3.932  1.00 53.29  ? 45  ILE A CG1 1 
ATOM   177  C CG2 . ILE A 1 45  ? -16.189 14.452  -1.878  1.00 51.05  ? 45  ILE A CG2 1 
ATOM   178  C CD1 . ILE A 1 45  ? -14.113 13.100  -3.713  1.00 54.22  ? 45  ILE A CD1 1 
ATOM   179  N N   . SER A 1 46  ? -17.084 17.599  -1.368  1.00 59.37  ? 46  SER A N   1 
ATOM   180  C CA  . SER A 1 46  ? -17.592 18.236  -0.132  1.00 59.23  ? 46  SER A CA  1 
ATOM   181  C C   . SER A 1 46  ? -18.277 17.222  0.763   1.00 58.94  ? 46  SER A C   1 
ATOM   182  O O   . SER A 1 46  ? -18.701 16.153  0.310   1.00 60.03  ? 46  SER A O   1 
ATOM   183  C CB  . SER A 1 46  ? -18.615 19.323  -0.483  1.00 57.99  ? 46  SER A CB  1 
ATOM   184  O OG  . SER A 1 46  ? -19.706 18.741  -1.192  1.00 54.80  ? 46  SER A OG  1 
ATOM   185  N N   . VAL A 1 47  ? -18.448 17.593  2.025   1.00 59.30  ? 47  VAL A N   1 
ATOM   186  C CA  . VAL A 1 47  ? -19.235 16.781  2.953   1.00 57.24  ? 47  VAL A CA  1 
ATOM   187  C C   . VAL A 1 47  ? -20.670 16.544  2.465   1.00 51.43  ? 47  VAL A C   1 
ATOM   188  O O   . VAL A 1 47  ? -21.239 15.469  2.682   1.00 45.96  ? 47  VAL A O   1 
ATOM   189  C CB  . VAL A 1 47  ? -19.215 17.391  4.362   1.00 57.46  ? 47  VAL A CB  1 
ATOM   190  C CG1 . VAL A 1 47  ? -20.227 16.715  5.259   1.00 52.13  ? 47  VAL A CG1 1 
ATOM   191  C CG2 . VAL A 1 47  ? -17.816 17.270  4.960   1.00 56.37  ? 47  VAL A CG2 1 
ATOM   192  N N   . ASP A 1 48  ? -21.239 17.515  1.760   1.00 58.94  ? 48  ASP A N   1 
ATOM   193  C CA  . ASP A 1 48  ? -22.584 17.337  1.215   1.00 64.42  ? 48  ASP A CA  1 
ATOM   194  C C   . ASP A 1 48  ? -22.590 16.345  0.067   1.00 61.05  ? 48  ASP A C   1 
ATOM   195  O O   . ASP A 1 48  ? -23.492 15.478  -0.019  1.00 55.69  ? 48  ASP A O   1 
ATOM   196  C CB  . ASP A 1 48  ? -23.187 18.680  0.794   1.00 77.25  ? 48  ASP A CB  1 
ATOM   197  C CG  . ASP A 1 48  ? -23.369 19.609  1.976   1.00 86.45  ? 48  ASP A CG  1 
ATOM   198  O OD1 . ASP A 1 48  ? -24.386 19.479  2.697   1.00 94.61  ? 48  ASP A OD1 1 
ATOM   199  O OD2 . ASP A 1 48  ? -22.447 20.413  2.227   1.00 96.46  ? 48  ASP A OD2 1 
ATOM   200  N N   . ASP A 1 49  ? -21.551 16.427  -0.769  1.00 58.26  ? 49  ASP A N   1 
ATOM   201  C CA  . ASP A 1 49  ? -21.287 15.386  -1.789  1.00 56.30  ? 49  ASP A CA  1 
ATOM   202  C C   . ASP A 1 49  ? -21.364 13.967  -1.181  1.00 43.58  ? 49  ASP A C   1 
ATOM   203  O O   . ASP A 1 49  ? -22.065 13.084  -1.698  1.00 45.72  ? 49  ASP A O   1 
ATOM   204  C CB  . ASP A 1 49  ? -19.921 15.588  -2.444  1.00 54.36  ? 49  ASP A CB  1 
ATOM   205  C CG  . ASP A 1 49  ? -19.883 16.734  -3.441  1.00 54.80  ? 49  ASP A CG  1 
ATOM   206  O OD1 . ASP A 1 49  ? -20.874 17.003  -4.135  1.00 50.93  ? 49  ASP A OD1 1 
ATOM   207  O OD2 . ASP A 1 49  ? -18.796 17.327  -3.580  1.00 56.74  ? 49  ASP A OD2 1 
ATOM   208  N N   . LEU A 1 50  ? -20.700 13.762  -0.053  1.00 40.89  ? 50  LEU A N   1 
ATOM   209  C CA  . LEU A 1 50  ? -20.671 12.417  0.574   1.00 36.65  ? 50  LEU A CA  1 
ATOM   210  C C   . LEU A 1 50  ? -21.966 11.993  1.235   1.00 36.45  ? 50  LEU A C   1 
ATOM   211  O O   . LEU A 1 50  ? -22.367 10.809  1.175   1.00 39.79  ? 50  LEU A O   1 
ATOM   212  C CB  . LEU A 1 50  ? -19.549 12.361  1.585   1.00 38.69  ? 50  LEU A CB  1 
ATOM   213  C CG  . LEU A 1 50  ? -18.160 12.500  0.936   1.00 43.39  ? 50  LEU A CG  1 
ATOM   214  C CD1 . LEU A 1 50  ? -17.159 12.994  1.971   1.00 42.31  ? 50  LEU A CD1 1 
ATOM   215  C CD2 . LEU A 1 50  ? -17.722 11.179  0.298   1.00 36.58  ? 50  LEU A CD2 1 
ATOM   216  N N   . ALA A 1 51  ? -22.621 12.936  1.912   1.00 40.49  ? 51  ALA A N   1 
ATOM   217  C CA  . ALA A 1 51  ? -23.909 12.604  2.542   1.00 39.81  ? 51  ALA A CA  1 
ATOM   218  C C   . ALA A 1 51  ? -24.903 12.294  1.443   1.00 34.20  ? 51  ALA A C   1 
ATOM   219  O O   . ALA A 1 51  ? -25.555 11.273  1.476   1.00 30.63  ? 51  ALA A O   1 
ATOM   220  C CB  . ALA A 1 51  ? -24.396 13.763  3.396   1.00 39.10  ? 51  ALA A CB  1 
ATOM   221  N N   . LYS A 1 52  ? -24.957 13.183  0.464   1.00 43.19  ? 52  LYS A N   1 
ATOM   222  C CA  . LYS A 1 52  ? -25.789 13.008  -0.730  1.00 47.58  ? 52  LYS A CA  1 
ATOM   223  C C   . LYS A 1 52  ? -25.612 11.608  -1.290  1.00 48.79  ? 52  LYS A C   1 
ATOM   224  O O   . LYS A 1 52  ? -26.524 10.807  -1.215  1.00 38.61  ? 52  LYS A O   1 
ATOM   225  C CB  . LYS A 1 52  ? -25.400 14.061  -1.764  1.00 61.52  ? 52  LYS A CB  1 
ATOM   226  C CG  . LYS A 1 52  ? -26.427 14.378  -2.833  1.00 69.49  ? 52  LYS A CG  1 
ATOM   227  C CD  . LYS A 1 52  ? -26.251 15.838  -3.265  1.00 76.80  ? 52  LYS A CD  1 
ATOM   228  C CE  . LYS A 1 52  ? -27.045 16.138  -4.524  1.00 84.56  ? 52  LYS A CE  1 
ATOM   229  N NZ  . LYS A 1 52  ? -26.615 15.255  -5.651  1.00 85.66  ? 52  LYS A NZ  1 
ATOM   230  N N   . GLY A 1 53  ? -24.388 11.256  -1.712  1.00 48.71  ? 53  GLY A N   1 
ATOM   231  C CA  . GLY A 1 53  ? -24.143 9.925   -2.267  1.00 43.00  ? 53  GLY A CA  1 
ATOM   232  C C   . GLY A 1 53  ? -24.472 8.800   -1.317  1.00 40.62  ? 53  GLY A C   1 
ATOM   233  O O   . GLY A 1 53  ? -24.862 7.701   -1.741  1.00 43.67  ? 53  GLY A O   1 
ATOM   234  N N   . ALA A 1 54  ? -24.327 9.047   -0.021  1.00 37.78  ? 54  ALA A N   1 
ATOM   235  C CA  . ALA A 1 54  ? -24.682 8.041   0.979   1.00 37.04  ? 54  ALA A CA  1 
ATOM   236  C C   . ALA A 1 54  ? -26.156 8.036   1.381   1.00 37.57  ? 54  ALA A C   1 
ATOM   237  O O   . ALA A 1 54  ? -26.585 7.147   2.115   1.00 38.40  ? 54  ALA A O   1 
ATOM   238  C CB  . ALA A 1 54  ? -23.799 8.194   2.208   1.00 40.96  ? 54  ALA A CB  1 
ATOM   239  N N   . GLY A 1 55  ? -26.953 8.957   0.840   1.00 40.61  ? 55  GLY A N   1 
ATOM   240  C CA  . GLY A 1 55  ? -28.391 8.949   1.115   1.00 42.66  ? 55  GLY A CA  1 
ATOM   241  C C   . GLY A 1 55  ? -28.710 9.420   2.550   1.00 38.66  ? 55  GLY A C   1 
ATOM   242  O O   . GLY A 1 55  ? -29.571 8.865   3.194   1.00 37.20  ? 55  GLY A O   1 
ATOM   243  N N   . ILE A 1 56  ? -27.975 10.408  3.061   1.00 37.97  ? 56  ILE A N   1 
ATOM   244  C CA  . ILE A 1 56  ? -28.169 10.891  4.449   1.00 38.54  ? 56  ILE A CA  1 
ATOM   245  C C   . ILE A 1 56  ? -27.996 12.368  4.403   1.00 38.64  ? 56  ILE A C   1 
ATOM   246  O O   . ILE A 1 56  ? -27.513 12.877  3.405   1.00 35.22  ? 56  ILE A O   1 
ATOM   247  C CB  . ILE A 1 56  ? -27.169 10.287  5.460   1.00 34.86  ? 56  ILE A CB  1 
ATOM   248  C CG1 . ILE A 1 56  ? -25.719 10.446  5.003   1.00 42.01  ? 56  ILE A CG1 1 
ATOM   249  C CG2 . ILE A 1 56  ? -27.486 8.840   5.646   1.00 40.00  ? 56  ILE A CG2 1 
ATOM   250  C CD1 . ILE A 1 56  ? -24.709 9.798   5.948   1.00 43.30  ? 56  ILE A CD1 1 
ATOM   251  N N   . SER A 1 57  ? -28.312 13.054  5.506   1.00 39.05  ? 57  SER A N   1 
ATOM   252  C CA  . SER A 1 57  ? -28.117 14.498  5.583   1.00 35.20  ? 57  SER A CA  1 
ATOM   253  C C   . SER A 1 57  ? -26.713 14.804  6.036   1.00 32.78  ? 57  SER A C   1 
ATOM   254  O O   . SER A 1 57  ? -26.018 13.972  6.577   1.00 27.79  ? 57  SER A O   1 
ATOM   255  C CB  . SER A 1 57  ? -29.100 15.121  6.584   1.00 33.27  ? 57  SER A CB  1 
ATOM   256  O OG  . SER A 1 57  ? -28.789 14.720  7.896   1.00 28.82  ? 57  SER A OG  1 
ATOM   257  N N   . ARG A 1 58  ? -26.354 16.047  5.862   1.00 31.85  ? 58  ARG A N   1 
ATOM   258  C CA  . ARG A 1 58  ? -25.078 16.549  6.328   1.00 36.64  ? 58  ARG A CA  1 
ATOM   259  C C   . ARG A 1 58  ? -24.873 16.372  7.835   1.00 36.16  ? 58  ARG A C   1 
ATOM   260  O O   . ARG A 1 58  ? -23.886 15.752  8.242   1.00 32.74  ? 58  ARG A O   1 
ATOM   261  C CB  . ARG A 1 58  ? -24.872 17.984  5.824   1.00 41.94  ? 58  ARG A CB  1 
ATOM   262  C CG  . ARG A 1 58  ? -23.844 18.834  6.541   1.00 50.63  ? 58  ARG A CG  1 
ATOM   263  C CD  . ARG A 1 58  ? -23.487 20.078  5.732   1.00 57.22  ? 58  ARG A CD  1 
ATOM   264  N NE  . ARG A 1 58  ? -22.698 20.976  6.585   1.00 70.96  ? 58  ARG A NE  1 
ATOM   265  C CZ  . ARG A 1 58  ? -21.433 21.385  6.376   1.00 77.99  ? 58  ARG A CZ  1 
ATOM   266  N NH1 . ARG A 1 58  ? -20.746 21.071  5.264   1.00 67.42  ? 58  ARG A NH1 1 
ATOM   267  N NH2 . ARG A 1 58  ? -20.848 22.163  7.300   1.00 72.75  ? 58  ARG A NH2 1 
ATOM   268  N N   . PRO A 1 59  ? -25.830 16.817  8.687   1.00 34.15  ? 59  PRO A N   1 
ATOM   269  C CA  . PRO A 1 59  ? -25.594 16.483  10.117  1.00 31.84  ? 59  PRO A CA  1 
ATOM   270  C C   . PRO A 1 59  ? -25.462 14.979  10.460  1.00 27.61  ? 59  PRO A C   1 
ATOM   271  O O   . PRO A 1 59  ? -24.754 14.612  11.429  1.00 26.62  ? 59  PRO A O   1 
ATOM   272  C CB  . PRO A 1 59  ? -26.824 17.073  10.830  1.00 32.36  ? 59  PRO A CB  1 
ATOM   273  C CG  . PRO A 1 59  ? -27.779 17.466  9.735   1.00 33.20  ? 59  PRO A CG  1 
ATOM   274  C CD  . PRO A 1 59  ? -26.936 17.770  8.530   1.00 32.73  ? 59  PRO A CD  1 
ATOM   275  N N   . THR A 1 60  ? -26.195 14.129  9.748   1.00 28.19  ? 60  THR A N   1 
ATOM   276  C CA  . THR A 1 60  ? -26.111 12.693  10.003  1.00 28.62  ? 60  THR A CA  1 
ATOM   277  C C   . THR A 1 60  ? -24.682 12.153  9.634   1.00 28.20  ? 60  THR A C   1 
ATOM   278  O O   . THR A 1 60  ? -24.146 11.354  10.391  1.00 27.09  ? 60  THR A O   1 
ATOM   279  C CB  . THR A 1 60  ? -27.240 11.886  9.313   1.00 32.02  ? 60  THR A CB  1 
ATOM   280  O OG1 . THR A 1 60  ? -28.515 12.250  9.856   1.00 30.95  ? 60  THR A OG1 1 
ATOM   281  C CG2 . THR A 1 60  ? -27.037 10.354  9.527   1.00 29.41  ? 60  THR A CG2 1 
ATOM   282  N N   . PHE A 1 61  ? -24.083 12.681  8.560   1.00 29.94  ? 61  PHE A N   1 
ATOM   283  C CA  . PHE A 1 61  ? -22.669 12.436  8.190   1.00 35.81  ? 61  PHE A CA  1 
ATOM   284  C C   . PHE A 1 61  ? -21.765 12.643  9.403   1.00 38.60  ? 61  PHE A C   1 
ATOM   285  O O   . PHE A 1 61  ? -20.966 11.752  9.730   1.00 34.26  ? 61  PHE A O   1 
ATOM   286  C CB  . PHE A 1 61  ? -22.188 13.354  7.023   1.00 35.41  ? 61  PHE A CB  1 
ATOM   287  C CG  . PHE A 1 61  ? -20.692 13.249  6.725   1.00 40.86  ? 61  PHE A CG  1 
ATOM   288  C CD1 . PHE A 1 61  ? -19.751 14.060  7.403   1.00 39.01  ? 61  PHE A CD1 1 
ATOM   289  C CD2 . PHE A 1 61  ? -20.209 12.328  5.789   1.00 38.87  ? 61  PHE A CD2 1 
ATOM   290  C CE1 . PHE A 1 61  ? -18.381 13.964  7.118   1.00 45.88  ? 61  PHE A CE1 1 
ATOM   291  C CE2 . PHE A 1 61  ? -18.831 12.227  5.511   1.00 37.10  ? 61  PHE A CE2 1 
ATOM   292  C CZ  . PHE A 1 61  ? -17.916 13.021  6.180   1.00 39.76  ? 61  PHE A CZ  1 
ATOM   293  N N   . TYR A 1 62  ? -21.900 13.814  10.043  1.00 36.55  ? 62  TYR A N   1 
ATOM   294  C CA  . TYR A 1 62  ? -21.036 14.245  11.165  1.00 35.64  ? 62  TYR A CA  1 
ATOM   295  C C   . TYR A 1 62  ? -21.174 13.385  12.358  1.00 34.25  ? 62  TYR A C   1 
ATOM   296  O O   . TYR A 1 62  ? -20.298 13.372  13.200  1.00 40.52  ? 62  TYR A O   1 
ATOM   297  C CB  . TYR A 1 62  ? -21.290 15.699  11.556  1.00 39.96  ? 62  TYR A CB  1 
ATOM   298  C CG  . TYR A 1 62  ? -20.714 16.658  10.574  1.00 40.18  ? 62  TYR A CG  1 
ATOM   299  C CD1 . TYR A 1 62  ? -19.339 16.714  10.377  1.00 38.96  ? 62  TYR A CD1 1 
ATOM   300  C CD2 . TYR A 1 62  ? -21.526 17.464  9.793   1.00 42.14  ? 62  TYR A CD2 1 
ATOM   301  C CE1 . TYR A 1 62  ? -18.782 17.593  9.470   1.00 39.50  ? 62  TYR A CE1 1 
ATOM   302  C CE2 . TYR A 1 62  ? -20.964 18.329  8.847   1.00 50.67  ? 62  TYR A CE2 1 
ATOM   303  C CZ  . TYR A 1 62  ? -19.583 18.380  8.704   1.00 42.50  ? 62  TYR A CZ  1 
ATOM   304  O OH  . TYR A 1 62  ? -19.006 19.240  7.790   1.00 47.36  ? 62  TYR A OH  1 
ATOM   305  N N   . PHE A 1 63  ? -22.276 12.648  12.451  1.00 36.95  ? 63  PHE A N   1 
ATOM   306  C CA  . PHE A 1 63  ? -22.362 11.591  13.435  1.00 36.31  ? 63  PHE A CA  1 
ATOM   307  C C   . PHE A 1 63  ? -21.386 10.402  13.208  1.00 43.30  ? 63  PHE A C   1 
ATOM   308  O O   . PHE A 1 63  ? -21.013 9.704   14.132  1.00 44.89  ? 63  PHE A O   1 
ATOM   309  C CB  . PHE A 1 63  ? -23.745 11.001  13.395  1.00 33.12  ? 63  PHE A CB  1 
ATOM   310  C CG  . PHE A 1 63  ? -23.974 10.020  14.460  1.00 33.09  ? 63  PHE A CG  1 
ATOM   311  C CD1 . PHE A 1 63  ? -23.968 10.438  15.794  1.00 39.05  ? 63  PHE A CD1 1 
ATOM   312  C CD2 . PHE A 1 63  ? -24.085 8.680   14.176  1.00 37.62  ? 63  PHE A CD2 1 
ATOM   313  C CE1 . PHE A 1 63  ? -24.148 9.519   16.828  1.00 40.48  ? 63  PHE A CE1 1 
ATOM   314  C CE2 . PHE A 1 63  ? -24.281 7.744   15.200  1.00 40.63  ? 63  PHE A CE2 1 
ATOM   315  C CZ  . PHE A 1 63  ? -24.309 8.167   16.523  1.00 42.38  ? 63  PHE A CZ  1 
ATOM   316  N N   . TYR A 1 64  ? -21.192 10.028  11.953  1.00 41.57  ? 64  TYR A N   1 
ATOM   317  C CA  . TYR A 1 64  ? -20.352 8.867   11.626  1.00 40.53  ? 64  TYR A CA  1 
ATOM   318  C C   . TYR A 1 64  ? -18.893 9.257   11.547  1.00 35.64  ? 64  TYR A C   1 
ATOM   319  O O   . TYR A 1 64  ? -18.072 8.489   11.969  1.00 41.30  ? 64  TYR A O   1 
ATOM   320  C CB  . TYR A 1 64  ? -20.802 8.239   10.315  1.00 35.33  ? 64  TYR A CB  1 
ATOM   321  C CG  . TYR A 1 64  ? -22.097 7.534   10.499  1.00 33.61  ? 64  TYR A CG  1 
ATOM   322  C CD1 . TYR A 1 64  ? -22.148 6.314   11.149  1.00 34.11  ? 64  TYR A CD1 1 
ATOM   323  C CD2 . TYR A 1 64  ? -23.295 8.143   10.133  1.00 34.45  ? 64  TYR A CD2 1 
ATOM   324  C CE1 . TYR A 1 64  ? -23.360 5.678   11.357  1.00 35.20  ? 64  TYR A CE1 1 
ATOM   325  C CE2 . TYR A 1 64  ? -24.509 7.514   10.324  1.00 36.90  ? 64  TYR A CE2 1 
ATOM   326  C CZ  . TYR A 1 64  ? -24.533 6.290   10.926  1.00 36.05  ? 64  TYR A CZ  1 
ATOM   327  O OH  . TYR A 1 64  ? -25.743 5.710   11.106  1.00 38.20  ? 64  TYR A OH  1 
ATOM   328  N N   . PHE A 1 65  ? -18.591 10.458  11.053  1.00 34.46  ? 65  PHE A N   1 
ATOM   329  C CA  . PHE A 1 65  ? -17.226 10.876  10.799  1.00 35.69  ? 65  PHE A CA  1 
ATOM   330  C C   . PHE A 1 65  ? -17.132 12.325  11.117  1.00 38.57  ? 65  PHE A C   1 
ATOM   331  O O   . PHE A 1 65  ? -18.000 13.082  10.696  1.00 36.68  ? 65  PHE A O   1 
ATOM   332  C CB  . PHE A 1 65  ? -16.818 10.707  9.293   1.00 36.28  ? 65  PHE A CB  1 
ATOM   333  C CG  . PHE A 1 65  ? -16.743 9.281   8.850   1.00 36.67  ? 65  PHE A CG  1 
ATOM   334  C CD1 . PHE A 1 65  ? -15.599 8.531   9.082   1.00 39.42  ? 65  PHE A CD1 1 
ATOM   335  C CD2 . PHE A 1 65  ? -17.820 8.678   8.230   1.00 37.90  ? 65  PHE A CD2 1 
ATOM   336  C CE1 . PHE A 1 65  ? -15.529 7.209   8.714   1.00 37.53  ? 65  PHE A CE1 1 
ATOM   337  C CE2 . PHE A 1 65  ? -17.767 7.344   7.871   1.00 36.96  ? 65  PHE A CE2 1 
ATOM   338  C CZ  . PHE A 1 65  ? -16.626 6.610   8.120   1.00 38.73  ? 65  PHE A CZ  1 
ATOM   339  N N   . PRO A 1 66  ? -16.027 12.735  11.772  1.00 42.43  ? 66  PRO A N   1 
ATOM   340  C CA  . PRO A 1 66  ? -15.785 14.155  12.060  1.00 41.59  ? 66  PRO A CA  1 
ATOM   341  C C   . PRO A 1 66  ? -15.438 15.061  10.896  1.00 46.73  ? 66  PRO A C   1 
ATOM   342  O O   . PRO A 1 66  ? -15.492 16.279  11.075  1.00 48.29  ? 66  PRO A O   1 
ATOM   343  C CB  . PRO A 1 66  ? -14.592 14.130  13.041  1.00 45.39  ? 66  PRO A CB  1 
ATOM   344  C CG  . PRO A 1 66  ? -14.101 12.712  13.116  1.00 45.95  ? 66  PRO A CG  1 
ATOM   345  C CD  . PRO A 1 66  ? -15.188 11.833  12.603  1.00 43.57  ? 66  PRO A CD  1 
ATOM   346  N N   . SER A 1 67  ? -15.030 14.495  9.752   1.00 46.33  ? 67  SER A N   1 
ATOM   347  C CA  . SER A 1 67  ? -14.605 15.257  8.559   1.00 43.84  ? 67  SER A CA  1 
ATOM   348  C C   . SER A 1 67  ? -14.469 14.350  7.321   1.00 42.85  ? 67  SER A C   1 
ATOM   349  O O   . SER A 1 67  ? -14.448 13.123  7.437   1.00 40.64  ? 67  SER A O   1 
ATOM   350  C CB  . SER A 1 67  ? -13.235 15.915  8.810   1.00 46.34  ? 67  SER A CB  1 
ATOM   351  O OG  . SER A 1 67  ? -12.266 14.928  9.143   1.00 47.92  ? 67  SER A OG  1 
ATOM   352  N N   . LYS A 1 68  ? -14.321 14.959  6.149   1.00 46.44  ? 68  LYS A N   1 
ATOM   353  C CA  . LYS A 1 68  ? -14.047 14.195  4.939   1.00 49.51  ? 68  LYS A CA  1 
ATOM   354  C C   . LYS A 1 68  ? -12.644 13.616  5.018   1.00 52.89  ? 68  LYS A C   1 
ATOM   355  O O   . LYS A 1 68  ? -12.428 12.508  4.521   1.00 49.48  ? 68  LYS A O   1 
ATOM   356  C CB  . LYS A 1 68  ? -14.252 15.006  3.668   1.00 44.90  ? 68  LYS A CB  1 
ATOM   357  C CG  . LYS A 1 68  ? -13.402 16.240  3.572   1.00 53.57  ? 68  LYS A CG  1 
ATOM   358  C CD  . LYS A 1 68  ? -13.659 16.959  2.264   1.00 53.85  ? 68  LYS A CD  1 
ATOM   359  C CE  . LYS A 1 68  ? -12.597 18.005  2.018   1.00 54.05  ? 68  LYS A CE  1 
ATOM   360  N NZ  . LYS A 1 68  ? -12.923 18.731  0.754   1.00 60.19  ? 68  LYS A NZ  1 
ATOM   361  N N   . GLU A 1 69  ? -11.742 14.305  5.741   1.00 48.59  ? 69  GLU A N   1 
ATOM   362  C CA  . GLU A 1 69  ? -10.374 13.846  5.942   1.00 43.48  ? 69  GLU A CA  1 
ATOM   363  C C   . GLU A 1 69  ? -10.411 12.550  6.692   1.00 42.80  ? 69  GLU A C   1 
ATOM   364  O O   . GLU A 1 69  ? -9.694  11.629  6.357   1.00 38.47  ? 69  GLU A O   1 
ATOM   365  C CB  . GLU A 1 69  ? -9.509  14.855  6.702   1.00 48.62  ? 69  GLU A CB  1 
ATOM   366  C CG  . GLU A 1 69  ? -9.066  16.045  5.844   1.00 53.48  ? 69  GLU A CG  1 
ATOM   367  C CD  . GLU A 1 69  ? -10.137 17.124  5.625   1.00 56.44  ? 69  GLU A CD  1 
ATOM   368  O OE1 . GLU A 1 69  ? -11.177 17.137  6.322   1.00 58.44  ? 69  GLU A OE1 1 
ATOM   369  O OE2 . GLU A 1 69  ? -9.931  17.987  4.744   1.00 63.35  ? 69  GLU A OE2 1 
ATOM   370  N N   . ALA A 1 70  ? -11.313 12.430  7.653   1.00 39.54  ? 70  ALA A N   1 
ATOM   371  C CA  . ALA A 1 70  ? -11.387 11.212  8.447   1.00 37.14  ? 70  ALA A CA  1 
ATOM   372  C C   . ALA A 1 70  ? -11.964 10.059  7.656   1.00 38.14  ? 70  ALA A C   1 
ATOM   373  O O   . ALA A 1 70  ? -11.704 8.887   7.977   1.00 34.64  ? 70  ALA A O   1 
ATOM   374  C CB  . ALA A 1 70  ? -12.212 11.437  9.703   1.00 40.04  ? 70  ALA A CB  1 
ATOM   375  N N   . VAL A 1 71  ? -12.780 10.377  6.648   1.00 36.41  ? 71  VAL A N   1 
ATOM   376  C CA  . VAL A 1 71  ? -13.282 9.336   5.750   1.00 34.06  ? 71  VAL A CA  1 
ATOM   377  C C   . VAL A 1 71  ? -12.121 8.674   4.964   1.00 34.34  ? 71  VAL A C   1 
ATOM   378  O O   . VAL A 1 71  ? -12.052 7.450   4.879   1.00 35.19  ? 71  VAL A O   1 
ATOM   379  C CB  . VAL A 1 71  ? -14.387 9.859   4.808   1.00 35.29  ? 71  VAL A CB  1 
ATOM   380  C CG1 . VAL A 1 71  ? -14.893 8.734   3.892   1.00 35.63  ? 71  VAL A CG1 1 
ATOM   381  C CG2 . VAL A 1 71  ? -15.546 10.471  5.630   1.00 32.69  ? 71  VAL A CG2 1 
ATOM   382  N N   . LEU A 1 72  ? -11.254 9.491   4.380   1.00 37.79  ? 72  LEU A N   1 
ATOM   383  C CA  . LEU A 1 72  ? -10.074 8.983   3.689   1.00 41.16  ? 72  LEU A CA  1 
ATOM   384  C C   . LEU A 1 72  ? -9.209  8.151   4.608   1.00 38.22  ? 72  LEU A C   1 
ATOM   385  O O   . LEU A 1 72  ? -8.797  7.052   4.243   1.00 34.64  ? 72  LEU A O   1 
ATOM   386  C CB  . LEU A 1 72  ? -9.235  10.119  3.140   1.00 43.55  ? 72  LEU A CB  1 
ATOM   387  C CG  . LEU A 1 72  ? -7.968  9.676   2.402   1.00 42.31  ? 72  LEU A CG  1 
ATOM   388  C CD1 . LEU A 1 72  ? -8.305  8.906   1.155   1.00 40.63  ? 72  LEU A CD1 1 
ATOM   389  C CD2 . LEU A 1 72  ? -7.110  10.895  2.093   1.00 45.86  ? 72  LEU A CD2 1 
ATOM   390  N N   . LEU A 1 73  ? -8.960  8.657   5.814   1.00 36.14  ? 73  LEU A N   1 
ATOM   391  C CA  . LEU A 1 73  ? -8.142  7.922   6.775   1.00 34.91  ? 73  LEU A CA  1 
ATOM   392  C C   . LEU A 1 73  ? -8.639  6.523   6.970   1.00 36.67  ? 73  LEU A C   1 
ATOM   393  O O   . LEU A 1 73  ? -7.840  5.548   6.974   1.00 34.32  ? 73  LEU A O   1 
ATOM   394  C CB  . LEU A 1 73  ? -8.110  8.625   8.136   1.00 36.19  ? 73  LEU A CB  1 
ATOM   395  C CG  . LEU A 1 73  ? -7.197  8.004   9.187   1.00 37.21  ? 73  LEU A CG  1 
ATOM   396  C CD1 . LEU A 1 73  ? -5.762  7.964   8.676   1.00 39.02  ? 73  LEU A CD1 1 
ATOM   397  C CD2 . LEU A 1 73  ? -7.272  8.762   10.516  1.00 40.76  ? 73  LEU A CD2 1 
ATOM   398  N N   . THR A 1 74  ? -9.957  6.403   7.128   1.00 29.74  ? 74  THR A N   1 
ATOM   399  C CA  . THR A 1 74  ? -10.554 5.089   7.309   1.00 28.83  ? 74  THR A CA  1 
ATOM   400  C C   . THR A 1 74  ? -10.439 4.240   6.077   1.00 28.26  ? 74  THR A C   1 
ATOM   401  O O   . THR A 1 74  ? -10.186 3.049   6.167   1.00 33.25  ? 74  THR A O   1 
ATOM   402  C CB  . THR A 1 74  ? -12.036 5.259   7.627   1.00 32.61  ? 74  THR A CB  1 
ATOM   403  O OG1 . THR A 1 74  ? -12.159 6.207   8.694   1.00 37.09  ? 74  THR A OG1 1 
ATOM   404  C CG2 . THR A 1 74  ? -12.663 3.973   8.004   1.00 29.76  ? 74  THR A CG2 1 
ATOM   405  N N   . LEU A 1 75  ? -10.641 4.834   4.905   1.00 30.98  ? 75  LEU A N   1 
ATOM   406  C CA  . LEU A 1 75  ? -10.494 4.070   3.648   1.00 32.34  ? 75  LEU A CA  1 
ATOM   407  C C   . LEU A 1 75  ? -9.051  3.588   3.495   1.00 31.21  ? 75  LEU A C   1 
ATOM   408  O O   . LEU A 1 75  ? -8.802  2.413   3.228   1.00 32.70  ? 75  LEU A O   1 
ATOM   409  C CB  . LEU A 1 75  ? -10.802 4.935   2.451   1.00 32.30  ? 75  LEU A CB  1 
ATOM   410  C CG  . LEU A 1 75  ? -12.267 5.227   2.176   1.00 32.72  ? 75  LEU A CG  1 
ATOM   411  C CD1 . LEU A 1 75  ? -12.377 6.285   1.090   1.00 36.54  ? 75  LEU A CD1 1 
ATOM   412  C CD2 . LEU A 1 75  ? -12.971 3.942   1.764   1.00 33.65  ? 75  LEU A CD2 1 
ATOM   413  N N   . LEU A 1 76  ? -8.110  4.480   3.758   1.00 30.33  ? 76  LEU A N   1 
ATOM   414  C CA  . LEU A 1 76  ? -6.686  4.135   3.638   1.00 33.05  ? 76  LEU A CA  1 
ATOM   415  C C   . LEU A 1 76  ? -6.338  3.061   4.647   1.00 36.24  ? 76  LEU A C   1 
ATOM   416  O O   . LEU A 1 76  ? -5.661  2.060   4.327   1.00 36.79  ? 76  LEU A O   1 
ATOM   417  C CB  . LEU A 1 76  ? -5.825  5.352   3.844   1.00 34.19  ? 76  LEU A CB  1 
ATOM   418  C CG  . LEU A 1 76  ? -4.319  5.143   3.786   1.00 36.43  ? 76  LEU A CG  1 
ATOM   419  C CD1 . LEU A 1 76  ? -3.907  4.731   2.382   1.00 38.69  ? 76  LEU A CD1 1 
ATOM   420  C CD2 . LEU A 1 76  ? -3.627  6.416   4.179   1.00 36.17  ? 76  LEU A CD2 1 
ATOM   421  N N   . ASP A 1 77  ? -6.871  3.210   5.854   1.00 34.64  ? 77  ASP A N   1 
ATOM   422  C CA  . ASP A 1 77  ? -6.627  2.235   6.909   1.00 33.08  ? 77  ASP A CA  1 
ATOM   423  C C   . ASP A 1 77  ? -7.063  0.831   6.490   1.00 30.92  ? 77  ASP A C   1 
ATOM   424  O O   . ASP A 1 77  ? -6.334  -0.164  6.737   1.00 32.63  ? 77  ASP A O   1 
ATOM   425  C CB  . ASP A 1 77  ? -7.354  2.639   8.203   1.00 40.30  ? 77  ASP A CB  1 
ATOM   426  C CG  . ASP A 1 77  ? -7.044  1.722   9.318   1.00 40.27  ? 77  ASP A CG  1 
ATOM   427  O OD1 . ASP A 1 77  ? -7.722  0.690   9.401   1.00 50.90  ? 77  ASP A OD1 1 
ATOM   428  O OD2 . ASP A 1 77  ? -6.062  1.951   10.046  1.00 41.19  ? 77  ASP A OD2 1 
ATOM   429  N N   . ARG A 1 78  ? -8.226  0.734   5.839   1.00 30.38  ? 78  ARG A N   1 
ATOM   430  C CA  . ARG A 1 78  ? -8.747  -0.564  5.387   1.00 30.31  ? 78  ARG A CA  1 
ATOM   431  C C   . ARG A 1 78  ? -7.856  -1.181  4.268   1.00 27.36  ? 78  ARG A C   1 
ATOM   432  O O   . ARG A 1 78  ? -7.601  -2.392  4.235   1.00 25.06  ? 78  ARG A O   1 
ATOM   433  C CB  . ARG A 1 78  ? -10.192 -0.404  4.897   1.00 30.64  ? 78  ARG A CB  1 
ATOM   434  N N   . VAL A 1 79  ? -7.435  -0.341  3.331   1.00 29.85  ? 79  VAL A N   1 
ATOM   435  C CA  . VAL A 1 79  ? -6.566  -0.795  2.209   1.00 32.93  ? 79  VAL A CA  1 
ATOM   436  C C   . VAL A 1 79  ? -5.234  -1.315  2.737   1.00 31.82  ? 79  VAL A C   1 
ATOM   437  O O   . VAL A 1 79  ? -4.787  -2.398  2.385   1.00 31.25  ? 79  VAL A O   1 
ATOM   438  C CB  . VAL A 1 79  ? -6.330  0.338   1.142   1.00 34.39  ? 79  VAL A CB  1 
ATOM   439  C CG1 . VAL A 1 79  ? -5.240  -0.025  0.146   1.00 38.29  ? 79  VAL A CG1 1 
ATOM   440  C CG2 . VAL A 1 79  ? -7.581  0.603   0.353   1.00 35.85  ? 79  VAL A CG2 1 
ATOM   441  N N   . VAL A 1 80  ? -4.617  -0.540  3.608   1.00 30.85  ? 80  VAL A N   1 
ATOM   442  C CA  . VAL A 1 80  ? -3.335  -0.893  4.178   1.00 29.20  ? 80  VAL A CA  1 
ATOM   443  C C   . VAL A 1 80  ? -3.423  -2.166  5.007   1.00 28.74  ? 80  VAL A C   1 
ATOM   444  O O   . VAL A 1 80  ? -2.600  -3.083  4.879   1.00 32.40  ? 80  VAL A O   1 
ATOM   445  C CB  . VAL A 1 80  ? -2.826  0.359   4.939   1.00 35.40  ? 80  VAL A CB  1 
ATOM   446  C CG1 . VAL A 1 80  ? -1.930  0.026   6.100   1.00 42.74  ? 80  VAL A CG1 1 
ATOM   447  C CG2 . VAL A 1 80  ? -2.187  1.326   3.953   1.00 35.47  ? 80  VAL A CG2 1 
ATOM   448  N N   . ASN A 1 81  ? -4.498  -2.335  5.767   1.00 29.20  ? 81  ASN A N   1 
ATOM   449  C CA  . ASN A 1 81  ? -4.653  -3.603  6.520   1.00 29.55  ? 81  ASN A CA  1 
ATOM   450  C C   . ASN A 1 81  ? -4.905  -4.845  5.697   1.00 27.14  ? 81  ASN A C   1 
ATOM   451  O O   . ASN A 1 81  ? -4.382  -5.981  6.000   1.00 28.67  ? 81  ASN A O   1 
ATOM   452  C CB  . ASN A 1 81  ? -5.704  -3.452  7.618   1.00 34.53  ? 81  ASN A CB  1 
ATOM   453  C CG  . ASN A 1 81  ? -5.077  -3.014  8.914   1.00 34.29  ? 81  ASN A CG  1 
ATOM   454  O OD1 . ASN A 1 81  ? -4.400  -3.807  9.560   1.00 38.92  ? 81  ASN A OD1 1 
ATOM   455  N ND2 . ASN A 1 81  ? -5.200  -1.737  9.238   1.00 37.97  ? 81  ASN A ND2 1 
ATOM   456  N N   . GLN A 1 82  ? -5.654  -4.637  4.641   1.00 26.37  ? 82  GLN A N   1 
ATOM   457  C CA  . GLN A 1 82  ? -5.910  -5.697  3.658   1.00 28.89  ? 82  GLN A CA  1 
ATOM   458  C C   . GLN A 1 82  ? -4.614  -6.165  2.991   1.00 29.44  ? 82  GLN A C   1 
ATOM   459  O O   . GLN A 1 82  ? -4.401  -7.354  2.812   1.00 29.10  ? 82  GLN A O   1 
ATOM   460  C CB  . GLN A 1 82  ? -6.848  -5.147  2.578   1.00 34.45  ? 82  GLN A CB  1 
ATOM   461  C CG  . GLN A 1 82  ? -7.296  -6.146  1.542   1.00 40.27  ? 82  GLN A CG  1 
ATOM   462  C CD  . GLN A 1 82  ? -8.191  -5.496  0.495   1.00 52.44  ? 82  GLN A CD  1 
ATOM   463  O OE1 . GLN A 1 82  ? -8.979  -4.582  0.802   1.00 59.09  ? 82  GLN A OE1 1 
ATOM   464  N NE2 . GLN A 1 82  ? -8.045  -5.933  -0.753  1.00 47.25  ? 82  GLN A NE2 1 
ATOM   465  N N   . ALA A 1 83  ? -3.728  -5.221  2.639   1.00 28.30  ? 83  ALA A N   1 
ATOM   466  C CA  . ALA A 1 83  ? -2.394  -5.614  2.148   1.00 26.12  ? 83  ALA A CA  1 
ATOM   467  C C   . ALA A 1 83  ? -1.682  -6.406  3.216   1.00 24.05  ? 83  ALA A C   1 
ATOM   468  O O   . ALA A 1 83  ? -1.108  -7.442  2.947   1.00 25.32  ? 83  ALA A O   1 
ATOM   469  C CB  . ALA A 1 83  ? -1.570  -4.364  1.805   1.00 26.34  ? 83  ALA A CB  1 
ATOM   470  N N   . ASP A 1 84  ? -1.663  -5.838  4.436   1.00 27.47  ? 84  ASP A N   1 
ATOM   471  C CA  . ASP A 1 84  ? -0.862  -6.409  5.499   1.00 27.57  ? 84  ASP A CA  1 
ATOM   472  C C   . ASP A 1 84  ? -1.358  -7.847  5.821   1.00 28.29  ? 84  ASP A C   1 
ATOM   473  O O   . ASP A 1 84  ? -0.542  -8.796  5.937   1.00 26.69  ? 84  ASP A O   1 
ATOM   474  C CB  . ASP A 1 84  ? -0.925  -5.505  6.734   1.00 27.72  ? 84  ASP A CB  1 
ATOM   475  C CG  . ASP A 1 84  ? 0.064   -5.914  7.783   1.00 32.14  ? 84  ASP A CG  1 
ATOM   476  O OD1 . ASP A 1 84  ? 1.280   -5.991  7.505   1.00 27.00  ? 84  ASP A OD1 1 
ATOM   477  O OD2 . ASP A 1 84  ? -0.405  -6.258  8.871   1.00 32.55  ? 84  ASP A OD2 1 
ATOM   478  N N   . MET A 1 85  ? -2.677  -8.014  5.907   1.00 29.44  ? 85  MET A N   1 
ATOM   479  C CA  A MET A 1 85  ? -3.282  -9.323  6.188   0.50 33.24  ? 85  MET A CA  1 
ATOM   480  C CA  B MET A 1 85  ? -3.257  -9.332  6.192   0.50 33.07  ? 85  MET A CA  1 
ATOM   481  C C   . MET A 1 85  ? -2.973  -10.317 5.072   1.00 30.47  ? 85  MET A C   1 
ATOM   482  O O   . MET A 1 85  ? -2.656  -11.486 5.325   1.00 29.97  ? 85  MET A O   1 
ATOM   483  C CB  A MET A 1 85  ? -4.800  -9.192  6.421   0.50 37.45  ? 85  MET A CB  1 
ATOM   484  C CB  B MET A 1 85  ? -4.762  -9.247  6.464   0.50 36.63  ? 85  MET A CB  1 
ATOM   485  C CG  A MET A 1 85  ? -5.145  -8.672  7.818   0.50 42.92  ? 85  MET A CG  1 
ATOM   486  C CG  B MET A 1 85  ? -5.088  -8.876  7.905   0.50 41.36  ? 85  MET A CG  1 
ATOM   487  S SD  A MET A 1 85  ? -6.762  -7.877  8.030   0.50 47.57  ? 85  MET A SD  1 
ATOM   488  S SD  B MET A 1 85  ? -4.173  -9.842  9.128   0.50 45.06  ? 85  MET A SD  1 
ATOM   489  C CE  A MET A 1 85  ? -7.864  -9.268  8.304   0.50 47.09  ? 85  MET A CE  1 
ATOM   490  C CE  B MET A 1 85  ? -4.274  -11.489 8.403   0.50 43.06  ? 85  MET A CE  1 
ATOM   491  N N   . ALA A 1 86  ? -3.046  -9.850  3.836   1.00 30.19  ? 86  ALA A N   1 
ATOM   492  C CA  . ALA A 1 86  ? -2.703  -10.689 2.721   1.00 30.12  ? 86  ALA A CA  1 
ATOM   493  C C   . ALA A 1 86  ? -1.256  -11.101 2.842   1.00 32.02  ? 86  ALA A C   1 
ATOM   494  O O   . ALA A 1 86  ? -0.944  -12.250 2.643   1.00 29.46  ? 86  ALA A O   1 
ATOM   495  C CB  . ALA A 1 86  ? -2.944  -9.963  1.409   1.00 33.82  ? 86  ALA A CB  1 
ATOM   496  N N   . LEU A 1 87  ? -0.365  -10.185 3.224   1.00 27.79  ? 87  LEU A N   1 
ATOM   497  C CA  . LEU A 1 87  ? 1.023   -10.579 3.338   1.00 26.48  ? 87  LEU A CA  1 
ATOM   498  C C   . LEU A 1 87  ? 1.239   -11.585 4.521   1.00 28.79  ? 87  LEU A C   1 
ATOM   499  O O   . LEU A 1 87  ? 2.013   -12.547 4.391   1.00 29.32  ? 87  LEU A O   1 
ATOM   500  C CB  . LEU A 1 87  ? 1.905   -9.363  3.519   1.00 27.96  ? 87  LEU A CB  1 
ATOM   501  C CG  . LEU A 1 87  ? 3.375   -9.696  3.750   1.00 29.77  ? 87  LEU A CG  1 
ATOM   502  C CD1 . LEU A 1 87  ? 3.990   -10.379 2.527   1.00 30.87  ? 87  LEU A CD1 1 
ATOM   503  C CD2 . LEU A 1 87  ? 4.123   -8.421  4.141   1.00 31.30  ? 87  LEU A CD2 1 
ATOM   504  N N   . GLN A 1 88  ? 0.582   -11.359 5.653   1.00 29.59  ? 88  GLN A N   1 
ATOM   505  C CA  . GLN A 1 88  ? 0.614   -12.333 6.755   1.00 35.82  ? 88  GLN A CA  1 
ATOM   506  C C   . GLN A 1 88  ? 0.121   -13.700 6.307   1.00 39.21  ? 88  GLN A C   1 
ATOM   507  O O   . GLN A 1 88  ? 0.662   -14.713 6.756   1.00 31.68  ? 88  GLN A O   1 
ATOM   508  C CB  . GLN A 1 88  ? -0.267  -11.932 7.927   1.00 41.42  ? 88  GLN A CB  1 
ATOM   509  C CG  . GLN A 1 88  ? 0.276   -10.807 8.791   1.00 51.96  ? 88  GLN A CG  1 
ATOM   510  C CD  . GLN A 1 88  ? -0.803  -10.262 9.711   1.00 57.80  ? 88  GLN A CD  1 
ATOM   511  O OE1 . GLN A 1 88  ? -1.523  -11.045 10.345  1.00 60.16  ? 88  GLN A OE1 1 
ATOM   512  N NE2 . GLN A 1 88  ? -0.968  -8.935  9.744   1.00 54.61  ? 88  GLN A NE2 1 
ATOM   513  N N   . THR A 1 89  ? -0.894  -13.740 5.437   1.00 36.97  ? 89  THR A N   1 
ATOM   514  C CA  . THR A 1 89  ? -1.404  -15.038 4.963   1.00 39.81  ? 89  THR A CA  1 
ATOM   515  C C   . THR A 1 89  ? -0.349  -15.838 4.199   1.00 44.04  ? 89  THR A C   1 
ATOM   516  O O   . THR A 1 89  ? -0.131  -17.051 4.428   1.00 42.78  ? 89  THR A O   1 
ATOM   517  C CB  . THR A 1 89  ? -2.651  -14.827 4.102   1.00 42.35  ? 89  THR A CB  1 
ATOM   518  O OG1 . THR A 1 89  ? -3.674  -14.237 4.907   1.00 43.20  ? 89  THR A OG1 1 
ATOM   519  C CG2 . THR A 1 89  ? -3.142  -16.123 3.544   1.00 47.78  ? 89  THR A CG2 1 
ATOM   520  N N   . LEU A 1 90  ? 0.336   -15.155 3.296   1.00 42.82  ? 90  LEU A N   1 
ATOM   521  C CA  . LEU A 1 90  ? 1.506   -15.731 2.650   1.00 37.60  ? 90  LEU A CA  1 
ATOM   522  C C   . LEU A 1 90  ? 2.560   -16.205 3.622   1.00 38.29  ? 90  LEU A C   1 
ATOM   523  O O   . LEU A 1 90  ? 3.181   -17.248 3.402   1.00 36.28  ? 90  LEU A O   1 
ATOM   524  C CB  . LEU A 1 90  ? 2.195   -14.703 1.757   1.00 34.42  ? 90  LEU A CB  1 
ATOM   525  C CG  . LEU A 1 90  ? 1.595   -14.485 0.406   1.00 42.89  ? 90  LEU A CG  1 
ATOM   526  C CD1 . LEU A 1 90  ? 2.497   -13.508 -0.337  1.00 41.68  ? 90  LEU A CD1 1 
ATOM   527  C CD2 . LEU A 1 90  ? 1.477   -15.817 -0.336  1.00 46.35  ? 90  LEU A CD2 1 
ATOM   528  N N   . ALA A 1 91  ? 2.845   -15.385 4.625   1.00 38.36  ? 91  ALA A N   1 
ATOM   529  C CA  . ALA A 1 91  ? 3.923   -15.669 5.569   1.00 46.97  ? 91  ALA A CA  1 
ATOM   530  C C   . ALA A 1 91  ? 3.625   -16.932 6.409   1.00 56.39  ? 91  ALA A C   1 
ATOM   531  O O   . ALA A 1 91  ? 4.542   -17.561 6.928   1.00 52.37  ? 91  ALA A O   1 
ATOM   532  C CB  . ALA A 1 91  ? 4.140   -14.471 6.491   1.00 41.71  ? 91  ALA A CB  1 
ATOM   533  N N   . GLU A 1 92  ? 2.344   -17.272 6.557   1.00 57.81  ? 92  GLU A N   1 
ATOM   534  C CA  . GLU A 1 92  ? 1.936   -18.532 7.177   1.00 60.57  ? 92  GLU A CA  1 
ATOM   535  C C   . GLU A 1 92  ? 1.882   -19.727 6.211   1.00 59.69  ? 92  GLU A C   1 
ATOM   536  O O   . GLU A 1 92  ? 1.735   -20.841 6.632   1.00 60.92  ? 92  GLU A O   1 
ATOM   537  C CB  . GLU A 1 92  ? 0.601   -18.314 7.864   1.00 53.72  ? 92  GLU A CB  1 
ATOM   538  C CG  . GLU A 1 92  ? 0.677   -17.301 9.006   1.00 56.36  ? 92  GLU A CG  1 
ATOM   539  C CD  . GLU A 1 92  ? -0.690  -16.856 9.472   1.00 56.42  ? 92  GLU A CD  1 
ATOM   540  O OE1 . GLU A 1 92  ? -1.677  -17.557 9.136   1.00 56.46  ? 92  GLU A OE1 1 
ATOM   541  O OE2 . GLU A 1 92  ? -0.777  -15.824 10.175  1.00 54.92  ? 92  GLU A OE2 1 
ATOM   542  N N   . ASN A 1 93  ? 2.047   -19.498 4.919   1.00 72.39  ? 93  ASN A N   1 
ATOM   543  C CA  . ASN A 1 93  ? 2.013   -20.563 3.919   1.00 75.65  ? 93  ASN A CA  1 
ATOM   544  C C   . ASN A 1 93  ? 3.222   -20.525 3.007   1.00 79.59  ? 93  ASN A C   1 
ATOM   545  O O   . ASN A 1 93  ? 3.153   -19.939 1.917   1.00 78.50  ? 93  ASN A O   1 
ATOM   546  C CB  . ASN A 1 93  ? 0.777   -20.368 3.049   1.00 68.89  ? 93  ASN A CB  1 
ATOM   547  C CG  . ASN A 1 93  ? -0.483  -20.749 3.761   1.00 73.36  ? 93  ASN A CG  1 
ATOM   548  O OD1 . ASN A 1 93  ? -1.212  -19.908 4.280   1.00 66.70  ? 93  ASN A OD1 1 
ATOM   549  N ND2 . ASN A 1 93  ? -0.738  -22.040 3.812   1.00 83.94  ? 93  ASN A ND2 1 
ATOM   550  N N   . PRO A 1 94  ? 4.313   -21.173 3.393   1.00 79.53  ? 94  PRO A N   1 
ATOM   551  C CA  . PRO A 1 94  ? 5.459   -21.255 2.464   1.00 84.63  ? 94  PRO A CA  1 
ATOM   552  C C   . PRO A 1 94  ? 5.070   -21.812 1.054   1.00 85.55  ? 94  PRO A C   1 
ATOM   553  O O   . PRO A 1 94  ? 5.210   -23.014 0.822   1.00 88.52  ? 94  PRO A O   1 
ATOM   554  C CB  . PRO A 1 94  ? 6.582   -22.085 3.080   1.00 82.09  ? 94  PRO A CB  1 
ATOM   555  N N   . ALA A 1 95  ? 4.586   -20.958 0.133   1.00 73.66  ? 95  ALA A N   1 
ATOM   556  C CA  . ALA A 1 95  ? 4.282   -21.384 -1.262  1.00 78.37  ? 95  ALA A CA  1 
ATOM   557  C C   . ALA A 1 95  ? 5.457   -22.158 -1.913  1.00 94.20  ? 95  ALA A C   1 
ATOM   558  O O   . ALA A 1 95  ? 6.473   -21.548 -2.248  1.00 105.19 ? 95  ALA A O   1 
ATOM   559  C CB  . ALA A 1 95  ? 3.881   -20.193 -2.130  1.00 67.41  ? 95  ALA A CB  1 
ATOM   560  N N   . ASP A 1 96  ? 5.309   -23.492 -2.065  1.00 106.94 ? 96  ASP A N   1 
ATOM   561  C CA  . ASP A 1 96  ? 6.432   -24.438 -2.358  1.00 94.12  ? 96  ASP A CA  1 
ATOM   562  C C   . ASP A 1 96  ? 7.069   -24.124 -3.696  1.00 91.86  ? 96  ASP A C   1 
ATOM   563  O O   . ASP A 1 96  ? 6.592   -24.579 -4.741  1.00 92.60  ? 96  ASP A O   1 
ATOM   564  C CB  . ASP A 1 96  ? 5.968   -25.904 -2.327  1.00 83.81  ? 96  ASP A CB  1 
ATOM   565  N N   . THR A 1 97  ? 8.144   -23.333 -3.660  1.00 91.51  ? 97  THR A N   1 
ATOM   566  C CA  . THR A 1 97  ? 8.644   -22.677 -4.879  1.00 79.59  ? 97  THR A CA  1 
ATOM   567  C C   . THR A 1 97  ? 10.084  -22.130 -4.763  1.00 63.75  ? 97  THR A C   1 
ATOM   568  O O   . THR A 1 97  ? 10.736  -22.243 -3.712  1.00 69.34  ? 97  THR A O   1 
ATOM   569  C CB  . THR A 1 97  ? 7.622   -21.602 -5.374  1.00 72.75  ? 97  THR A CB  1 
ATOM   570  O OG1 . THR A 1 97  ? 7.804   -21.365 -6.776  1.00 66.91  ? 97  THR A OG1 1 
ATOM   571  C CG2 . THR A 1 97  ? 7.685   -20.282 -4.551  1.00 64.38  ? 97  THR A CG2 1 
ATOM   572  N N   . ASP A 1 98  ? 10.586  -21.615 -5.881  1.00 55.39  ? 98  ASP A N   1 
ATOM   573  C CA  . ASP A 1 98  ? 11.897  -20.979 -5.906  1.00 47.79  ? 98  ASP A CA  1 
ATOM   574  C C   . ASP A 1 98  ? 11.849  -19.590 -5.301  1.00 44.87  ? 98  ASP A C   1 
ATOM   575  O O   . ASP A 1 98  ? 10.785  -18.990 -5.119  1.00 36.01  ? 98  ASP A O   1 
ATOM   576  C CB  . ASP A 1 98  ? 12.530  -20.943 -7.306  1.00 54.76  ? 98  ASP A CB  1 
ATOM   577  C CG  . ASP A 1 98  ? 11.678  -20.227 -8.345  1.00 57.75  ? 98  ASP A CG  1 
ATOM   578  O OD1 . ASP A 1 98  ? 11.594  -18.996 -8.349  1.00 47.00  ? 98  ASP A OD1 1 
ATOM   579  O OD2 . ASP A 1 98  ? 11.111  -20.915 -9.204  1.00 70.15  ? 98  ASP A OD2 1 
ATOM   580  N N   . ARG A 1 99  ? 13.031  -19.129 -4.936  1.00 45.08  ? 99  ARG A N   1 
ATOM   581  C CA  . ARG A 1 99  ? 13.217  -17.854 -4.241  1.00 48.18  ? 99  ARG A CA  1 
ATOM   582  C C   . ARG A 1 99  ? 12.721  -16.618 -5.059  1.00 37.00  ? 99  ARG A C   1 
ATOM   583  O O   . ARG A 1 99  ? 12.127  -15.719 -4.495  1.00 41.98  ? 99  ARG A O   1 
ATOM   584  C CB  . ARG A 1 99  ? 14.696  -17.721 -3.869  1.00 51.15  ? 99  ARG A CB  1 
ATOM   585  C CG  . ARG A 1 99  ? 15.525  -17.424 -5.085  1.00 50.55  ? 99  ARG A CG  1 
ATOM   586  C CD  . ARG A 1 99  ? 16.999  -17.710 -4.973  1.00 53.02  ? 99  ARG A CD  1 
ATOM   587  N NE  . ARG A 1 99  ? 17.641  -16.990 -6.080  1.00 55.95  ? 99  ARG A NE  1 
ATOM   588  C CZ  . ARG A 1 99  ? 18.945  -16.983 -6.322  1.00 61.63  ? 99  ARG A CZ  1 
ATOM   589  N NH1 . ARG A 1 99  ? 19.760  -17.707 -5.548  1.00 49.69  ? 99  ARG A NH1 1 
ATOM   590  N NH2 . ARG A 1 99  ? 19.428  -16.258 -7.354  1.00 60.89  ? 99  ARG A NH2 1 
ATOM   591  N N   . GLU A 1 100 ? 12.886  -16.638 -6.385  1.00 34.27  ? 100 GLU A N   1 
ATOM   592  C CA  . GLU A 1 100 ? 12.435  -15.573 -7.244  1.00 38.06  ? 100 GLU A CA  1 
ATOM   593  C C   . GLU A 1 100 ? 10.939  -15.408 -7.123  1.00 40.90  ? 100 GLU A C   1 
ATOM   594  O O   . GLU A 1 100 ? 10.404  -14.290 -6.962  1.00 32.64  ? 100 GLU A O   1 
ATOM   595  C CB  . GLU A 1 100 ? 12.806  -15.877 -8.698  1.00 43.52  ? 100 GLU A CB  1 
ATOM   596  C CG  . GLU A 1 100 ? 12.753  -14.677 -9.623  1.00 48.95  ? 100 GLU A CG  1 
ATOM   597  C CD  . GLU A 1 100 ? 11.747  -14.783 -10.748 1.00 62.66  ? 100 GLU A CD  1 
ATOM   598  O OE1 . GLU A 1 100 ? 12.198  -14.919 -11.906 1.00 68.69  ? 100 GLU A OE1 1 
ATOM   599  O OE2 . GLU A 1 100 ? 10.519  -14.665 -10.483 1.00 72.52  ? 100 GLU A OE2 1 
ATOM   600  N N   . ASN A 1 101 ? 10.272  -16.561 -7.170  1.00 42.05  ? 101 ASN A N   1 
ATOM   601  C CA  . ASN A 1 101 ? 8.825   -16.627 -7.097  1.00 41.33  ? 101 ASN A CA  1 
ATOM   602  C C   . ASN A 1 101 ? 8.269   -16.257 -5.720  1.00 33.17  ? 101 ASN A C   1 
ATOM   603  O O   . ASN A 1 101 ? 7.227   -15.646 -5.632  1.00 32.82  ? 101 ASN A O   1 
ATOM   604  C CB  . ASN A 1 101 ? 8.352   -18.001 -7.537  1.00 45.21  ? 101 ASN A CB  1 
ATOM   605  C CG  . ASN A 1 101 ? 6.922   -17.995 -7.994  1.00 53.17  ? 101 ASN A CG  1 
ATOM   606  O OD1 . ASN A 1 101 ? 6.547   -17.266 -8.941  1.00 48.60  ? 101 ASN A OD1 1 
ATOM   607  N ND2 . ASN A 1 101 ? 6.106   -18.826 -7.344  1.00 48.09  ? 101 ASN A ND2 1 
ATOM   608  N N   . MET A 1 102 ? 9.006   -16.566 -4.658  1.00 33.15  ? 102 MET A N   1 
ATOM   609  C CA  . MET A 1 102 ? 8.618   -16.172 -3.302  1.00 29.78  ? 102 MET A CA  1 
ATOM   610  C C   . MET A 1 102 ? 8.551   -14.624 -3.187  1.00 29.83  ? 102 MET A C   1 
ATOM   611  O O   . MET A 1 102 ? 7.587   -14.048 -2.646  1.00 27.54  ? 102 MET A O   1 
ATOM   612  C CB  . MET A 1 102 ? 9.616   -16.762 -2.270  1.00 31.63  ? 102 MET A CB  1 
ATOM   613  C CG  . MET A 1 102 ? 9.435   -16.244 -0.834  1.00 35.06  ? 102 MET A CG  1 
ATOM   614  S SD  . MET A 1 102 ? 10.832  -16.500 0.330   1.00 44.00  ? 102 MET A SD  1 
ATOM   615  C CE  . MET A 1 102 ? 12.170  -15.513 -0.356  1.00 42.87  ? 102 MET A CE  1 
ATOM   616  N N   . TRP A 1 103 ? 9.603   -13.958 -3.677  1.00 27.45  ? 103 TRP A N   1 
ATOM   617  C CA  . TRP A 1 103 ? 9.630   -12.518 -3.664  1.00 25.81  ? 103 TRP A CA  1 
ATOM   618  C C   . TRP A 1 103 ? 8.513   -11.973 -4.534  1.00 24.11  ? 103 TRP A C   1 
ATOM   619  O O   . TRP A 1 103 ? 7.799   -11.068 -4.112  1.00 27.63  ? 103 TRP A O   1 
ATOM   620  C CB  . TRP A 1 103 ? 11.028  -11.973 -4.087  1.00 24.76  ? 103 TRP A CB  1 
ATOM   621  C CG  . TRP A 1 103 ? 12.086  -12.292 -3.048  1.00 22.49  ? 103 TRP A CG  1 
ATOM   622  C CD1 . TRP A 1 103 ? 13.089  -13.197 -3.181  1.00 23.64  ? 103 TRP A CD1 1 
ATOM   623  C CD2 . TRP A 1 103 ? 12.175  -11.782 -1.705  1.00 22.57  ? 103 TRP A CD2 1 
ATOM   624  N NE1 . TRP A 1 103 ? 13.817  -13.281 -2.009  1.00 25.51  ? 103 TRP A NE1 1 
ATOM   625  C CE2 . TRP A 1 103 ? 13.273  -12.424 -1.089  1.00 22.11  ? 103 TRP A CE2 1 
ATOM   626  C CE3 . TRP A 1 103 ? 11.424  -10.849 -0.958  1.00 22.74  ? 103 TRP A CE3 1 
ATOM   627  C CZ2 . TRP A 1 103 ? 13.687  -12.121 0.203   1.00 23.46  ? 103 TRP A CZ2 1 
ATOM   628  C CZ3 . TRP A 1 103 ? 11.793  -10.576 0.321   1.00 24.27  ? 103 TRP A CZ3 1 
ATOM   629  C CH2 . TRP A 1 103 ? 12.925  -11.214 0.911   1.00 23.57  ? 103 TRP A CH2 1 
ATOM   630  N N   . ARG A 1 104 ? 8.309   -12.568 -5.703  1.00 23.60  ? 104 ARG A N   1 
ATOM   631  C CA  . ARG A 1 104 ? 7.298   -12.071 -6.635  1.00 25.44  ? 104 ARG A CA  1 
ATOM   632  C C   . ARG A 1 104 ? 5.908   -12.141 -5.997  1.00 26.72  ? 104 ARG A C   1 
ATOM   633  O O   . ARG A 1 104 ? 5.089   -11.220 -6.126  1.00 22.65  ? 104 ARG A O   1 
ATOM   634  C CB  . ARG A 1 104 ? 7.339   -12.883 -7.958  1.00 26.01  ? 104 ARG A CB  1 
ATOM   635  C CG  . ARG A 1 104 ? 6.292   -12.497 -9.007  1.00 27.13  ? 104 ARG A CG  1 
ATOM   636  C CD  . ARG A 1 104 ? 6.396   -13.310 -10.295 1.00 31.16  ? 104 ARG A CD  1 
ATOM   637  N NE  . ARG A 1 104 ? 7.727   -13.237 -10.870 1.00 34.32  ? 104 ARG A NE  1 
ATOM   638  C CZ  . ARG A 1 104 ? 8.144   -12.284 -11.703 1.00 39.45  ? 104 ARG A CZ  1 
ATOM   639  N NH1 . ARG A 1 104 ? 7.324   -11.298 -12.142 1.00 38.36  ? 104 ARG A NH1 1 
ATOM   640  N NH2 . ARG A 1 104 ? 9.408   -12.316 -12.106 1.00 40.40  ? 104 ARG A NH2 1 
ATOM   641  N N   . THR A 1 105 ? 5.624   -13.287 -5.370  1.00 23.95  ? 105 THR A N   1 
ATOM   642  C CA  . THR A 1 105 ? 4.323   -13.509 -4.789  1.00 23.12  ? 105 THR A CA  1 
ATOM   643  C C   . THR A 1 105 ? 4.026   -12.483 -3.721  1.00 21.41  ? 105 THR A C   1 
ATOM   644  O O   . THR A 1 105 ? 2.913   -11.983 -3.621  1.00 21.51  ? 105 THR A O   1 
ATOM   645  C CB  . THR A 1 105 ? 4.228   -14.981 -4.275  1.00 28.29  ? 105 THR A CB  1 
ATOM   646  O OG1 . THR A 1 105 ? 4.321   -15.874 -5.407  1.00 24.60  ? 105 THR A OG1 1 
ATOM   647  C CG2 . THR A 1 105 ? 2.909   -15.209 -3.604  1.00 32.41  ? 105 THR A CG2 1 
ATOM   648  N N   . GLY A 1 106 ? 5.024   -12.145 -2.909  1.00 26.22  ? 106 GLY A N   1 
ATOM   649  C CA  . GLY A 1 106 ? 4.816   -11.138 -1.856  1.00 23.63  ? 106 GLY A CA  1 
ATOM   650  C C   . GLY A 1 106 ? 4.685   -9.727  -2.390  1.00 23.94  ? 106 GLY A C   1 
ATOM   651  O O   . GLY A 1 106 ? 3.799   -8.937  -1.977  1.00 21.61  ? 106 GLY A O   1 
ATOM   652  N N   . ILE A 1 107 ? 5.598   -9.336  -3.262  1.00 24.03  ? 107 ILE A N   1 
ATOM   653  C CA  . ILE A 1 107 ? 5.408   -8.008  -3.920  1.00 23.50  ? 107 ILE A CA  1 
ATOM   654  C C   . ILE A 1 107 ? 3.996   -7.902  -4.575  1.00 23.33  ? 107 ILE A C   1 
ATOM   655  O O   . ILE A 1 107 ? 3.307   -6.854  -4.484  1.00 22.50  ? 107 ILE A O   1 
ATOM   656  C CB  . ILE A 1 107 ? 6.525   -7.686  -4.925  1.00 22.55  ? 107 ILE A CB  1 
ATOM   657  C CG1 . ILE A 1 107 ? 7.862   -7.582  -4.185  1.00 24.46  ? 107 ILE A CG1 1 
ATOM   658  C CG2 . ILE A 1 107 ? 6.213   -6.372  -5.628  1.00 24.17  ? 107 ILE A CG2 1 
ATOM   659  C CD1 . ILE A 1 107 ? 9.094   -7.585  -5.059  1.00 25.77  ? 107 ILE A CD1 1 
ATOM   660  N N   . ASN A 1 108 ? 3.555   -9.002  -5.188  1.00 22.94  ? 108 ASN A N   1 
ATOM   661  C CA  . ASN A 1 108 ? 2.275   -8.995  -5.920  1.00 24.45  ? 108 ASN A CA  1 
ATOM   662  C C   . ASN A 1 108 ? 1.076   -8.735  -5.046  1.00 22.42  ? 108 ASN A C   1 
ATOM   663  O O   . ASN A 1 108 ? 0.076   -8.187  -5.493  1.00 23.56  ? 108 ASN A O   1 
ATOM   664  C CB  . ASN A 1 108 ? 2.052   -10.313 -6.600  1.00 23.35  ? 108 ASN A CB  1 
ATOM   665  C CG  . ASN A 1 108 ? 0.795   -10.316 -7.455  1.00 25.31  ? 108 ASN A CG  1 
ATOM   666  O OD1 . ASN A 1 108 ? 0.716   -9.566  -8.388  1.00 24.94  ? 108 ASN A OD1 1 
ATOM   667  N ND2 . ASN A 1 108 ? -0.183  -11.226 -7.154  1.00 24.92  ? 108 ASN A ND2 1 
ATOM   668  N N   . VAL A 1 109 ? 1.172   -9.138  -3.787  1.00 22.87  ? 109 VAL A N   1 
ATOM   669  C CA  . VAL A 1 109 ? 0.154   -8.712  -2.792  1.00 27.45  ? 109 VAL A CA  1 
ATOM   670  C C   . VAL A 1 109 ? -0.077  -7.185  -2.787  1.00 25.12  ? 109 VAL A C   1 
ATOM   671  O O   . VAL A 1 109 ? -1.208  -6.692  -2.740  1.00 24.38  ? 109 VAL A O   1 
ATOM   672  C CB  . VAL A 1 109 ? 0.517   -9.283  -1.390  1.00 30.27  ? 109 VAL A CB  1 
ATOM   673  C CG1 . VAL A 1 109 ? -0.052  -8.456  -0.246  1.00 37.84  ? 109 VAL A CG1 1 
ATOM   674  C CG2 . VAL A 1 109 ? 0.052   -10.726 -1.341  1.00 32.92  ? 109 VAL A CG2 1 
ATOM   675  N N   . PHE A 1 110 ? 0.995   -6.426  -2.879  1.00 24.88  ? 110 PHE A N   1 
ATOM   676  C CA  . PHE A 1 110 ? 0.876   -4.987  -2.840  1.00 22.88  ? 110 PHE A CA  1 
ATOM   677  C C   . PHE A 1 110 ? 0.386   -4.482  -4.200  1.00 23.90  ? 110 PHE A C   1 
ATOM   678  O O   . PHE A 1 110 ? -0.451  -3.572  -4.256  1.00 24.04  ? 110 PHE A O   1 
ATOM   679  C CB  . PHE A 1 110 ? 2.205   -4.376  -2.330  1.00 23.82  ? 110 PHE A CB  1 
ATOM   680  C CG  . PHE A 1 110 ? 2.447   -4.675  -0.875  1.00 23.91  ? 110 PHE A CG  1 
ATOM   681  C CD1 . PHE A 1 110 ? 2.969   -5.883  -0.482  1.00 27.67  ? 110 PHE A CD1 1 
ATOM   682  C CD2 . PHE A 1 110 ? 2.020   -3.816  0.098   1.00 24.61  ? 110 PHE A CD2 1 
ATOM   683  C CE1 . PHE A 1 110 ? 3.094   -6.223  0.866   1.00 26.53  ? 110 PHE A CE1 1 
ATOM   684  C CE2 . PHE A 1 110 ? 2.212   -4.090  1.439   1.00 25.11  ? 110 PHE A CE2 1 
ATOM   685  C CZ  . PHE A 1 110 ? 2.736   -5.315  1.831   1.00 25.86  ? 110 PHE A CZ  1 
ATOM   686  N N   . PHE A 1 111 ? 0.916   -5.064  -5.277  1.00 21.38  ? 111 PHE A N   1 
ATOM   687  C CA  . PHE A 1 111 ? 0.580   -4.687  -6.658  1.00 23.70  ? 111 PHE A CA  1 
ATOM   688  C C   . PHE A 1 111 ? -0.950  -4.817  -6.863  1.00 23.81  ? 111 PHE A C   1 
ATOM   689  O O   . PHE A 1 111 ? -1.596  -3.883  -7.305  1.00 26.44  ? 111 PHE A O   1 
ATOM   690  C CB  . PHE A 1 111 ? 1.329   -5.613  -7.635  1.00 24.47  ? 111 PHE A CB  1 
ATOM   691  C CG  . PHE A 1 111 ? 1.016   -5.370  -9.124  1.00 25.16  ? 111 PHE A CG  1 
ATOM   692  C CD1 . PHE A 1 111 ? 1.388   -4.200  -9.751  1.00 23.49  ? 111 PHE A CD1 1 
ATOM   693  C CD2 . PHE A 1 111 ? 0.315   -6.332  -9.884  1.00 28.38  ? 111 PHE A CD2 1 
ATOM   694  C CE1 . PHE A 1 111 ? 1.100   -3.997  -11.119 1.00 25.40  ? 111 PHE A CE1 1 
ATOM   695  C CE2 . PHE A 1 111 ? 0.009   -6.136  -11.247 1.00 26.39  ? 111 PHE A CE2 1 
ATOM   696  C CZ  . PHE A 1 111 ? 0.399   -4.966  -11.867 1.00 25.57  ? 111 PHE A CZ  1 
ATOM   697  N N   . GLU A 1 112 ? -1.505  -5.955  -6.446  1.00 22.01  ? 112 GLU A N   1 
ATOM   698  C CA  . GLU A 1 112 ? -2.951  -6.210  -6.551  1.00 24.93  ? 112 GLU A CA  1 
ATOM   699  C C   . GLU A 1 112 ? -3.760  -5.414  -5.582  1.00 23.21  ? 112 GLU A C   1 
ATOM   700  O O   . GLU A 1 112 ? -4.770  -4.846  -5.959  1.00 26.56  ? 112 GLU A O   1 
ATOM   701  C CB  . GLU A 1 112 ? -3.262  -7.736  -6.336  1.00 24.92  ? 112 GLU A CB  1 
ATOM   702  C CG  . GLU A 1 112 ? -2.803  -8.601  -7.485  1.00 30.43  ? 112 GLU A CG  1 
ATOM   703  C CD  . GLU A 1 112 ? -3.549  -8.252  -8.771  1.00 34.86  ? 112 GLU A CD  1 
ATOM   704  O OE1 . GLU A 1 112 ? -4.689  -7.760  -8.650  1.00 42.37  ? 112 GLU A OE1 1 
ATOM   705  O OE2 . GLU A 1 112 ? -3.016  -8.435  -9.877  1.00 33.03  ? 112 GLU A OE2 1 
ATOM   706  N N   . THR A 1 113 ? -3.360  -5.362  -4.310  1.00 24.68  ? 113 THR A N   1 
ATOM   707  C CA  . THR A 1 113 ? -4.197  -4.674  -3.326  1.00 24.88  ? 113 THR A CA  1 
ATOM   708  C C   . THR A 1 113 ? -4.270  -3.224  -3.653  1.00 28.32  ? 113 THR A C   1 
ATOM   709  O O   . THR A 1 113 ? -5.370  -2.666  -3.748  1.00 27.82  ? 113 THR A O   1 
ATOM   710  C CB  . THR A 1 113 ? -3.661  -4.844  -1.876  1.00 30.11  ? 113 THR A CB  1 
ATOM   711  O OG1 . THR A 1 113 ? -3.545  -6.245  -1.575  1.00 26.75  ? 113 THR A OG1 1 
ATOM   712  C CG2 . THR A 1 113 ? -4.600  -4.250  -0.859  1.00 30.03  ? 113 THR A CG2 1 
ATOM   713  N N   . PHE A 1 114 ? -3.119  -2.563  -3.815  1.00 24.50  ? 114 PHE A N   1 
ATOM   714  C CA  . PHE A 1 114 ? -3.170  -1.109  -4.018  1.00 24.20  ? 114 PHE A CA  1 
ATOM   715  C C   . PHE A 1 114 ? -3.648  -0.841  -5.420  1.00 25.64  ? 114 PHE A C   1 
ATOM   716  O O   . PHE A 1 114 ? -4.321  0.179   -5.687  1.00 22.71  ? 114 PHE A O   1 
ATOM   717  C CB  . PHE A 1 114 ? -1.782  -0.495  -3.805  1.00 28.48  ? 114 PHE A CB  1 
ATOM   718  C CG  . PHE A 1 114 ? -1.381  -0.420  -2.373  1.00 31.31  ? 114 PHE A CG  1 
ATOM   719  C CD1 . PHE A 1 114 ? -2.080  0.402   -1.503  1.00 38.91  ? 114 PHE A CD1 1 
ATOM   720  C CD2 . PHE A 1 114 ? -0.309  -1.096  -1.906  1.00 31.22  ? 114 PHE A CD2 1 
ATOM   721  C CE1 . PHE A 1 114 ? -1.723  0.468   -0.154  1.00 43.08  ? 114 PHE A CE1 1 
ATOM   722  C CE2 . PHE A 1 114 ? 0.046   -1.041  -0.569  1.00 39.74  ? 114 PHE A CE2 1 
ATOM   723  C CZ  . PHE A 1 114 ? -0.673  -0.305  0.321   1.00 35.05  ? 114 PHE A CZ  1 
ATOM   724  N N   . GLY A 1 115 ? -3.289  -1.734  -6.357  1.00 25.29  ? 115 GLY A N   1 
ATOM   725  C CA  . GLY A 1 115 ? -3.751  -1.583  -7.755  1.00 27.00  ? 115 GLY A CA  1 
ATOM   726  C C   . GLY A 1 115 ? -5.268  -1.716  -7.883  1.00 29.98  ? 115 GLY A C   1 
ATOM   727  O O   . GLY A 1 115 ? -5.859  -1.226  -8.822  1.00 30.17  ? 115 GLY A O   1 
ATOM   728  N N   . SER A 1 116 ? -5.899  -2.401  -6.933  1.00 33.83  ? 116 SER A N   1 
ATOM   729  C CA  . SER A 1 116 ? -7.356  -2.450  -6.864  1.00 37.88  ? 116 SER A CA  1 
ATOM   730  C C   . SER A 1 116 ? -7.998  -1.238  -6.206  1.00 35.40  ? 116 SER A C   1 
ATOM   731  O O   . SER A 1 116 ? -9.206  -1.201  -6.118  1.00 36.68  ? 116 SER A O   1 
ATOM   732  C CB  . SER A 1 116 ? -7.793  -3.715  -6.116  1.00 34.72  ? 116 SER A CB  1 
ATOM   733  O OG  . SER A 1 116 ? -7.464  -4.796  -6.934  1.00 37.54  ? 116 SER A OG  1 
ATOM   734  N N   . HIS A 1 117 ? -7.211  -0.331  -5.619  1.00 34.22  ? 117 HIS A N   1 
ATOM   735  C CA  . HIS A 1 117 ? -7.755  0.806   -4.862  1.00 33.83  ? 117 HIS A CA  1 
ATOM   736  C C   . HIS A 1 117 ? -6.902  2.026   -5.176  1.00 32.14  ? 117 HIS A C   1 
ATOM   737  O O   . HIS A 1 117 ? -6.412  2.756   -4.287  1.00 26.21  ? 117 HIS A O   1 
ATOM   738  C CB  . HIS A 1 117 ? -7.789  0.513   -3.356  1.00 36.52  ? 117 HIS A CB  1 
ATOM   739  C CG  . HIS A 1 117 ? -8.646  -0.648  -2.981  1.00 36.37  ? 117 HIS A CG  1 
ATOM   740  N ND1 . HIS A 1 117 ? -9.977  -0.510  -2.641  1.00 42.22  ? 117 HIS A ND1 1 
ATOM   741  C CD2 . HIS A 1 117 ? -8.374  -1.974  -2.903  1.00 39.45  ? 117 HIS A CD2 1 
ATOM   742  C CE1 . HIS A 1 117 ? -10.486 -1.703  -2.364  1.00 37.79  ? 117 HIS A CE1 1 
ATOM   743  N NE2 . HIS A 1 117 ? -9.547  -2.613  -2.552  1.00 40.29  ? 117 HIS A NE2 1 
ATOM   744  N N   . LYS A 1 118 ? -6.780  2.280   -6.466  1.00 30.34  ? 118 LYS A N   1 
ATOM   745  C CA  . LYS A 1 118 ? -5.879  3.348   -6.934  1.00 34.52  ? 118 LYS A CA  1 
ATOM   746  C C   . LYS A 1 118 ? -6.245  4.729   -6.431  1.00 32.50  ? 118 LYS A C   1 
ATOM   747  O O   . LYS A 1 118 ? -5.356  5.525   -6.104  1.00 35.39  ? 118 LYS A O   1 
ATOM   748  C CB  . LYS A 1 118 ? -5.878  3.409   -8.458  1.00 32.63  ? 118 LYS A CB  1 
ATOM   749  C CG  . LYS A 1 118 ? -5.000  2.351   -9.068  1.00 36.75  ? 118 LYS A CG  1 
ATOM   750  C CD  . LYS A 1 118 ? -5.295  2.199   -10.545 1.00 34.67  ? 118 LYS A CD  1 
ATOM   751  C CE  . LYS A 1 118 ? -4.134  1.518   -11.236 1.00 43.04  ? 118 LYS A CE  1 
ATOM   752  N NZ  . LYS A 1 118 ? -4.515  0.437   -12.184 1.00 49.63  ? 118 LYS A NZ  1 
ATOM   753  N N   . ALA A 1 119 ? -7.540  5.063   -6.448  1.00 36.65  ? 119 ALA A N   1 
ATOM   754  C CA  . ALA A 1 119 ? -7.950  6.430   -6.046  1.00 33.72  ? 119 ALA A CA  1 
ATOM   755  C C   . ALA A 1 119 ? -7.656  6.681   -4.574  1.00 30.99  ? 119 ALA A C   1 
ATOM   756  O O   . ALA A 1 119 ? -7.205  7.752   -4.205  1.00 35.18  ? 119 ALA A O   1 
ATOM   757  C CB  . ALA A 1 119 ? -9.408  6.706   -6.362  1.00 34.77  ? 119 ALA A CB  1 
ATOM   758  N N   . VAL A 1 120 ? -7.882  5.677   -3.751  1.00 30.75  ? 120 VAL A N   1 
ATOM   759  C CA  . VAL A 1 120 ? -7.599  5.787   -2.339  1.00 32.41  ? 120 VAL A CA  1 
ATOM   760  C C   . VAL A 1 120 ? -6.096  5.820   -2.058  1.00 37.67  ? 120 VAL A C   1 
ATOM   761  O O   . VAL A 1 120 ? -5.632  6.577   -1.208  1.00 36.85  ? 120 VAL A O   1 
ATOM   762  C CB  . VAL A 1 120 ? -8.239  4.610   -1.594  1.00 31.87  ? 120 VAL A CB  1 
ATOM   763  C CG1 . VAL A 1 120 ? -7.651  4.459   -0.184  1.00 33.81  ? 120 VAL A CG1 1 
ATOM   764  C CG2 . VAL A 1 120 ? -9.761  4.820   -1.550  1.00 34.40  ? 120 VAL A CG2 1 
ATOM   765  N N   . THR A 1 121 ? -5.348  4.916   -2.684  1.00 36.20  ? 121 THR A N   1 
ATOM   766  C CA  . THR A 1 121 ? -3.888  4.998   -2.654  1.00 37.70  ? 121 THR A CA  1 
ATOM   767  C C   . THR A 1 121 ? -3.420  6.400   -3.040  1.00 37.09  ? 121 THR A C   1 
ATOM   768  O O   . THR A 1 121 ? -2.561  6.996   -2.379  1.00 36.22  ? 121 THR A O   1 
ATOM   769  C CB  . THR A 1 121 ? -3.287  4.047   -3.708  1.00 40.46  ? 121 THR A CB  1 
ATOM   770  O OG1 . THR A 1 121 ? -3.816  2.747   -3.535  1.00 35.75  ? 121 THR A OG1 1 
ATOM   771  C CG2 . THR A 1 121 ? -1.819  3.961   -3.559  1.00 47.19  ? 121 THR A CG2 1 
ATOM   772  N N   . ARG A 1 122 ? -3.926  6.880   -4.173  1.00 37.25  ? 122 ARG A N   1 
ATOM   773  C CA  . ARG A 1 122 ? -3.465  8.142   -4.738  1.00 46.06  ? 122 ARG A CA  1 
ATOM   774  C C   . ARG A 1 122 ? -3.749  9.274   -3.734  1.00 43.83  ? 122 ARG A C   1 
ATOM   775  O O   . ARG A 1 122 ? -2.827  9.979   -3.304  1.00 40.35  ? 122 ARG A O   1 
ATOM   776  C CB  . ARG A 1 122 ? -4.144  8.369   -6.098  1.00 55.61  ? 122 ARG A CB  1 
ATOM   777  C CG  . ARG A 1 122 ? -3.643  9.559   -6.913  1.00 66.32  ? 122 ARG A CG  1 
ATOM   778  C CD  . ARG A 1 122 ? -4.782  10.150  -7.737  1.00 77.14  ? 122 ARG A CD  1 
ATOM   779  N NE  . ARG A 1 122 ? -5.913  10.499  -6.859  1.00 93.26  ? 122 ARG A NE  1 
ATOM   780  C CZ  . ARG A 1 122 ? -7.147  10.813  -7.258  1.00 93.14  ? 122 ARG A CZ  1 
ATOM   781  N NH1 . ARG A 1 122 ? -7.454  10.866  -8.551  1.00 87.45  ? 122 ARG A NH1 1 
ATOM   782  N NH2 . ARG A 1 122 ? -8.082  11.095  -6.345  1.00 87.13  ? 122 ARG A NH2 1 
ATOM   783  N N   . ALA A 1 123 ? -4.988  9.350   -3.255  1.00 40.87  ? 123 ALA A N   1 
ATOM   784  C CA  . ALA A 1 123 ? -5.388  10.402  -2.290  1.00 36.69  ? 123 ALA A CA  1 
ATOM   785  C C   . ALA A 1 123 ? -4.702  10.234  -0.936  1.00 33.46  ? 123 ALA A C   1 
ATOM   786  O O   . ALA A 1 123 ? -4.298  11.205  -0.298  1.00 43.13  ? 123 ALA A O   1 
ATOM   787  C CB  . ALA A 1 123 ? -6.906  10.418  -2.136  1.00 35.12  ? 123 ALA A CB  1 
ATOM   788  N N   . GLY A 1 124 ? -4.484  8.996   -0.530  1.00 34.66  ? 124 GLY A N   1 
ATOM   789  C CA  . GLY A 1 124 ? -3.810  8.706   0.751   1.00 35.31  ? 124 GLY A CA  1 
ATOM   790  C C   . GLY A 1 124 ? -2.371  9.162   0.783   1.00 41.59  ? 124 GLY A C   1 
ATOM   791  O O   . GLY A 1 124 ? -1.891  9.738   1.789   1.00 45.52  ? 124 GLY A O   1 
ATOM   792  N N   . GLN A 1 125 ? -1.674  8.938   -0.329  1.00 43.29  ? 125 GLN A N   1 
ATOM   793  C CA  . GLN A 1 125 ? -0.326  9.467   -0.489  1.00 50.67  ? 125 GLN A CA  1 
ATOM   794  C C   . GLN A 1 125 ? -0.355  10.988  -0.390  1.00 45.42  ? 125 GLN A C   1 
ATOM   795  O O   . GLN A 1 125 ? 0.389   11.570  0.373   1.00 43.81  ? 125 GLN A O   1 
ATOM   796  C CB  . GLN A 1 125 ? 0.300   9.056   -1.833  1.00 53.09  ? 125 GLN A CB  1 
ATOM   797  C CG  . GLN A 1 125 ? 0.823   7.635   -1.830  1.00 63.92  ? 125 GLN A CG  1 
ATOM   798  C CD  . GLN A 1 125 ? 2.072   7.485   -0.969  1.00 71.55  ? 125 GLN A CD  1 
ATOM   799  O OE1 . GLN A 1 125 ? 3.156   7.985   -1.323  1.00 83.20  ? 125 GLN A OE1 1 
ATOM   800  N NE2 . GLN A 1 125 ? 1.926   6.815   0.177   1.00 61.66  ? 125 GLN A NE2 1 
ATOM   801  N N   . ALA A 1 126 ? -1.207  11.625  -1.163  1.00 44.68  ? 126 ALA A N   1 
ATOM   802  C CA  . ALA A 1 126 ? -1.258  13.073  -1.144  1.00 44.69  ? 126 ALA A CA  1 
ATOM   803  C C   . ALA A 1 126 ? -1.537  13.557  0.279   1.00 47.52  ? 126 ALA A C   1 
ATOM   804  O O   . ALA A 1 126 ? -0.829  14.422  0.786   1.00 54.00  ? 126 ALA A O   1 
ATOM   805  C CB  . ALA A 1 126 ? -2.315  13.566  -2.108  1.00 43.16  ? 126 ALA A CB  1 
ATOM   806  N N   . ALA A 1 127 ? -2.493  12.923  0.959   1.00 45.69  ? 127 ALA A N   1 
ATOM   807  C CA  . ALA A 1 127 ? -2.821  13.302  2.342   1.00 42.60  ? 127 ALA A CA  1 
ATOM   808  C C   . ALA A 1 127 ? -1.670  13.271  3.331   1.00 47.78  ? 127 ALA A C   1 
ATOM   809  O O   . ALA A 1 127 ? -1.778  13.876  4.394   1.00 49.56  ? 127 ALA A O   1 
ATOM   810  C CB  . ALA A 1 127 ? -3.931  12.421  2.873   1.00 41.20  ? 127 ALA A CB  1 
ATOM   811  N N   . ARG A 1 128 ? -0.609  12.516  3.047   1.00 49.91  ? 128 ARG A N   1 
ATOM   812  C CA  . ARG A 1 128 ? 0.534   12.455  3.958   1.00 49.69  ? 128 ARG A CA  1 
ATOM   813  C C   . ARG A 1 128 ? 1.089   13.824  4.273   1.00 50.26  ? 128 ARG A C   1 
ATOM   814  O O   . ARG A 1 128 ? 1.556   14.034  5.378   1.00 48.70  ? 128 ARG A O   1 
ATOM   815  C CB  . ARG A 1 128 ? 1.676   11.614  3.402   1.00 50.39  ? 128 ARG A CB  1 
ATOM   816  C CG  . ARG A 1 128 ? 1.386   10.136  3.490   1.00 57.34  ? 128 ARG A CG  1 
ATOM   817  C CD  . ARG A 1 128 ? 2.305   9.285   2.621   1.00 59.95  ? 128 ARG A CD  1 
ATOM   818  N NE  . ARG A 1 128 ? 3.516   8.902   3.330   1.00 60.95  ? 128 ARG A NE  1 
ATOM   819  C CZ  . ARG A 1 128 ? 4.543   8.245   2.795   1.00 64.69  ? 128 ARG A CZ  1 
ATOM   820  N NH1 . ARG A 1 128 ? 4.533   7.866   1.516   1.00 59.41  ? 128 ARG A NH1 1 
ATOM   821  N NH2 . ARG A 1 128 ? 5.591   7.965   3.565   1.00 64.84  ? 128 ARG A NH2 1 
ATOM   822  N N   . ALA A 1 129 ? 1.069   14.730  3.297   1.00 54.02  ? 129 ALA A N   1 
ATOM   823  C CA  . ALA A 1 129 ? 1.574   16.086  3.496   1.00 61.93  ? 129 ALA A CA  1 
ATOM   824  C C   . ALA A 1 129 ? 0.774   16.797  4.585   1.00 63.19  ? 129 ALA A C   1 
ATOM   825  O O   . ALA A 1 129 ? 1.333   17.375  5.503   1.00 71.61  ? 129 ALA A O   1 
ATOM   826  C CB  . ALA A 1 129 ? 1.518   16.871  2.191   1.00 58.86  ? 129 ALA A CB  1 
ATOM   827  N N   . THR A 1 130 ? -0.538  16.688  4.503   1.00 62.95  ? 130 THR A N   1 
ATOM   828  C CA  . THR A 1 130 ? -1.415  17.526  5.283   1.00 58.03  ? 130 THR A CA  1 
ATOM   829  C C   . THR A 1 130 ? -1.847  16.899  6.592   1.00 58.10  ? 130 THR A C   1 
ATOM   830  O O   . THR A 1 130 ? -2.449  17.580  7.407   1.00 57.02  ? 130 THR A O   1 
ATOM   831  C CB  . THR A 1 130 ? -2.657  17.858  4.449   1.00 58.13  ? 130 THR A CB  1 
ATOM   832  O OG1 . THR A 1 130 ? -3.176  16.655  3.843   1.00 51.32  ? 130 THR A OG1 1 
ATOM   833  C CG2 . THR A 1 130 ? -2.270  18.828  3.366   1.00 54.56  ? 130 THR A CG2 1 
ATOM   834  N N   . SER A 1 131 ? -1.555  15.617  6.814   1.00 47.79  ? 131 SER A N   1 
ATOM   835  C CA  . SER A 1 131 ? -2.202  14.892  7.893   1.00 43.88  ? 131 SER A CA  1 
ATOM   836  C C   . SER A 1 131 ? -1.237  13.980  8.622   1.00 56.26  ? 131 SER A C   1 
ATOM   837  O O   . SER A 1 131 ? -0.619  13.085  8.027   1.00 53.90  ? 131 SER A O   1 
ATOM   838  C CB  . SER A 1 131 ? -3.390  14.091  7.382   1.00 45.67  ? 131 SER A CB  1 
ATOM   839  O OG  . SER A 1 131 ? -3.723  13.085  8.333   1.00 46.13  ? 131 SER A OG  1 
ATOM   840  N N   . VAL A 1 132 ? -1.120  14.218  9.925   1.00 53.62  ? 132 VAL A N   1 
ATOM   841  C CA  . VAL A 1 132 ? -0.189  13.503  10.763  1.00 49.05  ? 132 VAL A CA  1 
ATOM   842  C C   . VAL A 1 132 ? -0.690  12.081  10.976  1.00 47.45  ? 132 VAL A C   1 
ATOM   843  O O   . VAL A 1 132 ? 0.109   11.154  11.092  1.00 41.52  ? 132 VAL A O   1 
ATOM   844  C CB  . VAL A 1 132 ? 0.014   14.239  12.119  1.00 55.77  ? 132 VAL A CB  1 
ATOM   845  C CG1 . VAL A 1 132 ? 0.735   13.371  13.145  1.00 55.29  ? 132 VAL A CG1 1 
ATOM   846  C CG2 . VAL A 1 132 ? 0.790   15.525  11.892  1.00 59.20  ? 132 VAL A CG2 1 
ATOM   847  N N   . GLU A 1 133 ? -1.995  11.890  11.061  1.00 40.05  ? 133 GLU A N   1 
ATOM   848  C CA  . GLU A 1 133 ? -2.504  10.533  11.193  1.00 40.52  ? 133 GLU A CA  1 
ATOM   849  C C   . GLU A 1 133 ? -2.272  9.697   9.955   1.00 37.86  ? 133 GLU A C   1 
ATOM   850  O O   . GLU A 1 133 ? -2.073  8.491   10.082  1.00 38.08  ? 133 GLU A O   1 
ATOM   851  C CB  . GLU A 1 133 ? -3.994  10.501  11.463  1.00 48.76  ? 133 GLU A CB  1 
ATOM   852  C CG  . GLU A 1 133 ? -4.366  10.832  12.892  1.00 55.13  ? 133 GLU A CG  1 
ATOM   853  C CD  . GLU A 1 133 ? -5.402  11.924  12.907  1.00 61.92  ? 133 GLU A CD  1 
ATOM   854  O OE1 . GLU A 1 133 ? -5.038  13.053  12.502  1.00 57.88  ? 133 GLU A OE1 1 
ATOM   855  O OE2 . GLU A 1 133 ? -6.569  11.621  13.247  1.00 62.37  ? 133 GLU A OE2 1 
ATOM   856  N N   . VAL A 1 134 ? -2.373  10.306  8.767   1.00 39.20  ? 134 VAL A N   1 
ATOM   857  C CA  . VAL A 1 134 ? -2.127  9.552   7.518   1.00 35.52  ? 134 VAL A CA  1 
ATOM   858  C C   . VAL A 1 134 ? -0.643  9.227   7.430   1.00 35.01  ? 134 VAL A C   1 
ATOM   859  O O   . VAL A 1 134 ? -0.287  8.070   7.273   1.00 36.42  ? 134 VAL A O   1 
ATOM   860  C CB  . VAL A 1 134 ? -2.590  10.294  6.248   1.00 35.94  ? 134 VAL A CB  1 
ATOM   861  C CG1 . VAL A 1 134 ? -2.120  9.547   5.012   1.00 34.10  ? 134 VAL A CG1 1 
ATOM   862  C CG2 . VAL A 1 134 ? -4.137  10.473  6.204   1.00 33.73  ? 134 VAL A CG2 1 
ATOM   863  N N   . ALA A 1 135 ? 0.207   10.249  7.569   1.00 36.58  ? 135 ALA A N   1 
ATOM   864  C CA  . ALA A 1 135 ? 1.675   10.069  7.757   1.00 35.18  ? 135 ALA A CA  1 
ATOM   865  C C   . ALA A 1 135 ? 2.069   8.941   8.739   1.00 34.00  ? 135 ALA A C   1 
ATOM   866  O O   . ALA A 1 135 ? 2.890   8.062   8.415   1.00 30.70  ? 135 ALA A O   1 
ATOM   867  C CB  . ALA A 1 135 ? 2.295   11.383  8.201   1.00 37.19  ? 135 ALA A CB  1 
ATOM   868  N N   . GLU A 1 136 ? 1.454   8.899   9.913   1.00 34.94  ? 136 GLU A N   1 
ATOM   869  C CA  . GLU A 1 136 ? 1.837   7.892   10.902  1.00 35.37  ? 136 GLU A CA  1 
ATOM   870  C C   . GLU A 1 136 ? 1.326   6.506   10.532  1.00 30.80  ? 136 GLU A C   1 
ATOM   871  O O   . GLU A 1 136 ? 1.973   5.510   10.815  1.00 32.69  ? 136 GLU A O   1 
ATOM   872  C CB  . GLU A 1 136 ? 1.360   8.269   12.303  1.00 39.47  ? 136 GLU A CB  1 
ATOM   873  C CG  . GLU A 1 136 ? 2.150   9.439   12.859  1.00 52.32  ? 136 GLU A CG  1 
ATOM   874  C CD  . GLU A 1 136 ? 1.525   10.043  14.114  1.00 63.71  ? 136 GLU A CD  1 
ATOM   875  O OE1 . GLU A 1 136 ? 0.276   10.013  14.265  1.00 62.50  ? 136 GLU A OE1 1 
ATOM   876  O OE2 . GLU A 1 136 ? 2.296   10.572  14.946  1.00 66.34  ? 136 GLU A OE2 1 
ATOM   877  N N   . LEU A 1 137 ? 0.152   6.420   9.936   1.00 30.32  ? 137 LEU A N   1 
ATOM   878  C CA  . LEU A 1 137 ? -0.361  5.094   9.544   1.00 29.20  ? 137 LEU A CA  1 
ATOM   879  C C   . LEU A 1 137 ? 0.589   4.487   8.471   1.00 28.83  ? 137 LEU A C   1 
ATOM   880  O O   . LEU A 1 137 ? 0.990   3.333   8.579   1.00 23.99  ? 137 LEU A O   1 
ATOM   881  C CB  . LEU A 1 137 ? -1.755  5.211   8.956   1.00 32.60  ? 137 LEU A CB  1 
ATOM   882  C CG  . LEU A 1 137 ? -2.391  3.955   8.368   1.00 36.42  ? 137 LEU A CG  1 
ATOM   883  C CD1 . LEU A 1 137 ? -2.846  3.009   9.473   1.00 40.36  ? 137 LEU A CD1 1 
ATOM   884  C CD2 . LEU A 1 137 ? -3.569  4.318   7.476   1.00 43.56  ? 137 LEU A CD2 1 
ATOM   885  N N   A TRP A 1 138 ? 0.920   5.293   7.472   0.67 25.85  ? 138 TRP A N   1 
ATOM   886  N N   B TRP A 1 138 ? 0.878   5.251   7.418   0.33 26.25  ? 138 TRP A N   1 
ATOM   887  C CA  A TRP A 1 138 ? 1.741   4.835   6.377   0.67 28.60  ? 138 TRP A CA  1 
ATOM   888  C CA  B TRP A 1 138 ? 1.771   4.781   6.358   0.33 26.98  ? 138 TRP A CA  1 
ATOM   889  C C   A TRP A 1 138 ? 3.104   4.408   6.945   0.67 29.00  ? 138 TRP A C   1 
ATOM   890  C C   B TRP A 1 138 ? 3.091   4.358   6.996   0.33 28.42  ? 138 TRP A C   1 
ATOM   891  O O   A TRP A 1 138 ? 3.563   3.282   6.735   0.67 28.43  ? 138 TRP A O   1 
ATOM   892  O O   B TRP A 1 138 ? 3.549   3.224   6.825   0.33 27.95  ? 138 TRP A O   1 
ATOM   893  C CB  A TRP A 1 138 ? 1.852   5.901   5.251   0.67 28.41  ? 138 TRP A CB  1 
ATOM   894  C CB  B TRP A 1 138 ? 2.066   5.884   5.335   0.33 25.60  ? 138 TRP A CB  1 
ATOM   895  C CG  A TRP A 1 138 ? 2.504   5.295   4.094   0.67 31.60  ? 138 TRP A CG  1 
ATOM   896  C CG  B TRP A 1 138 ? 1.041   6.195   4.291   0.33 24.50  ? 138 TRP A CG  1 
ATOM   897  C CD1 A TRP A 1 138 ? 3.837   5.399   3.730   0.67 32.28  ? 138 TRP A CD1 1 
ATOM   898  C CD1 B TRP A 1 138 ? 0.314   7.321   4.214   0.33 25.43  ? 138 TRP A CD1 1 
ATOM   899  C CD2 A TRP A 1 138 ? 1.948   4.302   3.259   0.67 32.08  ? 138 TRP A CD2 1 
ATOM   900  C CD2 B TRP A 1 138 ? 0.734   5.452   3.103   0.33 24.62  ? 138 TRP A CD2 1 
ATOM   901  N NE1 A TRP A 1 138 ? 4.096   4.611   2.641   0.67 30.80  ? 138 TRP A NE1 1 
ATOM   902  N NE1 B TRP A 1 138 ? -0.449  7.340   3.076   0.33 22.99  ? 138 TRP A NE1 1 
ATOM   903  C CE2 A TRP A 1 138 ? 2.961   3.900   2.350   0.67 33.38  ? 138 TRP A CE2 1 
ATOM   904  C CE2 B TRP A 1 138 ? -0.234  6.188   2.389   0.33 24.35  ? 138 TRP A CE2 1 
ATOM   905  C CE3 A TRP A 1 138 ? 0.679   3.730   3.156   0.67 30.27  ? 138 TRP A CE3 1 
ATOM   906  C CE3 B TRP A 1 138 ? 1.135   4.219   2.602   0.33 24.33  ? 138 TRP A CE3 1 
ATOM   907  C CZ2 A TRP A 1 138 ? 2.726   2.964   1.358   0.67 31.81  ? 138 TRP A CZ2 1 
ATOM   908  C CZ2 B TRP A 1 138 ? -0.771  5.751   1.191   0.33 23.42  ? 138 TRP A CZ2 1 
ATOM   909  C CZ3 A TRP A 1 138 ? 0.449   2.834   2.166   0.67 29.13  ? 138 TRP A CZ3 1 
ATOM   910  C CZ3 B TRP A 1 138 ? 0.589   3.785   1.427   0.33 22.51  ? 138 TRP A CZ3 1 
ATOM   911  C CH2 A TRP A 1 138 ? 1.468   2.425   1.302   0.67 31.93  ? 138 TRP A CH2 1 
ATOM   912  C CH2 B TRP A 1 138 ? -0.344  4.549   0.729   0.33 23.99  ? 138 TRP A CH2 1 
ATOM   913  N N   . SER A 1 139 ? 3.662   5.256   7.796   1.00 31.67  ? 139 SER A N   1 
ATOM   914  C CA  . SER A 1 139 ? 4.946   4.986   8.482   1.00 29.06  ? 139 SER A CA  1 
ATOM   915  C C   . SER A 1 139 ? 4.984   3.722   9.364   1.00 28.05  ? 139 SER A C   1 
ATOM   916  O O   . SER A 1 139 ? 5.906   2.875   9.282   1.00 25.18  ? 139 SER A O   1 
ATOM   917  C CB  . SER A 1 139 ? 5.329   6.252   9.246   1.00 31.07  ? 139 SER A CB  1 
ATOM   918  O OG  . SER A 1 139 ? 6.337   5.955   10.139  1.00 34.52  ? 139 SER A OG  1 
ATOM   919  N N   . THR A 1 140 ? 3.948   3.523   10.151  1.00 27.27  ? 140 THR A N   1 
ATOM   920  C CA  . THR A 1 140 ? 3.792   2.282   10.925  1.00 28.56  ? 140 THR A CA  1 
ATOM   921  C C   . THR A 1 140 ? 3.767   1.032   10.065  1.00 27.78  ? 140 THR A C   1 
ATOM   922  O O   . THR A 1 140 ? 4.450   0.027   10.360  1.00 25.07  ? 140 THR A O   1 
ATOM   923  C CB  . THR A 1 140 ? 2.463   2.316   11.730  1.00 36.79  ? 140 THR A CB  1 
ATOM   924  O OG1 . THR A 1 140 ? 2.593   3.257   12.780  1.00 41.82  ? 140 THR A OG1 1 
ATOM   925  C CG2 . THR A 1 140 ? 2.121   0.981   12.375  1.00 37.59  ? 140 THR A CG2 1 
ATOM   926  N N   . PHE A 1 141 ? 2.960   1.049   9.007   1.00 25.37  ? 141 PHE A N   1 
ATOM   927  C CA  . PHE A 1 141 ? 2.963   -0.122  8.132   1.00 23.91  ? 141 PHE A CA  1 
ATOM   928  C C   . PHE A 1 141 ? 4.262   -0.356  7.370   1.00 23.61  ? 141 PHE A C   1 
ATOM   929  O O   . PHE A 1 141 ? 4.749   -1.504  7.268   1.00 20.75  ? 141 PHE A O   1 
ATOM   930  C CB  . PHE A 1 141 ? 1.698   -0.144  7.244   1.00 26.99  ? 141 PHE A CB  1 
ATOM   931  C CG  . PHE A 1 141 ? 0.485   -0.657  8.024   1.00 29.87  ? 141 PHE A CG  1 
ATOM   932  C CD1 . PHE A 1 141 ? 0.264   -2.013  8.147   1.00 27.68  ? 141 PHE A CD1 1 
ATOM   933  C CD2 . PHE A 1 141 ? -0.313  0.233   8.791   1.00 27.53  ? 141 PHE A CD2 1 
ATOM   934  C CE1 . PHE A 1 141 ? -0.811  -2.503  8.933   1.00 35.31  ? 141 PHE A CE1 1 
ATOM   935  C CE2 . PHE A 1 141 ? -1.375  -0.254  9.579   1.00 32.20  ? 141 PHE A CE2 1 
ATOM   936  C CZ  . PHE A 1 141 ? -1.625  -1.614  9.636   1.00 31.20  ? 141 PHE A CZ  1 
ATOM   937  N N   . MET A 1 142 ? 4.870   0.733   6.917   1.00 24.83  ? 142 MET A N   1 
ATOM   938  C CA  . MET A 1 142 ? 6.155   0.613   6.195   1.00 25.03  ? 142 MET A CA  1 
ATOM   939  C C   . MET A 1 142 ? 7.186   -0.034  7.126   1.00 22.00  ? 142 MET A C   1 
ATOM   940  O O   . MET A 1 142 ? 7.886   -0.959  6.739   1.00 19.61  ? 142 MET A O   1 
ATOM   941  C CB  . MET A 1 142 ? 6.624   1.992   5.681   1.00 25.17  ? 142 MET A CB  1 
ATOM   942  C CG  . MET A 1 142 ? 5.809   2.525   4.507   1.00 29.12  ? 142 MET A CG  1 
ATOM   943  S SD  . MET A 1 142 ? 5.996   1.487   3.001   1.00 34.15  ? 142 MET A SD  1 
ATOM   944  C CE  . MET A 1 142 ? 7.706   1.845   2.533   1.00 30.86  ? 142 MET A CE  1 
ATOM   945  N N   . GLN A 1 143 ? 7.251   0.406   8.372   1.00 25.42  ? 143 GLN A N   1 
ATOM   946  C CA  . GLN A 1 143 ? 8.184   -0.216  9.316   1.00 27.53  ? 143 GLN A CA  1 
ATOM   947  C C   . GLN A 1 143 ? 7.953   -1.702  9.484   1.00 23.35  ? 143 GLN A C   1 
ATOM   948  O O   . GLN A 1 143 ? 8.907   -2.534  9.466   1.00 25.60  ? 143 GLN A O   1 
ATOM   949  C CB  . GLN A 1 143 ? 8.105   0.449   10.677  1.00 30.35  ? 143 GLN A CB  1 
ATOM   950  C CG  . GLN A 1 143 ? 8.675   1.840   10.728  1.00 39.33  ? 143 GLN A CG  1 
ATOM   951  C CD  . GLN A 1 143 ? 8.419   2.464   12.102  1.00 48.76  ? 143 GLN A CD  1 
ATOM   952  O OE1 . GLN A 1 143 ? 8.394   1.765   13.132  1.00 48.54  ? 143 GLN A OE1 1 
ATOM   953  N NE2 . GLN A 1 143 ? 8.180   3.754   12.121  1.00 51.92  ? 143 GLN A NE2 1 
ATOM   954  N N   . LYS A 1 144 ? 6.690   -2.075  9.592   1.00 24.48  ? 144 LYS A N   1 
ATOM   955  C CA  . LYS A 1 144 ? 6.365   -3.495  9.670   1.00 23.63  ? 144 LYS A CA  1 
ATOM   956  C C   . LYS A 1 144 ? 6.811   -4.282  8.437   1.00 24.10  ? 144 LYS A C   1 
ATOM   957  O O   . LYS A 1 144 ? 7.398   -5.374  8.519   1.00 21.98  ? 144 LYS A O   1 
ATOM   958  C CB  . LYS A 1 144 ? 4.873   -3.617  9.804   1.00 34.14  ? 144 LYS A CB  1 
ATOM   959  C CG  . LYS A 1 144 ? 4.444   -4.976  10.260  1.00 42.10  ? 144 LYS A CG  1 
ATOM   960  C CD  . LYS A 1 144 ? 2.962   -4.967  10.633  1.00 45.82  ? 144 LYS A CD  1 
ATOM   961  C CE  . LYS A 1 144 ? 2.531   -6.393  10.918  1.00 45.21  ? 144 LYS A CE  1 
ATOM   962  N NZ  . LYS A 1 144 ? 1.054   -6.461  11.120  1.00 51.32  ? 144 LYS A NZ  1 
ATOM   963  N N   . TRP A 1 145 ? 6.571   -3.717  7.256   1.00 25.21  ? 145 TRP A N   1 
ATOM   964  C CA  . TRP A 1 145 ? 6.863   -4.445  5.990   1.00 23.83  ? 145 TRP A CA  1 
ATOM   965  C C   . TRP A 1 145 ? 8.364   -4.536  5.753   1.00 23.12  ? 145 TRP A C   1 
ATOM   966  O O   . TRP A 1 145 ? 8.906   -5.558  5.348   1.00 21.78  ? 145 TRP A O   1 
ATOM   967  C CB  . TRP A 1 145 ? 6.124   -3.737  4.826   1.00 25.11  ? 145 TRP A CB  1 
ATOM   968  C CG  . TRP A 1 145 ? 4.643   -3.763  4.993   1.00 25.57  ? 145 TRP A CG  1 
ATOM   969  C CD1 . TRP A 1 145 ? 3.901   -4.711  5.663   1.00 22.05  ? 145 TRP A CD1 1 
ATOM   970  C CD2 . TRP A 1 145 ? 3.715   -2.845  4.453   1.00 25.66  ? 145 TRP A CD2 1 
ATOM   971  N NE1 . TRP A 1 145 ? 2.588   -4.412  5.586   1.00 23.74  ? 145 TRP A NE1 1 
ATOM   972  C CE2 . TRP A 1 145 ? 2.429   -3.279  4.845   1.00 25.46  ? 145 TRP A CE2 1 
ATOM   973  C CE3 . TRP A 1 145 ? 3.834   -1.671  3.717   1.00 25.00  ? 145 TRP A CE3 1 
ATOM   974  C CZ2 . TRP A 1 145 ? 1.270   -2.559  4.538   1.00 26.54  ? 145 TRP A CZ2 1 
ATOM   975  C CZ3 . TRP A 1 145 ? 2.667   -0.966  3.382   1.00 28.73  ? 145 TRP A CZ3 1 
ATOM   976  C CH2 . TRP A 1 145 ? 1.410   -1.424  3.792   1.00 25.06  ? 145 TRP A CH2 1 
ATOM   977  N N   . ILE A 1 146 ? 9.041   -3.460  6.123   1.00 24.10  ? 146 ILE A N   1 
ATOM   978  C CA  . ILE A 1 146 ? 10.511  -3.451  6.129   1.00 23.55  ? 146 ILE A CA  1 
ATOM   979  C C   . ILE A 1 146 ? 11.111  -4.455  7.120   1.00 21.99  ? 146 ILE A C   1 
ATOM   980  O O   . ILE A 1 146 ? 12.076  -5.166  6.777   1.00 24.24  ? 146 ILE A O   1 
ATOM   981  C CB  . ILE A 1 146 ? 11.057  -2.035  6.389   1.00 22.43  ? 146 ILE A CB  1 
ATOM   982  C CG1 . ILE A 1 146 ? 10.818  -1.156  5.159   1.00 23.11  ? 146 ILE A CG1 1 
ATOM   983  C CG2 . ILE A 1 146 ? 12.564  -2.061  6.665   1.00 22.22  ? 146 ILE A CG2 1 
ATOM   984  C CD1 . ILE A 1 146 ? 10.992  0.323   5.414   1.00 25.06  ? 146 ILE A CD1 1 
ATOM   985  N N   . ALA A 1 147 ? 10.535  -4.544  8.319   1.00 21.44  ? 147 ALA A N   1 
ATOM   986  C CA  . ALA A 1 147 ? 11.034  -5.485  9.320   1.00 21.77  ? 147 ALA A CA  1 
ATOM   987  C C   . ALA A 1 147 ? 10.815  -6.933  8.845   1.00 23.12  ? 147 ALA A C   1 
ATOM   988  O O   . ALA A 1 147 ? 11.739  -7.830  8.920   1.00 21.00  ? 147 ALA A O   1 
ATOM   989  C CB  . ALA A 1 147 ? 10.417  -5.214  10.717  1.00 23.51  ? 147 ALA A CB  1 
ATOM   990  N N   . TYR A 1 148 ? 9.691   -7.154  8.192   1.00 25.63  ? 148 TYR A N   1 
ATOM   991  C CA  . TYR A 1 148 ? 9.433   -8.500  7.636   1.00 26.38  ? 148 TYR A CA  1 
ATOM   992  C C   . TYR A 1 148 ? 10.370  -8.824  6.454   1.00 26.26  ? 148 TYR A C   1 
ATOM   993  O O   . TYR A 1 148 ? 10.983  -9.899  6.365   1.00 18.78  ? 148 TYR A O   1 
ATOM   994  C CB  . TYR A 1 148 ? 7.957   -8.650  7.260   1.00 28.71  ? 148 TYR A CB  1 
ATOM   995  C CG  . TYR A 1 148 ? 7.669   -10.012 6.729   1.00 31.95  ? 148 TYR A CG  1 
ATOM   996  C CD1 . TYR A 1 148 ? 7.737   -11.135 7.553   1.00 35.24  ? 148 TYR A CD1 1 
ATOM   997  C CD2 . TYR A 1 148 ? 7.358   -10.204 5.398   1.00 37.21  ? 148 TYR A CD2 1 
ATOM   998  C CE1 . TYR A 1 148 ? 7.513   -12.412 7.057   1.00 35.94  ? 148 TYR A CE1 1 
ATOM   999  C CE2 . TYR A 1 148 ? 7.097   -11.478 4.898   1.00 40.71  ? 148 TYR A CE2 1 
ATOM   1000 C CZ  . TYR A 1 148 ? 7.177   -12.580 5.724   1.00 39.69  ? 148 TYR A CZ  1 
ATOM   1001 O OH  . TYR A 1 148 ? 6.946   -13.847 5.190   1.00 40.92  ? 148 TYR A OH  1 
ATOM   1002 N N   . THR A 1 149 ? 10.577  -7.845  5.603   1.00 26.02  ? 149 THR A N   1 
ATOM   1003 C CA  . THR A 1 149 ? 11.504  -8.038  4.516   1.00 24.44  ? 149 THR A CA  1 
ATOM   1004 C C   . THR A 1 149 ? 12.902  -8.391  5.037   1.00 24.17  ? 149 THR A C   1 
ATOM   1005 O O   . THR A 1 149 ? 13.587  -9.287  4.496   1.00 23.12  ? 149 THR A O   1 
ATOM   1006 C CB  . THR A 1 149 ? 11.587  -6.770  3.632   1.00 23.15  ? 149 THR A CB  1 
ATOM   1007 O OG1 . THR A 1 149 ? 10.326  -6.543  2.972   1.00 23.63  ? 149 THR A OG1 1 
ATOM   1008 C CG2 . THR A 1 149 ? 12.676  -6.930  2.563   1.00 23.58  ? 149 THR A CG2 1 
ATOM   1009 N N   . ALA A 1 150 ? 13.355  -7.609  6.004   1.00 25.13  ? 150 ALA A N   1 
ATOM   1010 C CA  . ALA A 1 150 ? 14.672  -7.850  6.621   1.00 27.62  ? 150 ALA A CA  1 
ATOM   1011 C C   . ALA A 1 150 ? 14.766  -9.277  7.258   1.00 24.50  ? 150 ALA A C   1 
ATOM   1012 O O   . ALA A 1 150 ? 15.764  -9.980  7.075   1.00 27.03  ? 150 ALA A O   1 
ATOM   1013 C CB  . ALA A 1 150 ? 14.993  -6.759  7.641   1.00 23.21  ? 150 ALA A CB  1 
ATOM   1014 N N   . ALA A 1 151 ? 13.720  -9.701  7.952   1.00 27.13  ? 151 ALA A N   1 
ATOM   1015 C CA  . ALA A 1 151 ? 13.708  -11.062 8.579   1.00 27.27  ? 151 ALA A CA  1 
ATOM   1016 C C   . ALA A 1 151 ? 13.800  -12.140 7.523   1.00 29.05  ? 151 ALA A C   1 
ATOM   1017 O O   . ALA A 1 151 ? 14.570  -13.106 7.659   1.00 29.15  ? 151 ALA A O   1 
ATOM   1018 C CB  . ALA A 1 151 ? 12.470  -11.240 9.481   1.00 28.20  ? 151 ALA A CB  1 
ATOM   1019 N N   . VAL A 1 152 ? 13.122  -11.940 6.390   1.00 27.69  ? 152 VAL A N   1 
ATOM   1020 C CA  . VAL A 1 152 ? 13.249  -12.902 5.332   1.00 26.44  ? 152 VAL A CA  1 
ATOM   1021 C C   . VAL A 1 152 ? 14.640  -12.900 4.709   1.00 26.47  ? 152 VAL A C   1 
ATOM   1022 O O   . VAL A 1 152 ? 15.217  -13.969 4.495   1.00 27.16  ? 152 VAL A O   1 
ATOM   1023 C CB  . VAL A 1 152 ? 12.159  -12.741 4.245   1.00 30.74  ? 152 VAL A CB  1 
ATOM   1024 C CG1 . VAL A 1 152 ? 12.381  -13.794 3.183   1.00 28.26  ? 152 VAL A CG1 1 
ATOM   1025 C CG2 . VAL A 1 152 ? 10.733  -12.854 4.835   1.00 33.47  ? 152 VAL A CG2 1 
ATOM   1026 N N   . ILE A 1 153 ? 15.219  -11.721 4.463   1.00 24.67  ? 153 ILE A N   1 
ATOM   1027 C CA  . ILE A 1 153 ? 16.578  -11.656 3.993   1.00 23.18  ? 153 ILE A CA  1 
ATOM   1028 C C   . ILE A 1 153 ? 17.537  -12.370 4.976   1.00 23.89  ? 153 ILE A C   1 
ATOM   1029 O O   . ILE A 1 153 ? 18.379  -13.168 4.585   1.00 25.79  ? 153 ILE A O   1 
ATOM   1030 C CB  . ILE A 1 153 ? 17.002  -10.189 3.730   1.00 22.19  ? 153 ILE A CB  1 
ATOM   1031 C CG1 . ILE A 1 153 ? 16.242  -9.587  2.517   1.00 20.39  ? 153 ILE A CG1 1 
ATOM   1032 C CG2 . ILE A 1 153 ? 18.486  -10.155 3.453   1.00 22.23  ? 153 ILE A CG2 1 
ATOM   1033 C CD1 . ILE A 1 153 ? 16.362  -8.061  2.410   1.00 20.93  ? 153 ILE A CD1 1 
ATOM   1034 N N   . ASP A 1 154 ? 17.376  -12.114 6.240   1.00 26.66  ? 154 ASP A N   1 
ATOM   1035 C CA  . ASP A 1 154 ? 18.198  -12.807 7.262   1.00 27.49  ? 154 ASP A CA  1 
ATOM   1036 C C   . ASP A 1 154 ? 18.134  -14.327 7.247   1.00 31.11  ? 154 ASP A C   1 
ATOM   1037 O O   . ASP A 1 154 ? 19.171  -15.013 7.286   1.00 31.96  ? 154 ASP A O   1 
ATOM   1038 C CB  . ASP A 1 154 ? 17.810  -12.278 8.639   1.00 29.76  ? 154 ASP A CB  1 
ATOM   1039 C CG  . ASP A 1 154 ? 18.490  -10.945 8.947   1.00 31.01  ? 154 ASP A CG  1 
ATOM   1040 O OD1 . ASP A 1 154 ? 19.571  -10.679 8.384   1.00 32.39  ? 154 ASP A OD1 1 
ATOM   1041 O OD2 . ASP A 1 154 ? 17.917  -10.146 9.690   1.00 33.63  ? 154 ASP A OD2 1 
ATOM   1042 N N   . ALA A 1 155 ? 16.926  -14.856 7.177   1.00 30.63  ? 155 ALA A N   1 
ATOM   1043 C CA  . ALA A 1 155 ? 16.736  -16.301 6.967   1.00 31.97  ? 155 ALA A CA  1 
ATOM   1044 C C   . ALA A 1 155 ? 17.419  -16.798 5.704   1.00 34.65  ? 155 ALA A C   1 
ATOM   1045 O O   . ALA A 1 155 ? 18.130  -17.809 5.716   1.00 38.35  ? 155 ALA A O   1 
ATOM   1046 C CB  . ALA A 1 155 ? 15.237  -16.632 6.922   1.00 35.96  ? 155 ALA A CB  1 
ATOM   1047 N N   . GLU A 1 156 ? 17.257  -16.091 4.602   1.00 32.00  ? 156 GLU A N   1 
ATOM   1048 C CA  . GLU A 1 156 ? 17.941  -16.505 3.374   1.00 31.25  ? 156 GLU A CA  1 
ATOM   1049 C C   . GLU A 1 156 ? 19.459  -16.505 3.537   1.00 32.10  ? 156 GLU A C   1 
ATOM   1050 O O   . GLU A 1 156 ? 20.170  -17.309 2.909   1.00 33.58  ? 156 GLU A O   1 
ATOM   1051 C CB  . GLU A 1 156 ? 17.554  -15.598 2.206   1.00 30.11  ? 156 GLU A CB  1 
ATOM   1052 C CG  . GLU A 1 156 ? 16.118  -15.739 1.747   1.00 32.21  ? 156 GLU A CG  1 
ATOM   1053 C CD  . GLU A 1 156 ? 15.861  -17.106 1.113   1.00 31.13  ? 156 GLU A CD  1 
ATOM   1054 O OE1 . GLU A 1 156 ? 15.540  -18.005 1.874   1.00 34.48  ? 156 GLU A OE1 1 
ATOM   1055 O OE2 . GLU A 1 156 ? 16.020  -17.297 -0.101  1.00 28.76  ? 156 GLU A OE2 1 
ATOM   1056 N N   . ARG A 1 157 ? 19.950  -15.534 4.309   1.00 32.96  ? 157 ARG A N   1 
ATOM   1057 C CA  . ARG A 1 157 ? 21.354  -15.510 4.692   1.00 31.25  ? 157 ARG A CA  1 
ATOM   1058 C C   . ARG A 1 157 ? 21.771  -16.676 5.630   1.00 32.04  ? 157 ARG A C   1 
ATOM   1059 O O   . ARG A 1 157 ? 22.781  -17.354 5.390   1.00 30.61  ? 157 ARG A O   1 
ATOM   1060 C CB  . ARG A 1 157 ? 21.696  -14.156 5.280   1.00 33.83  ? 157 ARG A CB  1 
ATOM   1061 C CG  . ARG A 1 157 ? 21.652  -13.052 4.225   1.00 29.64  ? 157 ARG A CG  1 
ATOM   1062 C CD  . ARG A 1 157 ? 21.939  -11.731 4.850   1.00 28.60  ? 157 ARG A CD  1 
ATOM   1063 N NE  . ARG A 1 157 ? 21.978  -10.690 3.835   1.00 29.02  ? 157 ARG A NE  1 
ATOM   1064 C CZ  . ARG A 1 157 ? 22.410  -9.454  4.036   1.00 28.37  ? 157 ARG A CZ  1 
ATOM   1065 N NH1 . ARG A 1 157 ? 22.841  -9.073  5.223   1.00 25.11  ? 157 ARG A NH1 1 
ATOM   1066 N NH2 . ARG A 1 157 ? 22.385  -8.576  3.032   1.00 27.64  ? 157 ARG A NH2 1 
ATOM   1067 N N   . ASP A 1 158 ? 21.000  -16.912 6.673   1.00 32.35  ? 158 ASP A N   1 
ATOM   1068 C CA  . ASP A 1 158 ? 21.300  -18.002 7.615   1.00 37.73  ? 158 ASP A CA  1 
ATOM   1069 C C   . ASP A 1 158 ? 21.297  -19.379 6.934   1.00 39.54  ? 158 ASP A C   1 
ATOM   1070 O O   . ASP A 1 158 ? 22.175  -20.203 7.236   1.00 43.01  ? 158 ASP A O   1 
ATOM   1071 C CB  . ASP A 1 158 ? 20.306  -17.996 8.755   1.00 35.31  ? 158 ASP A CB  1 
ATOM   1072 C CG  . ASP A 1 158 ? 20.465  -16.809 9.656   1.00 41.62  ? 158 ASP A CG  1 
ATOM   1073 O OD1 . ASP A 1 158 ? 21.430  -16.011 9.497   1.00 43.14  ? 158 ASP A OD1 1 
ATOM   1074 O OD2 . ASP A 1 158 ? 19.580  -16.648 10.531  1.00 47.32  ? 158 ASP A OD2 1 
ATOM   1075 N N   . ARG A 1 159 ? 20.399  -19.594 5.967   1.00 34.37  ? 159 ARG A N   1 
ATOM   1076 C CA  . ARG A 1 159 ? 20.311  -20.894 5.260   1.00 36.78  ? 159 ARG A CA  1 
ATOM   1077 C C   . ARG A 1 159 ? 21.406  -20.979 4.200   1.00 43.43  ? 159 ARG A C   1 
ATOM   1078 O O   . ARG A 1 159 ? 21.651  -22.038 3.621   1.00 41.17  ? 159 ARG A O   1 
ATOM   1079 C CB  . ARG A 1 159 ? 18.873  -21.163 4.743   1.00 39.86  ? 159 ARG A CB  1 
ATOM   1080 C CG  . ARG A 1 159 ? 18.561  -20.718 3.322   1.00 42.96  ? 159 ARG A CG  1 
ATOM   1081 C CD  . ARG A 1 159 ? 17.076  -20.848 2.928   1.00 45.19  ? 159 ARG A CD  1 
ATOM   1082 N NE  . ARG A 1 159 ? 16.742  -20.180 1.638   1.00 41.80  ? 159 ARG A NE  1 
ATOM   1083 C CZ  . ARG A 1 159 ? 16.851  -20.723 0.414   1.00 51.10  ? 159 ARG A CZ  1 
ATOM   1084 N NH1 . ARG A 1 159 ? 17.277  -21.969 0.239   1.00 53.92  ? 159 ARG A NH1 1 
ATOM   1085 N NH2 . ARG A 1 159 ? 16.541  -20.017 -0.677  1.00 59.89  ? 159 ARG A NH2 1 
ATOM   1086 N N   . GLY A 1 160 ? 22.089  -19.859 3.949   1.00 38.28  ? 160 GLY A N   1 
ATOM   1087 C CA  . GLY A 1 160 ? 23.248  -19.874 3.092   1.00 34.84  ? 160 GLY A CA  1 
ATOM   1088 C C   . GLY A 1 160 ? 22.910  -19.624 1.649   1.00 36.60  ? 160 GLY A C   1 
ATOM   1089 O O   . GLY A 1 160 ? 23.774  -19.737 0.809   1.00 39.17  ? 160 GLY A O   1 
ATOM   1090 N N   . ALA A 1 161 ? 21.681  -19.207 1.353   1.00 34.41  ? 161 ALA A N   1 
ATOM   1091 C CA  . ALA A 1 161 ? 21.284  -18.850 -0.035  1.00 34.93  ? 161 ALA A CA  1 
ATOM   1092 C C   . ALA A 1 161 ? 21.642  -17.415 -0.454  1.00 34.68  ? 161 ALA A C   1 
ATOM   1093 O O   . ALA A 1 161 ? 21.790  -17.146 -1.623  1.00 39.26  ? 161 ALA A O   1 
ATOM   1094 C CB  . ALA A 1 161 ? 19.786  -19.064 -0.206  1.00 33.89  ? 161 ALA A CB  1 
ATOM   1095 N N   . ALA A 1 162 ? 21.770  -16.500 0.504   1.00 32.21  ? 162 ALA A N   1 
ATOM   1096 C CA  . ALA A 1 162 ? 22.017  -15.083 0.213   1.00 29.84  ? 162 ALA A CA  1 
ATOM   1097 C C   . ALA A 1 162 ? 23.344  -14.638 0.869   1.00 28.45  ? 162 ALA A C   1 
ATOM   1098 O O   . ALA A 1 162 ? 23.595  -14.946 1.999   1.00 27.54  ? 162 ALA A O   1 
ATOM   1099 C CB  . ALA A 1 162 ? 20.863  -14.235 0.732   1.00 28.07  ? 162 ALA A CB  1 
ATOM   1100 N N   . PRO A 1 163 ? 24.193  -13.953 0.130   1.00 29.65  ? 163 PRO A N   1 
ATOM   1101 C CA  . PRO A 1 163 ? 25.472  -13.497 0.719   1.00 33.36  ? 163 PRO A CA  1 
ATOM   1102 C C   . PRO A 1 163 ? 25.260  -12.367 1.749   1.00 30.53  ? 163 PRO A C   1 
ATOM   1103 O O   . PRO A 1 163 ? 24.224  -11.708 1.713   1.00 26.88  ? 163 PRO A O   1 
ATOM   1104 C CB  . PRO A 1 163 ? 26.249  -12.997 -0.495  1.00 29.75  ? 163 PRO A CB  1 
ATOM   1105 C CG  . PRO A 1 163 ? 25.181  -12.507 -1.425  1.00 31.69  ? 163 PRO A CG  1 
ATOM   1106 C CD  . PRO A 1 163 ? 24.000  -13.446 -1.246  1.00 31.10  ? 163 PRO A CD  1 
ATOM   1107 N N   . ARG A 1 164 ? 26.189  -12.252 2.693   1.00 27.89  ? 164 ARG A N   1 
ATOM   1108 C CA  . ARG A 1 164 ? 26.134  -11.258 3.732   1.00 33.63  ? 164 ARG A CA  1 
ATOM   1109 C C   . ARG A 1 164 ? 26.758  -9.989  3.138   1.00 34.51  ? 164 ARG A C   1 
ATOM   1110 O O   . ARG A 1 164 ? 27.941  -9.720  3.281   1.00 34.00  ? 164 ARG A O   1 
ATOM   1111 C CB  . ARG A 1 164 ? 26.842  -11.751 5.017   1.00 34.47  ? 164 ARG A CB  1 
ATOM   1112 C CG  . ARG A 1 164 ? 26.249  -13.077 5.564   1.00 39.51  ? 164 ARG A CG  1 
ATOM   1113 C CD  . ARG A 1 164 ? 26.611  -13.384 7.034   1.00 41.82  ? 164 ARG A CD  1 
ATOM   1114 N NE  . ARG A 1 164 ? 25.805  -14.500 7.590   1.00 41.93  ? 164 ARG A NE  1 
ATOM   1115 C CZ  . ARG A 1 164 ? 24.544  -14.398 8.046   1.00 44.32  ? 164 ARG A CZ  1 
ATOM   1116 N NH1 . ARG A 1 164 ? 23.890  -13.243 8.047   1.00 44.11  ? 164 ARG A NH1 1 
ATOM   1117 N NH2 . ARG A 1 164 ? 23.893  -15.472 8.492   1.00 45.30  ? 164 ARG A NH2 1 
ATOM   1118 N N   . THR A 1 165 ? 25.934  -9.192  2.474   1.00 28.88  ? 165 THR A N   1 
ATOM   1119 C CA  . THR A 1 165 ? 26.404  -7.975  1.822   1.00 27.02  ? 165 THR A CA  1 
ATOM   1120 C C   . THR A 1 165 ? 26.021  -6.783  2.710   1.00 28.78  ? 165 THR A C   1 
ATOM   1121 O O   . THR A 1 165 ? 26.543  -6.684  3.821   1.00 32.96  ? 165 THR A O   1 
ATOM   1122 C CB  . THR A 1 165 ? 25.871  -7.904  0.391   1.00 28.30  ? 165 THR A CB  1 
ATOM   1123 O OG1 . THR A 1 165 ? 24.454  -8.164  0.395   1.00 24.92  ? 165 THR A OG1 1 
ATOM   1124 C CG2 . THR A 1 165 ? 26.552  -8.969  -0.443  1.00 29.90  ? 165 THR A CG2 1 
ATOM   1125 N N   . LEU A 1 166 ? 25.075  -5.955  2.293   1.00 25.43  ? 166 LEU A N   1 
ATOM   1126 C CA  . LEU A 1 166 ? 24.638  -4.820  3.080   1.00 25.19  ? 166 LEU A CA  1 
ATOM   1127 C C   . LEU A 1 166 ? 23.947  -5.282  4.346   1.00 26.49  ? 166 LEU A C   1 
ATOM   1128 O O   . LEU A 1 166 ? 23.391  -6.383  4.392   1.00 25.07  ? 166 LEU A O   1 
ATOM   1129 C CB  . LEU A 1 166 ? 23.591  -4.027  2.305   1.00 23.63  ? 166 LEU A CB  1 
ATOM   1130 C CG  . LEU A 1 166 ? 23.965  -3.394  0.984   1.00 28.48  ? 166 LEU A CG  1 
ATOM   1131 C CD1 . LEU A 1 166 ? 22.741  -2.644  0.478   1.00 28.83  ? 166 LEU A CD1 1 
ATOM   1132 C CD2 . LEU A 1 166 ? 25.198  -2.466  1.106   1.00 29.71  ? 166 LEU A CD2 1 
ATOM   1133 N N   . PRO A 1 167 ? 23.931  -4.438  5.374   1.00 28.39  ? 167 PRO A N   1 
ATOM   1134 C CA  . PRO A 1 167 ? 22.953  -4.623  6.472   1.00 27.92  ? 167 PRO A CA  1 
ATOM   1135 C C   . PRO A 1 167 ? 21.534  -4.889  5.932   1.00 26.07  ? 167 PRO A C   1 
ATOM   1136 O O   . PRO A 1 167 ? 21.020  -4.113  5.130   1.00 26.26  ? 167 PRO A O   1 
ATOM   1137 C CB  . PRO A 1 167 ? 22.974  -3.276  7.197   1.00 26.59  ? 167 PRO A CB  1 
ATOM   1138 C CG  . PRO A 1 167 ? 24.372  -2.762  6.936   1.00 30.34  ? 167 PRO A CG  1 
ATOM   1139 C CD  . PRO A 1 167 ? 24.663  -3.171  5.510   1.00 30.30  ? 167 PRO A CD  1 
ATOM   1140 N N   . ALA A 1 168 ? 20.935  -5.985  6.384   1.00 23.14  ? 168 ALA A N   1 
ATOM   1141 C CA  . ALA A 1 168 ? 19.703  -6.459  5.872   1.00 21.29  ? 168 ALA A CA  1 
ATOM   1142 C C   . ALA A 1 168 ? 18.590  -5.448  6.015   1.00 20.21  ? 168 ALA A C   1 
ATOM   1143 O O   . ALA A 1 168 ? 17.811  -5.258  5.081   1.00 16.32  ? 168 ALA A O   1 
ATOM   1144 C CB  . ALA A 1 168 ? 19.336  -7.805  6.480   1.00 20.42  ? 168 ALA A CB  1 
ATOM   1145 N N   . HIS A 1 169 ? 18.578  -4.711  7.106   1.00 20.19  ? 169 HIS A N   1 
ATOM   1146 C CA  . HIS A 1 169 ? 17.524  -3.762  7.338   1.00 20.58  ? 169 HIS A CA  1 
ATOM   1147 C C   . HIS A 1 169 ? 17.584  -2.500  6.465   1.00 22.30  ? 169 HIS A C   1 
ATOM   1148 O O   . HIS A 1 169 ? 16.526  -1.886  6.122   1.00 20.91  ? 169 HIS A O   1 
ATOM   1149 C CB  . HIS A 1 169 ? 17.479  -3.403  8.823   1.00 24.37  ? 169 HIS A CB  1 
ATOM   1150 C CG  . HIS A 1 169 ? 16.251  -2.671  9.234   1.00 22.29  ? 169 HIS A CG  1 
ATOM   1151 N ND1 . HIS A 1 169 ? 16.170  -1.299  9.222   1.00 24.10  ? 169 HIS A ND1 1 
ATOM   1152 C CD2 . HIS A 1 169 ? 15.052  -3.120  9.689   1.00 21.95  ? 169 HIS A CD2 1 
ATOM   1153 C CE1 . HIS A 1 169 ? 14.966  -0.927  9.628   1.00 23.43  ? 169 HIS A CE1 1 
ATOM   1154 N NE2 . HIS A 1 169 ? 14.266  -2.015  9.914   1.00 20.70  ? 169 HIS A NE2 1 
ATOM   1155 N N   . GLU A 1 170 ? 18.806  -2.079  6.132   1.00 20.91  ? 170 GLU A N   1 
ATOM   1156 C CA  . GLU A 1 170 ? 18.990  -0.903  5.298   1.00 22.20  ? 170 GLU A CA  1 
ATOM   1157 C C   . GLU A 1 170 ? 18.677  -1.321  3.847   1.00 21.16  ? 170 GLU A C   1 
ATOM   1158 O O   . GLU A 1 170 ? 18.050  -0.589  3.139   1.00 19.45  ? 170 GLU A O   1 
ATOM   1159 C CB  . GLU A 1 170 ? 20.425  -0.330  5.418   1.00 25.21  ? 170 GLU A CB  1 
ATOM   1160 C CG  . GLU A 1 170 ? 20.743  0.196   6.816   1.00 28.97  ? 170 GLU A CG  1 
ATOM   1161 C CD  . GLU A 1 170 ? 22.227  0.416   7.145   1.00 28.86  ? 170 GLU A CD  1 
ATOM   1162 O OE1 . GLU A 1 170 ? 23.100  0.195   6.264   1.00 25.25  ? 170 GLU A OE1 1 
ATOM   1163 O OE2 . GLU A 1 170 ? 22.464  0.842   8.325   1.00 27.43  ? 170 GLU A OE2 1 
ATOM   1164 N N   . LEU A 1 171 ? 19.102  -2.514  3.441   1.00 20.40  ? 171 LEU A N   1 
ATOM   1165 C CA  . LEU A 1 171 ? 18.702  -3.067  2.154   1.00 20.24  ? 171 LEU A CA  1 
ATOM   1166 C C   . LEU A 1 171 ? 17.189  -3.149  2.031   1.00 19.85  ? 171 LEU A C   1 
ATOM   1167 O O   . LEU A 1 171 ? 16.613  -2.666  1.038   1.00 17.59  ? 171 LEU A O   1 
ATOM   1168 C CB  . LEU A 1 171 ? 19.349  -4.430  1.919   1.00 20.39  ? 171 LEU A CB  1 
ATOM   1169 C CG  . LEU A 1 171 ? 18.957  -5.183  0.644   1.00 21.78  ? 171 LEU A CG  1 
ATOM   1170 C CD1 . LEU A 1 171 ? 19.103  -4.311  -0.585  1.00 20.47  ? 171 LEU A CD1 1 
ATOM   1171 C CD2 . LEU A 1 171 ? 19.837  -6.427  0.491   1.00 23.03  ? 171 LEU A CD2 1 
ATOM   1172 N N   . ALA A 1 172 ? 16.537  -3.738  3.049   1.00 19.44  ? 172 ALA A N   1 
ATOM   1173 C CA  . ALA A 1 172 ? 15.070  -3.806  3.105   1.00 19.67  ? 172 ALA A CA  1 
ATOM   1174 C C   . ALA A 1 172 ? 14.399  -2.448  3.004   1.00 19.67  ? 172 ALA A C   1 
ATOM   1175 O O   . ALA A 1 172 ? 13.363  -2.281  2.309   1.00 20.55  ? 172 ALA A O   1 
ATOM   1176 C CB  . ALA A 1 172 ? 14.616  -4.522  4.366   1.00 21.45  ? 172 ALA A CB  1 
ATOM   1177 N N   . THR A 1 173 ? 14.998  -1.443  3.630   1.00 18.69  ? 173 THR A N   1 
ATOM   1178 C CA  . THR A 1 173 ? 14.399  -0.130  3.653   1.00 19.92  ? 173 THR A CA  1 
ATOM   1179 C C   . THR A 1 173 ? 14.342  0.482   2.219   1.00 20.87  ? 173 THR A C   1 
ATOM   1180 O O   . THR A 1 173 ? 13.257  0.892   1.770   1.00 19.68  ? 173 THR A O   1 
ATOM   1181 C CB  . THR A 1 173 ? 15.119  0.809   4.639   1.00 22.48  ? 173 THR A CB  1 
ATOM   1182 O OG1 . THR A 1 173 ? 14.992  0.275   5.970   1.00 20.96  ? 173 THR A OG1 1 
ATOM   1183 C CG2 . THR A 1 173 ? 14.519  2.228   4.575   1.00 22.42  ? 173 THR A CG2 1 
ATOM   1184 N N   . ALA A 1 174 ? 15.469  0.490   1.502   1.00 18.17  ? 174 ALA A N   1 
ATOM   1185 C CA  . ALA A 1 174 ? 15.494  1.042   0.171   1.00 18.39  ? 174 ALA A CA  1 
ATOM   1186 C C   . ALA A 1 174 ? 14.637  0.258   -0.808  1.00 17.91  ? 174 ALA A C   1 
ATOM   1187 O O   . ALA A 1 174 ? 14.128  0.812   -1.744  1.00 16.08  ? 174 ALA A O   1 
ATOM   1188 C CB  . ALA A 1 174 ? 16.948  1.110   -0.346  1.00 19.21  ? 174 ALA A CB  1 
ATOM   1189 N N   . LEU A 1 175 ? 14.625  -1.069  -0.690  1.00 20.99  ? 175 LEU A N   1 
ATOM   1190 C CA  . LEU A 1 175 ? 13.819  -1.871  -1.598  1.00 22.00  ? 175 LEU A CA  1 
ATOM   1191 C C   . LEU A 1 175 ? 12.324  -1.566  -1.411  1.00 19.80  ? 175 LEU A C   1 
ATOM   1192 O O   . LEU A 1 175 ? 11.577  -1.461  -2.382  1.00 18.75  ? 175 LEU A O   1 
ATOM   1193 C CB  . LEU A 1 175 ? 14.102  -3.351  -1.423  1.00 21.40  ? 175 LEU A CB  1 
ATOM   1194 C CG  . LEU A 1 175 ? 15.433  -3.884  -1.957  1.00 21.13  ? 175 LEU A CG  1 
ATOM   1195 C CD1 . LEU A 1 175 ? 15.530  -5.369  -1.660  1.00 24.07  ? 175 LEU A CD1 1 
ATOM   1196 C CD2 . LEU A 1 175 ? 15.591  -3.636  -3.450  1.00 21.59  ? 175 LEU A CD2 1 
ATOM   1197 N N   . ASN A 1 176 ? 11.892  -1.412  -0.172  1.00 19.40  ? 176 ASN A N   1 
ATOM   1198 C CA  . ASN A 1 176 ? 10.492  -1.031  0.127   1.00 17.88  ? 176 ASN A CA  1 
ATOM   1199 C C   . ASN A 1 176 ? 10.146  0.360   -0.324  1.00 19.33  ? 176 ASN A C   1 
ATOM   1200 O O   . ASN A 1 176 ? 9.012   0.604   -0.858  1.00 19.09  ? 176 ASN A O   1 
ATOM   1201 C CB  . ASN A 1 176 ? 10.170  -1.197  1.626   1.00 20.52  ? 176 ASN A CB  1 
ATOM   1202 C CG  . ASN A 1 176 ? 9.698   -2.620  1.970   1.00 19.18  ? 176 ASN A CG  1 
ATOM   1203 O OD1 . ASN A 1 176 ? 8.515   -2.879  1.967   1.00 22.23  ? 176 ASN A OD1 1 
ATOM   1204 N ND2 . ASN A 1 176 ? 10.618  -3.507  2.278   1.00 20.24  ? 176 ASN A ND2 1 
ATOM   1205 N N   . LEU A 1 177 ? 11.079  1.296   -0.117  1.00 17.67  ? 177 LEU A N   1 
ATOM   1206 C CA  . LEU A 1 177 ? 10.879  2.669   -0.631  1.00 19.22  ? 177 LEU A CA  1 
ATOM   1207 C C   . LEU A 1 177 ? 10.823  2.697   -2.181  1.00 19.53  ? 177 LEU A C   1 
ATOM   1208 O O   . LEU A 1 177 ? 10.019  3.447   -2.763  1.00 20.97  ? 177 LEU A O   1 
ATOM   1209 C CB  . LEU A 1 177 ? 11.938  3.659   -0.111  1.00 19.14  ? 177 LEU A CB  1 
ATOM   1210 C CG  . LEU A 1 177 ? 11.842  4.002   1.396   1.00 22.30  ? 177 LEU A CG  1 
ATOM   1211 C CD1 . LEU A 1 177 ? 13.069  4.810   1.774   1.00 22.30  ? 177 LEU A CD1 1 
ATOM   1212 C CD2 . LEU A 1 177 ? 10.581  4.782   1.732   1.00 21.16  ? 177 LEU A CD2 1 
ATOM   1213 N N   . MET A 1 178 ? 11.643  1.886   -2.836  1.00 18.10  ? 178 MET A N   1 
ATOM   1214 C CA  . MET A 1 178 ? 11.541  1.771   -4.283  1.00 18.07  ? 178 MET A CA  1 
ATOM   1215 C C   . MET A 1 178 ? 10.169  1.323   -4.650  1.00 20.96  ? 178 MET A C   1 
ATOM   1216 O O   . MET A 1 178 ? 9.576   1.903   -5.568  1.00 22.84  ? 178 MET A O   1 
ATOM   1217 C CB  . MET A 1 178 ? 12.569  0.861   -4.900  1.00 19.89  ? 178 MET A CB  1 
ATOM   1218 C CG  . MET A 1 178 ? 12.367  0.554   -6.418  1.00 17.78  ? 178 MET A CG  1 
ATOM   1219 S SD  . MET A 1 178 ? 13.638  -0.623  -7.014  1.00 21.56  ? 178 MET A SD  1 
ATOM   1220 C CE  . MET A 1 178 ? 13.190  -2.108  -6.097  1.00 22.33  ? 178 MET A CE  1 
ATOM   1221 N N   . ASN A 1 179 ? 9.693   0.232   -4.030  1.00 21.04  ? 179 ASN A N   1 
ATOM   1222 C CA  . ASN A 1 179 ? 8.405   -0.323  -4.401  1.00 23.33  ? 179 ASN A CA  1 
ATOM   1223 C C   . ASN A 1 179 ? 7.268   0.729   -4.179  1.00 22.35  ? 179 ASN A C   1 
ATOM   1224 O O   . ASN A 1 179 ? 6.329   0.871   -4.995  1.00 22.16  ? 179 ASN A O   1 
ATOM   1225 C CB  . ASN A 1 179 ? 8.118   -1.616  -3.639  1.00 21.71  ? 179 ASN A CB  1 
ATOM   1226 C CG  . ASN A 1 179 ? 8.889   -2.786  -4.150  1.00 25.57  ? 179 ASN A CG  1 
ATOM   1227 O OD1 . ASN A 1 179 ? 9.890   -2.665  -4.881  1.00 21.84  ? 179 ASN A OD1 1 
ATOM   1228 N ND2 . ASN A 1 179 ? 8.427   -3.978  -3.759  1.00 27.59  ? 179 ASN A ND2 1 
ATOM   1229 N N   . GLU A 1 180 ? 7.353   1.439   -3.066  1.00 20.30  ? 180 GLU A N   1 
ATOM   1230 C CA  . GLU A 1 180 ? 6.402   2.476   -2.765  1.00 20.89  ? 180 GLU A CA  1 
ATOM   1231 C C   . GLU A 1 180 ? 6.288   3.475   -3.914  1.00 22.97  ? 180 GLU A C   1 
ATOM   1232 O O   . GLU A 1 180 ? 5.221   3.657   -4.521  1.00 23.72  ? 180 GLU A O   1 
ATOM   1233 C CB  . GLU A 1 180 ? 6.783   3.225   -1.495  1.00 24.18  ? 180 GLU A CB  1 
ATOM   1234 C CG  . GLU A 1 180 ? 5.808   4.349   -1.162  1.00 27.68  ? 180 GLU A CG  1 
ATOM   1235 C CD  . GLU A 1 180 ? 6.301   5.248   -0.060  1.00 36.22  ? 180 GLU A CD  1 
ATOM   1236 O OE1 . GLU A 1 180 ? 6.551   4.764   1.035   1.00 30.43  ? 180 GLU A OE1 1 
ATOM   1237 O OE2 . GLU A 1 180 ? 6.390   6.459   -0.277  1.00 45.49  ? 180 GLU A OE2 1 
ATOM   1238 N N   . ARG A 1 181 ? 7.409   4.109   -4.216  1.00 21.86  ? 181 ARG A N   1 
ATOM   1239 C CA  . ARG A 1 181 ? 7.422   5.133   -5.201  1.00 23.70  ? 181 ARG A CA  1 
ATOM   1240 C C   . ARG A 1 181 ? 7.058   4.598   -6.599  1.00 22.81  ? 181 ARG A C   1 
ATOM   1241 O O   . ARG A 1 181 ? 6.400   5.277   -7.384  1.00 22.98  ? 181 ARG A O   1 
ATOM   1242 C CB  . ARG A 1 181 ? 8.835   5.725   -5.273  1.00 24.85  ? 181 ARG A CB  1 
ATOM   1243 C CG  . ARG A 1 181 ? 8.918   6.959   -6.143  1.00 26.26  ? 181 ARG A CG  1 
ATOM   1244 C CD  . ARG A 1 181 ? 8.098   8.090   -5.579  1.00 26.08  ? 181 ARG A CD  1 
ATOM   1245 N NE  . ARG A 1 181 ? 8.151   9.177   -6.522  1.00 31.78  ? 181 ARG A NE  1 
ATOM   1246 C CZ  . ARG A 1 181 ? 7.253   9.427   -7.473  1.00 34.23  ? 181 ARG A CZ  1 
ATOM   1247 N NH1 . ARG A 1 181 ? 6.148   8.707   -7.590  1.00 36.51  ? 181 ARG A NH1 1 
ATOM   1248 N NH2 . ARG A 1 181 ? 7.486   10.437  -8.301  1.00 39.46  ? 181 ARG A NH2 1 
ATOM   1249 N N   . THR A 1 182 ? 7.657   3.469   -6.955  1.00 21.11  ? 182 THR A N   1 
ATOM   1250 C CA  . THR A 1 182 ? 7.546   2.949   -8.285  1.00 21.52  ? 182 THR A CA  1 
ATOM   1251 C C   . THR A 1 182 ? 6.107   2.428   -8.534  1.00 22.44  ? 182 THR A C   1 
ATOM   1252 O O   . THR A 1 182 ? 5.536   2.734   -9.561  1.00 20.19  ? 182 THR A O   1 
ATOM   1253 C CB  . THR A 1 182 ? 8.598   1.840   -8.544  1.00 22.34  ? 182 THR A CB  1 
ATOM   1254 O OG1 . THR A 1 182 ? 9.917   2.363   -8.299  1.00 20.06  ? 182 THR A OG1 1 
ATOM   1255 C CG2 . THR A 1 182 ? 8.484   1.339   -9.962  1.00 22.17  ? 182 THR A CG2 1 
ATOM   1256 N N   . LEU A 1 183 ? 5.517   1.693   -7.588  1.00 21.41  ? 183 LEU A N   1 
ATOM   1257 C CA  . LEU A 1 183 ? 4.134   1.308   -7.730  1.00 24.11  ? 183 LEU A CA  1 
ATOM   1258 C C   . LEU A 1 183 ? 3.193   2.472   -7.894  1.00 22.90  ? 183 LEU A C   1 
ATOM   1259 O O   . LEU A 1 183 ? 2.384   2.461   -8.851  1.00 22.81  ? 183 LEU A O   1 
ATOM   1260 C CB  . LEU A 1 183 ? 3.647   0.311   -6.662  1.00 26.88  ? 183 LEU A CB  1 
ATOM   1261 C CG  . LEU A 1 183 ? 4.273   -1.070  -6.806  1.00 28.89  ? 183 LEU A CG  1 
ATOM   1262 C CD1 . LEU A 1 183 ? 4.116   -1.864  -5.532  1.00 34.24  ? 183 LEU A CD1 1 
ATOM   1263 C CD2 . LEU A 1 183 ? 3.716   -1.847  -7.990  1.00 30.96  ? 183 LEU A CD2 1 
ATOM   1264 N N   . PHE A 1 184 ? 3.306   3.472   -7.039  1.00 24.23  ? 184 PHE A N   1 
ATOM   1265 C CA  . PHE A 1 184 ? 2.416   4.636   -7.093  1.00 27.31  ? 184 PHE A CA  1 
ATOM   1266 C C   . PHE A 1 184 ? 2.582   5.433   -8.369  1.00 28.31  ? 184 PHE A C   1 
ATOM   1267 O O   . PHE A 1 184 ? 1.598   5.729   -9.020  1.00 26.03  ? 184 PHE A O   1 
ATOM   1268 C CB  . PHE A 1 184 ? 2.529   5.526   -5.842  1.00 31.57  ? 184 PHE A CB  1 
ATOM   1269 C CG  . PHE A 1 184 ? 2.091   4.812   -4.559  1.00 41.87  ? 184 PHE A CG  1 
ATOM   1270 C CD1 . PHE A 1 184 ? 1.229   3.699   -4.590  1.00 50.32  ? 184 PHE A CD1 1 
ATOM   1271 C CD2 . PHE A 1 184 ? 2.600   5.178   -3.318  1.00 50.22  ? 184 PHE A CD2 1 
ATOM   1272 C CE1 . PHE A 1 184 ? 0.881   3.018   -3.415  1.00 51.53  ? 184 PHE A CE1 1 
ATOM   1273 C CE2 . PHE A 1 184 ? 2.210   4.514   -2.141  1.00 47.12  ? 184 PHE A CE2 1 
ATOM   1274 C CZ  . PHE A 1 184 ? 1.352   3.450   -2.187  1.00 45.53  ? 184 PHE A CZ  1 
ATOM   1275 N N   . ALA A 1 185 ? 3.814   5.699   -8.776  1.00 23.72  ? 185 ALA A N   1 
ATOM   1276 C CA  . ALA A 1 185 ? 4.034   6.322   -10.085 1.00 26.25  ? 185 ALA A CA  1 
ATOM   1277 C C   . ALA A 1 185 ? 3.295   5.539   -11.179 1.00 26.44  ? 185 ALA A C   1 
ATOM   1278 O O   . ALA A 1 185 ? 2.630   6.134   -12.016 1.00 28.27  ? 185 ALA A O   1 
ATOM   1279 C CB  . ALA A 1 185 ? 5.510   6.351   -10.402 1.00 26.17  ? 185 ALA A CB  1 
ATOM   1280 N N   . SER A 1 186 ? 3.440   4.212   -11.186 1.00 25.08  ? 186 SER A N   1 
ATOM   1281 C CA  . SER A 1 186 ? 2.846   3.392   -12.237 1.00 25.51  ? 186 SER A CA  1 
ATOM   1282 C C   . SER A 1 186 ? 1.331   3.465   -12.160 1.00 28.44  ? 186 SER A C   1 
ATOM   1283 O O   . SER A 1 186 ? 0.680   3.640   -13.179 1.00 23.42  ? 186 SER A O   1 
ATOM   1284 C CB  . SER A 1 186 ? 3.280   1.917   -12.208 1.00 27.24  ? 186 SER A CB  1 
ATOM   1285 O OG  . SER A 1 186 ? 4.633   1.752   -12.573 1.00 29.95  ? 186 SER A OG  1 
ATOM   1286 N N   . PHE A 1 187 ? 0.775   3.389   -10.966 1.00 25.66  ? 187 PHE A N   1 
ATOM   1287 C CA  . PHE A 1 187 ? -0.677  3.419   -10.843 1.00 30.25  ? 187 PHE A CA  1 
ATOM   1288 C C   . PHE A 1 187 ? -1.245  4.758   -11.216 1.00 36.74  ? 187 PHE A C   1 
ATOM   1289 O O   . PHE A 1 187 ? -2.306  4.805   -11.791 1.00 39.94  ? 187 PHE A O   1 
ATOM   1290 C CB  . PHE A 1 187 ? -1.134  3.133   -9.446  1.00 27.25  ? 187 PHE A CB  1 
ATOM   1291 C CG  . PHE A 1 187 ? -0.865  1.752   -8.982  1.00 31.38  ? 187 PHE A CG  1 
ATOM   1292 C CD1 . PHE A 1 187 ? -0.790  0.707   -9.865  1.00 31.53  ? 187 PHE A CD1 1 
ATOM   1293 C CD2 . PHE A 1 187 ? -0.692  1.501   -7.621  1.00 32.70  ? 187 PHE A CD2 1 
ATOM   1294 C CE1 . PHE A 1 187 ? -0.560  -0.583  -9.420  1.00 31.53  ? 187 PHE A CE1 1 
ATOM   1295 C CE2 . PHE A 1 187 ? -0.443  0.217   -7.180  1.00 35.73  ? 187 PHE A CE2 1 
ATOM   1296 C CZ  . PHE A 1 187 ? -0.348  -0.825  -8.089  1.00 32.11  ? 187 PHE A CZ  1 
ATOM   1297 N N   . ALA A 1 188 ? -0.556  5.851   -10.885 1.00 40.76  ? 188 ALA A N   1 
ATOM   1298 C CA  . ALA A 1 188 ? -1.024  7.185   -11.284 1.00 38.78  ? 188 ALA A CA  1 
ATOM   1299 C C   . ALA A 1 188 ? -0.671  7.534   -12.722 1.00 39.99  ? 188 ALA A C   1 
ATOM   1300 O O   . ALA A 1 188 ? -0.973  8.615   -13.169 1.00 36.35  ? 188 ALA A O   1 
ATOM   1301 C CB  . ALA A 1 188 ? -0.487  8.242   -10.337 1.00 44.28  ? 188 ALA A CB  1 
ATOM   1302 N N   . GLY A 1 189 ? -0.055  6.623   -13.476 1.00 36.12  ? 189 GLY A N   1 
ATOM   1303 C CA  . GLY A 1 189 ? 0.375   6.970   -14.803 1.00 37.40  ? 189 GLY A CA  1 
ATOM   1304 C C   . GLY A 1 189 ? 1.320   8.182   -14.889 1.00 40.98  ? 189 GLY A C   1 
ATOM   1305 O O   . GLY A 1 189 ? 1.315   8.856   -15.912 1.00 38.85  ? 189 GLY A O   1 
ATOM   1306 N N   . GLU A 1 190 ? 2.183   8.423   -13.881 1.00 37.00  ? 190 GLU A N   1 
ATOM   1307 C CA  . GLU A 1 190 ? 3.179   9.541   -13.927 1.00 33.87  ? 190 GLU A CA  1 
ATOM   1308 C C   . GLU A 1 190 ? 4.166   9.474   -15.075 1.00 32.85  ? 190 GLU A C   1 
ATOM   1309 O O   . GLU A 1 190 ? 4.476   8.384   -15.592 1.00 32.16  ? 190 GLU A O   1 
ATOM   1310 C CB  . GLU A 1 190 ? 4.008   9.623   -12.637 1.00 35.23  ? 190 GLU A CB  1 
ATOM   1311 C CG  . GLU A 1 190 ? 3.262   10.255  -11.527 1.00 37.74  ? 190 GLU A CG  1 
ATOM   1312 C CD  . GLU A 1 190 ? 3.977   10.164  -10.197 1.00 43.22  ? 190 GLU A CD  1 
ATOM   1313 O OE1 . GLU A 1 190 ? 5.222   10.128  -10.154 1.00 38.88  ? 190 GLU A OE1 1 
ATOM   1314 O OE2 . GLU A 1 190 ? 3.258   10.159  -9.181  1.00 50.15  ? 190 GLU A OE2 1 
ATOM   1315 N N   . GLN A 1 191 ? 4.679   10.646  -15.471 1.00 34.22  ? 191 GLN A N   1 
ATOM   1316 C CA  . GLN A 1 191 ? 5.853   10.728  -16.354 1.00 36.48  ? 191 GLN A CA  1 
ATOM   1317 C C   . GLN A 1 191 ? 6.984   11.261  -15.488 1.00 31.72  ? 191 GLN A C   1 
ATOM   1318 O O   . GLN A 1 191 ? 6.860   12.353  -14.913 1.00 36.42  ? 191 GLN A O   1 
ATOM   1319 C CB  . GLN A 1 191 ? 5.601   11.616  -17.579 1.00 41.53  ? 191 GLN A CB  1 
ATOM   1320 N N   . PRO A 1 192 ? 8.000   10.445  -15.211 1.00 31.54  ? 192 PRO A N   1 
ATOM   1321 C CA  . PRO A 1 192 ? 8.162   9.073   -15.702 1.00 29.25  ? 192 PRO A CA  1 
ATOM   1322 C C   . PRO A 1 192 ? 7.532   7.984   -14.822 1.00 25.29  ? 192 PRO A C   1 
ATOM   1323 O O   . PRO A 1 192 ? 7.361   8.160   -13.623 1.00 27.83  ? 192 PRO A O   1 
ATOM   1324 C CB  . PRO A 1 192 ? 9.679   8.894   -15.618 1.00 34.18  ? 192 PRO A CB  1 
ATOM   1325 C CG  . PRO A 1 192 ? 10.064  9.692   -14.393 1.00 34.90  ? 192 PRO A CG  1 
ATOM   1326 C CD  . PRO A 1 192 ? 9.011   10.755  -14.180 1.00 33.84  ? 192 PRO A CD  1 
ATOM   1327 N N   . SER A 1 193 ? 7.297   6.811   -15.411 1.00 22.98  ? 193 SER A N   1 
ATOM   1328 C CA  . SER A 1 193 ? 6.886   5.638   -14.644 1.00 25.10  ? 193 SER A CA  1 
ATOM   1329 C C   . SER A 1 193 ? 7.149   4.379   -15.471 1.00 25.87  ? 193 SER A C   1 
ATOM   1330 O O   . SER A 1 193 ? 7.290   4.452   -16.661 1.00 23.37  ? 193 SER A O   1 
ATOM   1331 C CB  . SER A 1 193 ? 5.432   5.713   -14.253 1.00 23.64  ? 193 SER A CB  1 
ATOM   1332 O OG  . SER A 1 193 ? 4.652   5.849   -15.420 1.00 23.99  ? 193 SER A OG  1 
ATOM   1333 N N   . VAL A 1 194 ? 7.206   3.252   -14.816 1.00 23.48  ? 194 VAL A N   1 
ATOM   1334 C CA  . VAL A 1 194 ? 7.280   1.944   -15.470 1.00 22.99  ? 194 VAL A CA  1 
ATOM   1335 C C   . VAL A 1 194 ? 5.843   1.589   -15.848 1.00 23.24  ? 194 VAL A C   1 
ATOM   1336 O O   . VAL A 1 194 ? 4.920   1.830   -15.077 1.00 20.24  ? 194 VAL A O   1 
ATOM   1337 C CB  . VAL A 1 194 ? 7.871   0.901   -14.516 1.00 23.05  ? 194 VAL A CB  1 
ATOM   1338 C CG1 . VAL A 1 194 ? 7.984   -0.482  -15.138 1.00 28.23  ? 194 VAL A CG1 1 
ATOM   1339 C CG2 . VAL A 1 194 ? 9.257   1.360   -14.088 1.00 25.50  ? 194 VAL A CG2 1 
ATOM   1340 N N   . PRO A 1 195 ? 5.638   1.044   -17.048 1.00 24.91  ? 195 PRO A N   1 
ATOM   1341 C CA  . PRO A 1 195 ? 4.279   0.700   -17.389 1.00 26.18  ? 195 PRO A CA  1 
ATOM   1342 C C   . PRO A 1 195 ? 3.781   -0.309  -16.384 1.00 25.82  ? 195 PRO A C   1 
ATOM   1343 O O   . PRO A 1 195 ? 4.534   -1.240  -15.944 1.00 22.83  ? 195 PRO A O   1 
ATOM   1344 C CB  . PRO A 1 195 ? 4.415   0.027   -18.756 1.00 28.63  ? 195 PRO A CB  1 
ATOM   1345 C CG  . PRO A 1 195 ? 5.656   0.609   -19.299 1.00 27.63  ? 195 PRO A CG  1 
ATOM   1346 C CD  . PRO A 1 195 ? 6.567   0.841   -18.162 1.00 25.41  ? 195 PRO A CD  1 
ATOM   1347 N N   . GLU A 1 196 ? 2.545   -0.109  -15.978 1.00 21.67  ? 196 GLU A N   1 
ATOM   1348 C CA  . GLU A 1 196 ? 1.902   -1.005  -15.002 1.00 27.00  ? 196 GLU A CA  1 
ATOM   1349 C C   . GLU A 1 196 ? 2.036   -2.512  -15.326 1.00 23.92  ? 196 GLU A C   1 
ATOM   1350 O O   . GLU A 1 196 ? 2.357   -3.347  -14.464 1.00 22.81  ? 196 GLU A O   1 
ATOM   1351 C CB  . GLU A 1 196 ? 0.456   -0.587  -14.907 1.00 27.90  ? 196 GLU A CB  1 
ATOM   1352 C CG  . GLU A 1 196 ? -0.246  -1.191  -13.738 1.00 38.76  ? 196 GLU A CG  1 
ATOM   1353 C CD  . GLU A 1 196 ? -1.645  -0.626  -13.631 1.00 43.90  ? 196 GLU A CD  1 
ATOM   1354 O OE1 . GLU A 1 196 ? -1.867  0.269   -12.815 1.00 48.66  ? 196 GLU A OE1 1 
ATOM   1355 O OE2 . GLU A 1 196 ? -2.481  -1.012  -14.445 1.00 49.11  ? 196 GLU A OE2 1 
ATOM   1356 N N   . ALA A 1 197 ? 1.920   -2.869  -16.598 1.00 21.40  ? 197 ALA A N   1 
ATOM   1357 C CA  . ALA A 1 197 ? 2.165   -4.272  -17.022 1.00 23.43  ? 197 ALA A CA  1 
ATOM   1358 C C   . ALA A 1 197 ? 3.641   -4.764  -16.997 1.00 22.59  ? 197 ALA A C   1 
ATOM   1359 O O   . ALA A 1 197 ? 3.905   -5.927  -17.269 1.00 23.64  ? 197 ALA A O   1 
ATOM   1360 C CB  . ALA A 1 197 ? 1.594   -4.465  -18.413 1.00 25.62  ? 197 ALA A CB  1 
ATOM   1361 N N   . ARG A 1 198 ? 4.608   -3.883  -16.746 1.00 21.01  ? 198 ARG A N   1 
ATOM   1362 C CA  . ARG A 1 198 ? 6.020   -4.264  -16.609 1.00 21.46  ? 198 ARG A CA  1 
ATOM   1363 C C   . ARG A 1 198 ? 6.579   -4.122  -15.160 1.00 23.69  ? 198 ARG A C   1 
ATOM   1364 O O   . ARG A 1 198 ? 7.735   -4.565  -14.904 1.00 18.45  ? 198 ARG A O   1 
ATOM   1365 C CB  . ARG A 1 198 ? 6.859   -3.382  -17.561 1.00 22.38  ? 198 ARG A CB  1 
ATOM   1366 C CG  . ARG A 1 198 ? 6.577   -3.713  -19.059 1.00 24.28  ? 198 ARG A CG  1 
ATOM   1367 C CD  . ARG A 1 198 ? 7.056   -5.120  -19.459 1.00 22.15  ? 198 ARG A CD  1 
ATOM   1368 N NE  . ARG A 1 198 ? 8.415   -5.357  -18.949 1.00 26.62  ? 198 ARG A NE  1 
ATOM   1369 C CZ  . ARG A 1 198 ? 8.925   -6.526  -18.558 1.00 28.68  ? 198 ARG A CZ  1 
ATOM   1370 N NH1 . ARG A 1 198 ? 8.205   -7.612  -18.673 1.00 28.79  ? 198 ARG A NH1 1 
ATOM   1371 N NH2 . ARG A 1 198 ? 10.163  -6.628  -18.036 1.00 26.76  ? 198 ARG A NH2 1 
ATOM   1372 N N   . VAL A 1 199 ? 5.813   -3.493  -14.254 1.00 22.62  ? 199 VAL A N   1 
ATOM   1373 C CA  . VAL A 1 199 ? 6.403   -3.016  -12.987 1.00 24.51  ? 199 VAL A CA  1 
ATOM   1374 C C   . VAL A 1 199 ? 6.783   -4.199  -12.100 1.00 22.98  ? 199 VAL A C   1 
ATOM   1375 O O   . VAL A 1 199 ? 7.790   -4.169  -11.400 1.00 23.18  ? 199 VAL A O   1 
ATOM   1376 C CB  . VAL A 1 199 ? 5.486   -2.224  -12.007 1.00 28.42  ? 199 VAL A CB  1 
ATOM   1377 C CG1 . VAL A 1 199 ? 6.195   -1.020  -11.426 1.00 27.92  ? 199 VAL A CG1 1 
ATOM   1378 C CG2 . VAL A 1 199 ? 4.170   -1.872  -12.500 1.00 29.48  ? 199 VAL A CG2 1 
ATOM   1379 N N   . LEU A 1 200 ? 5.927   -5.214  -12.077 1.00 20.63  ? 200 LEU A N   1 
ATOM   1380 C CA  . LEU A 1 200 ? 6.171   -6.330  -11.213 1.00 23.42  ? 200 LEU A CA  1 
ATOM   1381 C C   . LEU A 1 200 ? 7.470   -7.062  -11.582 1.00 25.20  ? 200 LEU A C   1 
ATOM   1382 O O   . LEU A 1 200 ? 8.306   -7.305  -10.693 1.00 23.90  ? 200 LEU A O   1 
ATOM   1383 C CB  . LEU A 1 200 ? 4.982   -7.285  -11.226 1.00 27.03  ? 200 LEU A CB  1 
ATOM   1384 C CG  . LEU A 1 200 ? 5.007   -8.454  -10.271 1.00 28.83  ? 200 LEU A CG  1 
ATOM   1385 C CD1 . LEU A 1 200 ? 5.009   -7.969  -8.820  1.00 29.40  ? 200 LEU A CD1 1 
ATOM   1386 C CD2 . LEU A 1 200 ? 3.776   -9.323  -10.554 1.00 32.74  ? 200 LEU A CD2 1 
ATOM   1387 N N   . ASP A 1 201 ? 7.650   -7.399  -12.862 1.00 18.76  ? 201 ASP A N   1 
ATOM   1388 C CA  . ASP A 1 201 ? 8.913   -7.970  -13.286 1.00 22.44  ? 201 ASP A CA  1 
ATOM   1389 C C   . ASP A 1 201 ? 10.120  -7.056  -12.946 1.00 21.57  ? 201 ASP A C   1 
ATOM   1390 O O   . ASP A 1 201 ? 11.210  -7.537  -12.627 1.00 19.58  ? 201 ASP A O   1 
ATOM   1391 C CB  . ASP A 1 201 ? 8.955   -8.208  -14.802 1.00 27.96  ? 201 ASP A CB  1 
ATOM   1392 C CG  . ASP A 1 201 ? 8.177   -9.474  -15.250 1.00 32.83  ? 201 ASP A CG  1 
ATOM   1393 O OD1 . ASP A 1 201 ? 7.734   -10.248 -14.392 1.00 28.69  ? 201 ASP A OD1 1 
ATOM   1394 O OD2 . ASP A 1 201 ? 8.051   -9.675  -16.485 1.00 32.54  ? 201 ASP A OD2 1 
ATOM   1395 N N   . THR A 1 202 ? 9.926   -5.749  -13.126 1.00 21.24  ? 202 THR A N   1 
ATOM   1396 C CA  . THR A 1 202 ? 11.000  -4.795  -12.926 1.00 21.04  ? 202 THR A CA  1 
ATOM   1397 C C   . THR A 1 202 ? 11.467  -4.804  -11.456 1.00 19.37  ? 202 THR A C   1 
ATOM   1398 O O   . THR A 1 202 ? 12.653  -4.965  -11.190 1.00 21.18  ? 202 THR A O   1 
ATOM   1399 C CB  . THR A 1 202 ? 10.550  -3.375  -13.334 1.00 21.13  ? 202 THR A CB  1 
ATOM   1400 O OG1 . THR A 1 202 ? 10.178  -3.366  -14.743 1.00 23.65  ? 202 THR A OG1 1 
ATOM   1401 C CG2 . THR A 1 202 ? 11.746  -2.407  -13.113 1.00 21.51  ? 202 THR A CG2 1 
ATOM   1402 N N   . LEU A 1 203 ? 10.508  -4.763  -10.538 1.00 18.37  ? 203 LEU A N   1 
ATOM   1403 C CA  . LEU A 1 203 ? 10.789  -4.791  -9.098  1.00 18.75  ? 203 LEU A CA  1 
ATOM   1404 C C   . LEU A 1 203 ? 11.332  -6.090  -8.626  1.00 19.76  ? 203 LEU A C   1 
ATOM   1405 O O   . LEU A 1 203 ? 12.353  -6.088  -7.881  1.00 22.34  ? 203 LEU A O   1 
ATOM   1406 C CB  . LEU A 1 203 ? 9.566   -4.384  -8.291  1.00 18.53  ? 203 LEU A CB  1 
ATOM   1407 C CG  . LEU A 1 203 ? 9.008   -3.021  -8.646  1.00 18.86  ? 203 LEU A CG  1 
ATOM   1408 C CD1 . LEU A 1 203 ? 7.720   -2.706  -7.867  1.00 20.22  ? 203 LEU A CD1 1 
ATOM   1409 C CD2 . LEU A 1 203 ? 10.037  -1.934  -8.310  1.00 19.99  ? 203 LEU A CD2 1 
ATOM   1410 N N   . VAL A 1 204 ? 10.808  -7.205  -9.142  1.00 19.75  ? 204 VAL A N   1 
ATOM   1411 C CA  . VAL A 1 204 ? 11.290  -8.525  -8.719  1.00 18.85  ? 204 VAL A CA  1 
ATOM   1412 C C   . VAL A 1 204 ? 12.754  -8.707  -9.150  1.00 19.99  ? 204 VAL A C   1 
ATOM   1413 O O   . VAL A 1 204 ? 13.601  -9.217  -8.349  1.00 21.74  ? 204 VAL A O   1 
ATOM   1414 C CB  . VAL A 1 204 ? 10.379  -9.677  -9.244  1.00 21.49  ? 204 VAL A CB  1 
ATOM   1415 C CG1 . VAL A 1 204 ? 11.057  -11.043 -9.118  1.00 23.44  ? 204 VAL A CG1 1 
ATOM   1416 C CG2 . VAL A 1 204 ? 8.979   -9.639  -8.639  1.00 21.93  ? 204 VAL A CG2 1 
ATOM   1417 N N   . HIS A 1 205 ? 13.090  -8.301  -10.383 1.00 19.63  ? 205 HIS A N   1 
ATOM   1418 C CA  . HIS A 1 205 ? 14.483  -8.387  -10.805 1.00 19.53  ? 205 HIS A CA  1 
ATOM   1419 C C   . HIS A 1 205 ? 15.498  -7.708  -9.848  1.00 18.86  ? 205 HIS A C   1 
ATOM   1420 O O   . HIS A 1 205 ? 16.601  -8.236  -9.568  1.00 21.19  ? 205 HIS A O   1 
ATOM   1421 C CB  . HIS A 1 205 ? 14.658  -7.813  -12.204 1.00 22.23  ? 205 HIS A CB  1 
ATOM   1422 C CG  . HIS A 1 205 ? 16.095  -7.599  -12.612 1.00 19.66  ? 205 HIS A CG  1 
ATOM   1423 N ND1 . HIS A 1 205 ? 16.865  -8.583  -13.205 1.00 20.68  ? 205 HIS A ND1 1 
ATOM   1424 C CD2 . HIS A 1 205 ? 16.886  -6.498  -12.537 1.00 20.92  ? 205 HIS A CD2 1 
ATOM   1425 C CE1 . HIS A 1 205 ? 18.071  -8.103  -13.477 1.00 22.38  ? 205 HIS A CE1 1 
ATOM   1426 N NE2 . HIS A 1 205 ? 18.113  -6.829  -13.085 1.00 21.14  ? 205 HIS A NE2 1 
ATOM   1427 N N   . ILE A 1 206 ? 15.173  -6.489  -9.492  1.00 18.60  ? 206 ILE A N   1 
ATOM   1428 C CA  . ILE A 1 206 ? 16.009  -5.660  -8.677  1.00 20.44  ? 206 ILE A CA  1 
ATOM   1429 C C   . ILE A 1 206 ? 16.055  -6.246  -7.258  1.00 21.62  ? 206 ILE A C   1 
ATOM   1430 O O   . ILE A 1 206 ? 17.100  -6.209  -6.640  1.00 19.84  ? 206 ILE A O   1 
ATOM   1431 C CB  . ILE A 1 206 ? 15.429  -4.186  -8.589  1.00 20.02  ? 206 ILE A CB  1 
ATOM   1432 C CG1 . ILE A 1 206 ? 15.508  -3.526  -9.977  1.00 21.17  ? 206 ILE A CG1 1 
ATOM   1433 C CG2 . ILE A 1 206 ? 16.304  -3.350  -7.647  1.00 19.18  ? 206 ILE A CG2 1 
ATOM   1434 C CD1 . ILE A 1 206 ? 14.813  -2.191  -10.078 1.00 19.74  ? 206 ILE A CD1 1 
ATOM   1435 N N   . TRP A 1 207 ? 14.928  -6.775  -6.749  1.00 19.18  ? 207 TRP A N   1 
ATOM   1436 C CA  . TRP A 1 207 ? 14.928  -7.397  -5.415  1.00 20.96  ? 207 TRP A CA  1 
ATOM   1437 C C   . TRP A 1 207 ? 15.837  -8.620  -5.420  1.00 24.09  ? 207 TRP A C   1 
ATOM   1438 O O   . TRP A 1 207 ? 16.685  -8.775  -4.545  1.00 22.82  ? 207 TRP A O   1 
ATOM   1439 C CB  . TRP A 1 207 ? 13.523  -7.813  -4.929  1.00 18.75  ? 207 TRP A CB  1 
ATOM   1440 C CG  . TRP A 1 207 ? 12.678  -6.702  -4.311  1.00 17.46  ? 207 TRP A CG  1 
ATOM   1441 C CD1 . TRP A 1 207 ? 12.362  -5.527  -4.883  1.00 19.36  ? 207 TRP A CD1 1 
ATOM   1442 C CD2 . TRP A 1 207 ? 12.068  -6.675  -3.013  1.00 21.00  ? 207 TRP A CD2 1 
ATOM   1443 N NE1 . TRP A 1 207 ? 11.603  -4.755  -4.038  1.00 18.32  ? 207 TRP A NE1 1 
ATOM   1444 C CE2 . TRP A 1 207 ? 11.443  -5.419  -2.865  1.00 18.99  ? 207 TRP A CE2 1 
ATOM   1445 C CE3 . TRP A 1 207 ? 11.995  -7.582  -1.948  1.00 20.04  ? 207 TRP A CE3 1 
ATOM   1446 C CZ2 . TRP A 1 207 ? 10.736  -5.063  -1.726  1.00 19.99  ? 207 TRP A CZ2 1 
ATOM   1447 C CZ3 . TRP A 1 207 ? 11.345  -7.180  -0.772  1.00 20.76  ? 207 TRP A CZ3 1 
ATOM   1448 C CH2 . TRP A 1 207 ? 10.727  -5.955  -0.675  1.00 20.73  ? 207 TRP A CH2 1 
ATOM   1449 N N   . VAL A 1 208 ? 15.631  -9.506  -6.385  1.00 21.36  ? 208 VAL A N   1 
ATOM   1450 C CA  . VAL A 1 208 ? 16.367  -10.777 -6.425  1.00 24.19  ? 208 VAL A CA  1 
ATOM   1451 C C   . VAL A 1 208 ? 17.886  -10.571 -6.681  1.00 26.04  ? 208 VAL A C   1 
ATOM   1452 O O   . VAL A 1 208 ? 18.748  -11.167 -5.984  1.00 25.73  ? 208 VAL A O   1 
ATOM   1453 C CB  . VAL A 1 208 ? 15.720  -11.745 -7.462  1.00 29.49  ? 208 VAL A CB  1 
ATOM   1454 C CG1 . VAL A 1 208 ? 16.626  -12.961 -7.782  1.00 35.87  ? 208 VAL A CG1 1 
ATOM   1455 C CG2 . VAL A 1 208 ? 14.342  -12.193 -6.951  1.00 28.84  ? 208 VAL A CG2 1 
ATOM   1456 N N   . THR A 1 209 ? 18.210  -9.725  -7.639  1.00 21.73  ? 209 THR A N   1 
ATOM   1457 C CA  . THR A 1 209 ? 19.585  -9.417  -7.884  1.00 20.75  ? 209 THR A CA  1 
ATOM   1458 C C   . THR A 1 209 ? 20.249  -8.701  -6.693  1.00 23.77  ? 209 THR A C   1 
ATOM   1459 O O   . THR A 1 209 ? 21.397  -9.019  -6.370  1.00 23.17  ? 209 THR A O   1 
ATOM   1460 C CB  . THR A 1 209 ? 19.814  -8.623  -9.181  1.00 22.64  ? 209 THR A CB  1 
ATOM   1461 O OG1 . THR A 1 209 ? 19.111  -7.361  -9.139  1.00 21.65  ? 209 THR A OG1 1 
ATOM   1462 C CG2 . THR A 1 209 ? 19.481  -9.452  -10.465 1.00 21.34  ? 209 THR A CG2 1 
ATOM   1463 N N   . SER A 1 210 ? 19.550  -7.801  -5.979  1.00 21.49  ? 210 SER A N   1 
ATOM   1464 C CA  . SER A 1 210 ? 20.232  -7.126  -4.897  1.00 21.43  ? 210 SER A CA  1 
ATOM   1465 C C   . SER A 1 210 ? 20.371  -8.000  -3.648  1.00 23.41  ? 210 SER A C   1 
ATOM   1466 O O   . SER A 1 210 ? 21.307  -7.829  -2.854  1.00 22.22  ? 210 SER A O   1 
ATOM   1467 C CB  . SER A 1 210 ? 19.631  -5.740  -4.603  1.00 20.26  ? 210 SER A CB  1 
ATOM   1468 O OG  . SER A 1 210 ? 18.305  -5.803  -4.139  1.00 20.07  ? 210 SER A OG  1 
ATOM   1469 N N   . ILE A 1 211 ? 19.428  -8.926  -3.483  1.00 22.75  ? 211 ILE A N   1 
ATOM   1470 C CA  . ILE A 1 211 ? 19.365  -9.786  -2.316  1.00 23.17  ? 211 ILE A CA  1 
ATOM   1471 C C   . ILE A 1 211 ? 20.332  -10.949 -2.452  1.00 25.36  ? 211 ILE A C   1 
ATOM   1472 O O   . ILE A 1 211 ? 20.989  -11.341 -1.448  1.00 23.13  ? 211 ILE A O   1 
ATOM   1473 C CB  . ILE A 1 211 ? 17.917  -10.244 -2.024  1.00 24.41  ? 211 ILE A CB  1 
ATOM   1474 C CG1 . ILE A 1 211 ? 17.161  -9.037  -1.473  1.00 22.06  ? 211 ILE A CG1 1 
ATOM   1475 C CG2 . ILE A 1 211 ? 17.909  -11.355 -0.974  1.00 28.06  ? 211 ILE A CG2 1 
ATOM   1476 C CD1 . ILE A 1 211 ? 15.691  -9.214  -1.471  1.00 24.63  ? 211 ILE A CD1 1 
ATOM   1477 N N   . TYR A 1 212 ? 20.427  -11.499 -3.650  1.00 20.60  ? 212 TYR A N   1 
ATOM   1478 C CA  . TYR A 1 212 ? 21.265  -12.683 -3.847  1.00 24.10  ? 212 TYR A CA  1 
ATOM   1479 C C   . TYR A 1 212 ? 22.652  -12.376 -4.441  1.00 24.72  ? 212 TYR A C   1 
ATOM   1480 O O   . TYR A 1 212 ? 23.537  -13.243 -4.438  1.00 27.64  ? 212 TYR A O   1 
ATOM   1481 C CB  . TYR A 1 212 ? 20.504  -13.720 -4.689  1.00 22.41  ? 212 TYR A CB  1 
ATOM   1482 C CG  . TYR A 1 212 ? 19.312  -14.213 -3.948  1.00 24.25  ? 212 TYR A CG  1 
ATOM   1483 C CD1 . TYR A 1 212 ? 19.437  -15.123 -2.892  1.00 23.51  ? 212 TYR A CD1 1 
ATOM   1484 C CD2 . TYR A 1 212 ? 18.049  -13.702 -4.229  1.00 23.93  ? 212 TYR A CD2 1 
ATOM   1485 C CE1 . TYR A 1 212 ? 18.323  -15.500 -2.159  1.00 23.67  ? 212 TYR A CE1 1 
ATOM   1486 C CE2 . TYR A 1 212 ? 16.952  -14.115 -3.552  1.00 21.04  ? 212 TYR A CE2 1 
ATOM   1487 C CZ  . TYR A 1 212 ? 17.094  -14.968 -2.483  1.00 23.53  ? 212 TYR A CZ  1 
ATOM   1488 O OH  . TYR A 1 212 ? 15.959  -15.260 -1.774  1.00 24.51  ? 212 TYR A OH  1 
ATOM   1489 N N   . GLY A 1 213 ? 22.817  -11.179 -4.985  1.00 25.65  ? 213 GLY A N   1 
ATOM   1490 C CA  . GLY A 1 213 ? 24.013  -10.827 -5.750  1.00 28.24  ? 213 GLY A CA  1 
ATOM   1491 C C   . GLY A 1 213 ? 25.191  -10.578 -4.844  1.00 33.98  ? 213 GLY A C   1 
ATOM   1492 O O   . GLY A 1 213 ? 25.018  -10.031 -3.757  1.00 33.94  ? 213 GLY A O   1 
ATOM   1493 N N   . GLU A 1 214 ? 26.383  -10.986 -5.288  1.00 44.11  ? 214 GLU A N   1 
ATOM   1494 C CA  . GLU A 1 214 ? 27.616  -10.919 -4.449  1.00 53.05  ? 214 GLU A CA  1 
ATOM   1495 C C   . GLU A 1 214 ? 28.494  -9.772  -4.899  1.00 59.15  ? 214 GLU A C   1 
ATOM   1496 O O   . GLU A 1 214 ? 28.121  -9.023  -5.807  1.00 51.25  ? 214 GLU A O   1 
ATOM   1497 C CB  . GLU A 1 214 ? 28.421  -12.203 -4.561  1.00 56.19  ? 214 GLU A CB  1 
ATOM   1498 C CG  . GLU A 1 214 ? 27.577  -13.467 -4.557  1.00 66.51  ? 214 GLU A CG  1 
ATOM   1499 C CD  . GLU A 1 214 ? 28.192  -14.578 -3.745  1.00 70.95  ? 214 GLU A CD  1 
ATOM   1500 O OE1 . GLU A 1 214 ? 27.931  -15.753 -4.078  1.00 76.96  ? 214 GLU A OE1 1 
ATOM   1501 O OE2 . GLU A 1 214 ? 28.921  -14.268 -2.771  1.00 71.58  ? 214 GLU A OE2 1 
ATOM   1502 N N   . ASN A 1 215 ? 29.666  -9.651  -4.270  1.00 76.76  ? 215 ASN A N   1 
ATOM   1503 C CA  . ASN A 1 215 ? 30.736  -8.723  -4.706  1.00 72.51  ? 215 ASN A CA  1 
ATOM   1504 C C   . ASN A 1 215 ? 31.886  -9.484  -5.366  1.00 69.06  ? 215 ASN A C   1 
ATOM   1505 O O   . ASN A 1 215 ? 32.021  -9.469  -6.584  1.00 59.50  ? 215 ASN A O   1 
ATOM   1506 C CB  . ASN A 1 215 ? 31.262  -7.924  -3.515  1.00 71.95  ? 215 ASN A CB  1 
ATOM   1507 C CG  . ASN A 1 215 ? 30.185  -7.609  -2.501  1.00 73.87  ? 215 ASN A CG  1 
ATOM   1508 O OD1 . ASN A 1 215 ? 29.034  -7.337  -2.857  1.00 77.45  ? 215 ASN A OD1 1 
ATOM   1509 N ND2 . ASN A 1 215 ? 30.548  -7.657  -1.227  1.00 73.79  ? 215 ASN A ND2 1 
HETATM 1510 O O24 . 8YW B 2 .   ? 9.133   -12.531 1.501   1.00 55.83  ? 301 8YW A O24 1 
HETATM 1511 O O25 . 8YW B 2 .   ? 8.114   -12.490 -0.514  1.00 41.97  ? 301 8YW A O25 1 
HETATM 1512 N N23 . 8YW B 2 .   ? 8.558   -11.721 0.556   1.00 45.70  ? 301 8YW A N23 1 
HETATM 1513 C C3  . 8YW B 2 .   ? 8.264   -10.394 0.706   1.00 35.75  ? 301 8YW A C3  1 
HETATM 1514 C C4  . 8YW B 2 .   ? 7.927   -9.636  -0.380  1.00 28.00  ? 301 8YW A C4  1 
HETATM 1515 C C5  . 8YW B 2 .   ? 7.524   -8.347  -0.249  1.00 30.07  ? 301 8YW A C5  1 
HETATM 1516 C C2  . 8YW B 2 .   ? 8.239   -9.790  1.927   1.00 30.64  ? 301 8YW A C2  1 
HETATM 1517 C C1  . 8YW B 2 .   ? 7.838   -8.485  2.056   1.00 30.85  ? 301 8YW A C1  1 
HETATM 1518 C C6  . 8YW B 2 .   ? 7.514   -7.736  0.971   1.00 30.97  ? 301 8YW A C6  1 
HETATM 1519 C C7  . 8YW B 2 .   ? 7.088   -6.441  1.180   1.00 38.17  ? 301 8YW A C7  1 
HETATM 1520 O O22 . 8YW B 2 .   ? 7.900   -5.637  2.040   1.00 47.89  ? 301 8YW A O22 1 
HETATM 1521 C C9  . 8YW B 2 .   ? 7.016   -5.710  -0.090  1.00 43.80  ? 301 8YW A C9  1 
HETATM 1522 N N10 . 8YW B 2 .   ? 6.412   -4.385  0.192   1.00 44.40  ? 301 8YW A N10 1 
HETATM 1523 C C11 . 8YW B 2 .   ? 6.129   -3.732  -0.891  1.00 36.76  ? 301 8YW A C11 1 
HETATM 1524 O O12 . 8YW B 2 .   ? 6.268   -4.351  -1.956  1.00 27.81  ? 301 8YW A O12 1 
HETATM 1525 C C13 . 8YW B 2 .   ? 5.653   -2.410  -0.827  1.00 35.33  ? 301 8YW A C13 1 
HETATM 1526 C C18 . 8YW B 2 .   ? 4.794   -2.027  -1.868  1.00 37.27  ? 301 8YW A C18 1 
HETATM 1527 C C17 . 8YW B 2 .   ? 4.124   -0.848  -1.879  1.00 34.94  ? 301 8YW A C17 1 
HETATM 1528 O O19 . 8YW B 2 .   ? 3.345   -0.374  -2.885  1.00 35.38  ? 301 8YW A O19 1 
HETATM 1529 C C20 . 8YW B 2 .   ? 2.937   0.957   -2.408  1.00 35.84  ? 301 8YW A C20 1 
HETATM 1530 O O21 . 8YW B 2 .   ? 3.457   1.152   -1.062  1.00 38.49  ? 301 8YW A O21 1 
HETATM 1531 C C16 . 8YW B 2 .   ? 4.207   0.001   -0.861  1.00 31.80  ? 301 8YW A C16 1 
HETATM 1532 C C15 . 8YW B 2 .   ? 4.942   -0.356  0.202   1.00 33.33  ? 301 8YW A C15 1 
HETATM 1533 C C14 . 8YW B 2 .   ? 5.670   -1.555  0.273   1.00 32.95  ? 301 8YW A C14 1 
HETATM 1534 S S   . SO4 C 3 .   ? -18.332 21.181  2.756   0.50 58.41  ? 302 SO4 A S   1 
HETATM 1535 O O1  . SO4 C 3 .   ? -19.637 20.585  3.056   0.50 45.48  ? 302 SO4 A O1  1 
HETATM 1536 O O2  . SO4 C 3 .   ? -18.513 22.033  1.555   0.50 49.50  ? 302 SO4 A O2  1 
HETATM 1537 O O3  . SO4 C 3 .   ? -17.909 21.976  3.926   0.50 57.67  ? 302 SO4 A O3  1 
HETATM 1538 O O4  . SO4 C 3 .   ? -17.264 20.168  2.540   0.50 51.49  ? 302 SO4 A O4  1 
HETATM 1539 O O   . HOH D 4 .   ? 20.844  0.782   9.896   0.50 19.37  ? 401 HOH A O   1 
HETATM 1540 O O   . HOH D 4 .   ? -2.560  7.293   12.002  1.00 47.36  ? 402 HOH A O   1 
HETATM 1541 O O   . HOH D 4 .   ? -22.329 6.324   -3.368  1.00 52.85  ? 403 HOH A O   1 
HETATM 1542 O O   . HOH D 4 .   ? 7.258   9.898   -11.453 1.00 25.68  ? 404 HOH A O   1 
HETATM 1543 O O   . HOH D 4 .   ? -3.289  -6.000  9.508   1.00 41.24  ? 405 HOH A O   1 
HETATM 1544 O O   . HOH D 4 .   ? 15.726  -9.791  10.756  1.00 46.89  ? 406 HOH A O   1 
HETATM 1545 O O   . HOH D 4 .   ? 4.826   -15.606 -8.180  1.00 40.53  ? 407 HOH A O   1 
HETATM 1546 O O   . HOH D 4 .   ? 23.555  -9.076  -1.781  1.00 21.61  ? 408 HOH A O   1 
HETATM 1547 O O   . HOH D 4 .   ? 4.513   8.738   6.541   1.00 34.26  ? 409 HOH A O   1 
HETATM 1548 O O   . HOH D 4 .   ? 5.160   -0.576  12.760  1.00 39.45  ? 410 HOH A O   1 
HETATM 1549 O O   . HOH D 4 .   ? -5.971  -9.395  2.936   1.00 47.33  ? 411 HOH A O   1 
HETATM 1550 O O   . HOH D 4 .   ? 11.548  -10.073 -12.948 1.00 24.91  ? 412 HOH A O   1 
HETATM 1551 O O   . HOH D 4 .   ? 7.046   -6.979  10.511  1.00 39.33  ? 413 HOH A O   1 
HETATM 1552 O O   . HOH D 4 .   ? 24.706  -16.890 3.727   1.00 39.47  ? 414 HOH A O   1 
HETATM 1553 O O   . HOH D 4 .   ? 23.724  -10.725 7.472   1.00 43.74  ? 415 HOH A O   1 
HETATM 1554 O O   . HOH D 4 .   ? 8.777   -16.575 -10.229 1.00 51.53  ? 416 HOH A O   1 
HETATM 1555 O O   . HOH D 4 .   ? -0.970  -9.998  -10.331 1.00 29.33  ? 417 HOH A O   1 
HETATM 1556 O O   . HOH D 4 .   ? 15.075  -13.939 10.081  1.00 39.45  ? 418 HOH A O   1 
HETATM 1557 O O   . HOH D 4 .   ? -5.241  16.471  5.498   1.00 47.51  ? 419 HOH A O   1 
HETATM 1558 O O   . HOH D 4 .   ? 23.330  -0.507  3.702   1.00 28.84  ? 420 HOH A O   1 
HETATM 1559 O O   . HOH D 4 .   ? -6.158  13.119  -0.148  1.00 47.48  ? 421 HOH A O   1 
HETATM 1560 O O   . HOH D 4 .   ? 21.891  -10.620 0.978   1.00 27.19  ? 422 HOH A O   1 
HETATM 1561 O O   . HOH D 4 .   ? 3.503   -5.708  -13.840 1.00 21.33  ? 423 HOH A O   1 
HETATM 1562 O O   . HOH D 4 .   ? -5.442  -12.579 3.720   1.00 51.94  ? 424 HOH A O   1 
HETATM 1563 O O   . HOH D 4 .   ? -21.865 18.543  -6.127  1.00 58.46  ? 425 HOH A O   1 
HETATM 1564 O O   . HOH D 4 .   ? -29.691 11.509  7.522   1.00 30.98  ? 426 HOH A O   1 
HETATM 1565 O O   . HOH D 4 .   ? 13.857  1.923   7.811   1.00 32.65  ? 427 HOH A O   1 
HETATM 1566 O O   . HOH D 4 .   ? -8.895  -4.274  5.718   1.00 53.39  ? 428 HOH A O   1 
HETATM 1567 O O   . HOH D 4 .   ? 15.978  -11.153 -13.037 1.00 44.29  ? 429 HOH A O   1 
HETATM 1568 O O   . HOH D 4 .   ? 18.055  -7.494  10.328  1.00 33.24  ? 430 HOH A O   1 
HETATM 1569 O O   . HOH D 4 .   ? 6.824   3.389   -12.101 1.00 25.52  ? 431 HOH A O   1 
HETATM 1570 O O   . HOH D 4 .   ? 17.170  -19.581 7.586   1.00 41.87  ? 432 HOH A O   1 
HETATM 1571 O O   . HOH D 4 .   ? 3.400   -7.630  8.124   1.00 37.96  ? 433 HOH A O   1 
HETATM 1572 O O   . HOH D 4 .   ? -9.861  -5.525  -2.792  1.00 59.93  ? 434 HOH A O   1 
HETATM 1573 O O   . HOH D 4 .   ? -29.255 11.325  -1.229  1.00 52.37  ? 435 HOH A O   1 
HETATM 1574 O O   . HOH D 4 .   ? 13.523  -7.758  11.058  1.00 29.54  ? 436 HOH A O   1 
HETATM 1575 O O   . HOH D 4 .   ? -4.521  -0.058  11.356  1.00 42.58  ? 437 HOH A O   1 
HETATM 1576 O O   . HOH D 4 .   ? 11.369  -9.125  -17.730 1.00 36.31  ? 438 HOH A O   1 
HETATM 1577 O O   . HOH D 4 .   ? 11.365  -1.594  10.437  1.00 20.54  ? 439 HOH A O   1 
HETATM 1578 O O   . HOH D 4 .   ? 22.656  -10.201 -8.584  1.00 47.74  ? 440 HOH A O   1 
HETATM 1579 O O   . HOH D 4 .   ? -22.210 13.458  -4.484  1.00 50.22  ? 441 HOH A O   1 
HETATM 1580 O O   . HOH D 4 .   ? -28.230 17.749  4.616   1.00 49.13  ? 442 HOH A O   1 
HETATM 1581 O O   . HOH D 4 .   ? -12.285 -0.005  0.189   1.00 52.74  ? 443 HOH A O   1 
HETATM 1582 O O   . HOH D 4 .   ? 25.012  0.002   9.312   1.00 33.88  ? 444 HOH A O   1 
HETATM 1583 O O   . HOH D 4 .   ? 18.001  0.881   8.930   1.00 44.06  ? 445 HOH A O   1 
HETATM 1584 O O   . HOH D 4 .   ? 8.035   -23.397 0.555   1.00 52.74  ? 446 HOH A O   1 
HETATM 1585 O O   . HOH D 4 .   ? -26.198 13.989  13.838  1.00 20.85  ? 447 HOH A O   1 
HETATM 1586 O O   . HOH D 4 .   ? 17.420  -21.590 -2.926  1.00 48.99  ? 448 HOH A O   1 
HETATM 1587 O O   . HOH D 4 .   ? -9.570  3.430   -4.749  1.00 34.33  ? 449 HOH A O   1 
HETATM 1588 O O   . HOH D 4 .   ? 28.359  -14.169 2.620   1.00 39.02  ? 450 HOH A O   1 
HETATM 1589 O O   . HOH D 4 .   ? 4.777   4.157   -18.079 1.00 52.44  ? 451 HOH A O   1 
HETATM 1590 O O   . HOH D 4 .   ? 0.567   -1.303  -18.631 1.00 27.39  ? 452 HOH A O   1 
HETATM 1591 O O   . HOH D 4 .   ? 5.575   -7.188  -14.884 1.00 25.21  ? 453 HOH A O   1 
HETATM 1592 O O   . HOH D 4 .   ? 25.977  -8.058  6.329   1.00 52.42  ? 454 HOH A O   1 
HETATM 1593 O O   . HOH D 4 .   ? -0.143  -4.210  12.543  1.00 55.12  ? 455 HOH A O   1 
HETATM 1594 O O   . HOH D 4 .   ? 5.879   7.656   -2.910  1.00 39.77  ? 456 HOH A O   1 
HETATM 1595 O O   . HOH D 4 .   ? -0.687  6.331   -7.234  1.00 39.64  ? 457 HOH A O   1 
HETATM 1596 O O   . HOH D 4 .   ? 14.520  -18.576 -8.068  1.00 50.25  ? 458 HOH A O   1 
HETATM 1597 O O   . HOH D 4 .   ? -2.021  16.990  10.495  1.00 55.31  ? 459 HOH A O   1 
HETATM 1598 O O   . HOH D 4 .   ? 26.496  -12.682 -7.733  1.00 45.79  ? 460 HOH A O   1 
HETATM 1599 O O   . HOH D 4 .   ? 24.163  -16.128 -4.031  1.00 46.42  ? 461 HOH A O   1 
HETATM 1600 O O   . HOH D 4 .   ? 3.777   13.207  -14.237 1.00 46.95  ? 462 HOH A O   1 
HETATM 1601 O O   . HOH D 4 .   ? 29.784  -10.863 1.228   1.00 48.52  ? 463 HOH A O   1 
HETATM 1602 O O   . HOH D 4 .   ? -3.800  20.236  7.773   1.00 52.00  ? 464 HOH A O   1 
HETATM 1603 O O   . HOH D 4 .   ? 4.498   -11.924 -12.973 1.00 42.57  ? 465 HOH A O   1 
HETATM 1604 O O   . HOH D 4 .   ? 22.508  -7.523  8.465   1.00 31.25  ? 466 HOH A O   1 
HETATM 1605 O O   . HOH D 4 .   ? -8.285  1.000   -8.786  1.00 40.16  ? 467 HOH A O   1 
HETATM 1606 O O   . HOH D 4 .   ? -9.676  3.200   -7.803  1.00 37.70  ? 468 HOH A O   1 
HETATM 1607 O O   . HOH D 4 .   ? -7.560  -6.579  -4.339  1.00 58.79  ? 469 HOH A O   1 
HETATM 1608 O O   . HOH D 4 .   ? -6.426  13.077  -4.520  1.00 48.46  ? 470 HOH A O   1 
HETATM 1609 O O   . HOH D 4 .   ? 29.406  -11.215 -1.515  1.00 39.73  ? 471 HOH A O   1 
HETATM 1610 O O   . HOH D 4 .   ? -3.945  -10.089 -12.752 1.00 55.18  ? 472 HOH A O   1 
HETATM 1611 O O   . HOH D 4 .   ? -7.988  -6.467  6.447   1.00 49.91  ? 473 HOH A O   1 
HETATM 1612 O O   . HOH D 4 .   ? -1.801  -2.466  -17.529 1.00 46.24  ? 474 HOH A O   1 
HETATM 1613 O O   . HOH D 4 .   ? 13.540  -11.563 -11.777 1.00 38.72  ? 475 HOH A O   1 
HETATM 1614 O O   . HOH D 4 .   ? 16.084  -20.769 -6.358  1.00 51.94  ? 476 HOH A O   1 
HETATM 1615 O O   . HOH D 4 .   ? 7.091   10.275  -2.932  0.50 95.96  ? 477 HOH A O   1 
HETATM 1616 O O   . HOH D 4 .   ? 24.982  -7.042  8.178   1.00 45.19  ? 478 HOH A O   1 
HETATM 1617 O O   . HOH D 4 .   ? -6.568  14.495  4.082   1.00 43.80  ? 479 HOH A O   1 
HETATM 1618 O O   . HOH D 4 .   ? 12.279  -10.351 -15.599 1.00 34.11  ? 480 HOH A O   1 
HETATM 1619 O O   . HOH D 4 .   ? 12.055  -13.324 -15.986 1.00 60.68  ? 481 HOH A O   1 
HETATM 1620 O O   . HOH D 4 .   ? 1.580   -7.666  -13.843 1.00 36.85  ? 482 HOH A O   1 
HETATM 1621 O O   . HOH D 4 .   ? -2.262  1.960   12.727  1.00 59.24  ? 483 HOH A O   1 
HETATM 1622 O O   . HOH D 4 .   ? -32.573 15.310  5.123   1.00 55.45  ? 484 HOH A O   1 
# 
